data_3IOZ
# 
_entry.id   3IOZ 
# 
_audit_conform.dict_name       mmcif_pdbx.dic 
_audit_conform.dict_version    5.387 
_audit_conform.dict_location   http://mmcif.pdb.org/dictionaries/ascii/mmcif_pdbx.dic 
# 
loop_
_database_2.database_id 
_database_2.database_code 
_database_2.pdbx_database_accession 
_database_2.pdbx_DOI 
PDB   3IOZ         pdb_00003ioz 10.2210/pdb3ioz/pdb 
RCSB  RCSB054683   ?            ?                   
WWPDB D_1000054683 ?            ?                   
# 
loop_
_pdbx_audit_revision_history.ordinal 
_pdbx_audit_revision_history.data_content_type 
_pdbx_audit_revision_history.major_revision 
_pdbx_audit_revision_history.minor_revision 
_pdbx_audit_revision_history.revision_date 
1 'Structure model' 1 0 2010-02-02 
2 'Structure model' 1 1 2011-07-13 
3 'Structure model' 1 2 2012-03-28 
4 'Structure model' 1 3 2017-11-01 
5 'Structure model' 1 4 2024-02-21 
# 
_pdbx_audit_revision_details.ordinal             1 
_pdbx_audit_revision_details.revision_ordinal    1 
_pdbx_audit_revision_details.data_content_type   'Structure model' 
_pdbx_audit_revision_details.provider            repository 
_pdbx_audit_revision_details.type                'Initial release' 
_pdbx_audit_revision_details.description         ? 
_pdbx_audit_revision_details.details             ? 
# 
loop_
_pdbx_audit_revision_group.ordinal 
_pdbx_audit_revision_group.revision_ordinal 
_pdbx_audit_revision_group.data_content_type 
_pdbx_audit_revision_group.group 
1 2 'Structure model' 'Version format compliance' 
2 3 'Structure model' 'Database references'       
3 4 'Structure model' 'Refinement description'    
4 5 'Structure model' 'Data collection'           
5 5 'Structure model' 'Database references'       
# 
loop_
_pdbx_audit_revision_category.ordinal 
_pdbx_audit_revision_category.revision_ordinal 
_pdbx_audit_revision_category.data_content_type 
_pdbx_audit_revision_category.category 
1 4 'Structure model' software           
2 5 'Structure model' chem_comp_atom     
3 5 'Structure model' chem_comp_bond     
4 5 'Structure model' database_2         
5 5 'Structure model' struct_ref_seq_dif 
# 
loop_
_pdbx_audit_revision_item.ordinal 
_pdbx_audit_revision_item.revision_ordinal 
_pdbx_audit_revision_item.data_content_type 
_pdbx_audit_revision_item.item 
1 5 'Structure model' '_database_2.pdbx_DOI'                
2 5 'Structure model' '_database_2.pdbx_database_accession' 
3 5 'Structure model' '_struct_ref_seq_dif.details'         
# 
_pdbx_database_status.entry_id                        3IOZ 
_pdbx_database_status.deposit_site                    RCSB 
_pdbx_database_status.process_site                    RCSB 
_pdbx_database_status.recvd_initial_deposition_date   2009-08-15 
_pdbx_database_status.status_code                     REL 
_pdbx_database_status.status_code_sf                  REL 
_pdbx_database_status.status_code_mr                  ? 
_pdbx_database_status.SG_entry                        ? 
_pdbx_database_status.status_code_cs                  ? 
_pdbx_database_status.pdb_format_compatible           Y 
_pdbx_database_status.methods_development_category    ? 
_pdbx_database_status.status_code_nmr_data            ? 
# 
_pdbx_database_related.db_name        PDB 
_pdbx_database_related.db_id          3IK5 
_pdbx_database_related.details        . 
_pdbx_database_related.content_type   unspecified 
# 
loop_
_audit_author.name 
_audit_author.pdbx_ordinal 
'Kim, W.M.'     1 
'Sigalov, A.B.' 2 
'Stern, L.J.'   3 
# 
_citation.id                        primary 
_citation.title                     
;Pseudo-merohedral twinning and noncrystallographic symmetry in orthorhombic crystals of SIVmac239 Nef core domain bound to different-length TCRzeta fragments.
;
_citation.journal_abbrev            'Acta Crystallogr.,Sect.D' 
_citation.journal_volume            66 
_citation.page_first                163 
_citation.page_last                 175 
_citation.year                      2010 
_citation.journal_id_ASTM           ABCRE6 
_citation.country                   DK 
_citation.journal_id_ISSN           0907-4449 
_citation.journal_id_CSD            0766 
_citation.book_publisher            ? 
_citation.pdbx_database_id_PubMed   20124696 
_citation.pdbx_database_id_DOI      10.1107/S090744490904880X 
# 
loop_
_citation_author.citation_id 
_citation_author.name 
_citation_author.ordinal 
_citation_author.identifier_ORCID 
primary 'Kim, W.M.'     1 ? 
primary 'Sigalov, A.B.' 2 ? 
primary 'Stern, L.J.'   3 ? 
# 
loop_
_entity.id 
_entity.type 
_entity.src_method 
_entity.pdbx_description 
_entity.formula_weight 
_entity.pdbx_number_of_molecules 
_entity.pdbx_ec 
_entity.pdbx_mutation 
_entity.pdbx_fragment 
_entity.details 
1 polymer man 'Protein Nef'                                16698.676 1 ? ? ? ? 
2 polymer man 'T-cell surface glycoprotein CD3 zeta chain' 5279.782  1 ? ? ? ? 
# 
_entity_name_com.entity_id   2 
_entity_name_com.name        'T-cell receptor T3 zeta chain' 
# 
loop_
_entity_poly.entity_id 
_entity_poly.type 
_entity_poly.nstd_linkage 
_entity_poly.nstd_monomer 
_entity_poly.pdbx_seq_one_letter_code 
_entity_poly.pdbx_seq_one_letter_code_can 
_entity_poly.pdbx_strand_id 
_entity_poly.pdbx_target_identifier 
1 'polypeptide(L)' no no 
;GSDDLVGVSVRPKVPLRTMSYKLAIDMSHFIKEKGGLEGIYYSARRHRILDIYLEKEEGIIPDWQDYTSGPGIRYPKTFG
WLWKLVPVNVSDEAQEDEEHYLMHPAQTSQWDDPWGEVLAWKFDPTLAYTYEAYVRYPEEFGS
;
;GSDDLVGVSVRPKVPLRTMSYKLAIDMSHFIKEKGGLEGIYYSARRHRILDIYLEKEEGIIPDWQDYTSGPGIRYPKTFG
WLWKLVPVNVSDEAQEDEEHYLMHPAQTSQWDDPWGEVLAWKFDPTLAYTYEAYVRYPEEFGS
;
A ? 
2 'polypeptide(L)' no no GSLRVKFSRSADAPAYQQGQNQLYNELNLGRREEYDVLDKRRGRD GSLRVKFSRSADAPAYQQGQNQLYNELNLGRREEYDVLDKRRGRD B ? 
# 
loop_
_entity_poly_seq.entity_id 
_entity_poly_seq.num 
_entity_poly_seq.mon_id 
_entity_poly_seq.hetero 
1 1   GLY n 
1 2   SER n 
1 3   ASP n 
1 4   ASP n 
1 5   LEU n 
1 6   VAL n 
1 7   GLY n 
1 8   VAL n 
1 9   SER n 
1 10  VAL n 
1 11  ARG n 
1 12  PRO n 
1 13  LYS n 
1 14  VAL n 
1 15  PRO n 
1 16  LEU n 
1 17  ARG n 
1 18  THR n 
1 19  MET n 
1 20  SER n 
1 21  TYR n 
1 22  LYS n 
1 23  LEU n 
1 24  ALA n 
1 25  ILE n 
1 26  ASP n 
1 27  MET n 
1 28  SER n 
1 29  HIS n 
1 30  PHE n 
1 31  ILE n 
1 32  LYS n 
1 33  GLU n 
1 34  LYS n 
1 35  GLY n 
1 36  GLY n 
1 37  LEU n 
1 38  GLU n 
1 39  GLY n 
1 40  ILE n 
1 41  TYR n 
1 42  TYR n 
1 43  SER n 
1 44  ALA n 
1 45  ARG n 
1 46  ARG n 
1 47  HIS n 
1 48  ARG n 
1 49  ILE n 
1 50  LEU n 
1 51  ASP n 
1 52  ILE n 
1 53  TYR n 
1 54  LEU n 
1 55  GLU n 
1 56  LYS n 
1 57  GLU n 
1 58  GLU n 
1 59  GLY n 
1 60  ILE n 
1 61  ILE n 
1 62  PRO n 
1 63  ASP n 
1 64  TRP n 
1 65  GLN n 
1 66  ASP n 
1 67  TYR n 
1 68  THR n 
1 69  SER n 
1 70  GLY n 
1 71  PRO n 
1 72  GLY n 
1 73  ILE n 
1 74  ARG n 
1 75  TYR n 
1 76  PRO n 
1 77  LYS n 
1 78  THR n 
1 79  PHE n 
1 80  GLY n 
1 81  TRP n 
1 82  LEU n 
1 83  TRP n 
1 84  LYS n 
1 85  LEU n 
1 86  VAL n 
1 87  PRO n 
1 88  VAL n 
1 89  ASN n 
1 90  VAL n 
1 91  SER n 
1 92  ASP n 
1 93  GLU n 
1 94  ALA n 
1 95  GLN n 
1 96  GLU n 
1 97  ASP n 
1 98  GLU n 
1 99  GLU n 
1 100 HIS n 
1 101 TYR n 
1 102 LEU n 
1 103 MET n 
1 104 HIS n 
1 105 PRO n 
1 106 ALA n 
1 107 GLN n 
1 108 THR n 
1 109 SER n 
1 110 GLN n 
1 111 TRP n 
1 112 ASP n 
1 113 ASP n 
1 114 PRO n 
1 115 TRP n 
1 116 GLY n 
1 117 GLU n 
1 118 VAL n 
1 119 LEU n 
1 120 ALA n 
1 121 TRP n 
1 122 LYS n 
1 123 PHE n 
1 124 ASP n 
1 125 PRO n 
1 126 THR n 
1 127 LEU n 
1 128 ALA n 
1 129 TYR n 
1 130 THR n 
1 131 TYR n 
1 132 GLU n 
1 133 ALA n 
1 134 TYR n 
1 135 VAL n 
1 136 ARG n 
1 137 TYR n 
1 138 PRO n 
1 139 GLU n 
1 140 GLU n 
1 141 PHE n 
1 142 GLY n 
1 143 SER n 
2 1   GLY n 
2 2   SER n 
2 3   LEU n 
2 4   ARG n 
2 5   VAL n 
2 6   LYS n 
2 7   PHE n 
2 8   SER n 
2 9   ARG n 
2 10  SER n 
2 11  ALA n 
2 12  ASP n 
2 13  ALA n 
2 14  PRO n 
2 15  ALA n 
2 16  TYR n 
2 17  GLN n 
2 18  GLN n 
2 19  GLY n 
2 20  GLN n 
2 21  ASN n 
2 22  GLN n 
2 23  LEU n 
2 24  TYR n 
2 25  ASN n 
2 26  GLU n 
2 27  LEU n 
2 28  ASN n 
2 29  LEU n 
2 30  GLY n 
2 31  ARG n 
2 32  ARG n 
2 33  GLU n 
2 34  GLU n 
2 35  TYR n 
2 36  ASP n 
2 37  VAL n 
2 38  LEU n 
2 39  ASP n 
2 40  LYS n 
2 41  ARG n 
2 42  ARG n 
2 43  GLY n 
2 44  ARG n 
2 45  ASP n 
# 
loop_
_entity_src_gen.entity_id 
_entity_src_gen.pdbx_src_id 
_entity_src_gen.pdbx_alt_source_flag 
_entity_src_gen.pdbx_seq_type 
_entity_src_gen.pdbx_beg_seq_num 
_entity_src_gen.pdbx_end_seq_num 
_entity_src_gen.gene_src_common_name 
_entity_src_gen.gene_src_genus 
_entity_src_gen.pdbx_gene_src_gene 
_entity_src_gen.gene_src_species 
_entity_src_gen.gene_src_strain 
_entity_src_gen.gene_src_tissue 
_entity_src_gen.gene_src_tissue_fraction 
_entity_src_gen.gene_src_details 
_entity_src_gen.pdbx_gene_src_fragment 
_entity_src_gen.pdbx_gene_src_scientific_name 
_entity_src_gen.pdbx_gene_src_ncbi_taxonomy_id 
_entity_src_gen.pdbx_gene_src_variant 
_entity_src_gen.pdbx_gene_src_cell_line 
_entity_src_gen.pdbx_gene_src_atcc 
_entity_src_gen.pdbx_gene_src_organ 
_entity_src_gen.pdbx_gene_src_organelle 
_entity_src_gen.pdbx_gene_src_cell 
_entity_src_gen.pdbx_gene_src_cellular_location 
_entity_src_gen.host_org_common_name 
_entity_src_gen.pdbx_host_org_scientific_name 
_entity_src_gen.pdbx_host_org_ncbi_taxonomy_id 
_entity_src_gen.host_org_genus 
_entity_src_gen.pdbx_host_org_gene 
_entity_src_gen.pdbx_host_org_organ 
_entity_src_gen.host_org_species 
_entity_src_gen.pdbx_host_org_tissue 
_entity_src_gen.pdbx_host_org_tissue_fraction 
_entity_src_gen.pdbx_host_org_strain 
_entity_src_gen.pdbx_host_org_variant 
_entity_src_gen.pdbx_host_org_cell_line 
_entity_src_gen.pdbx_host_org_atcc 
_entity_src_gen.pdbx_host_org_culture_collection 
_entity_src_gen.pdbx_host_org_cell 
_entity_src_gen.pdbx_host_org_organelle 
_entity_src_gen.pdbx_host_org_cellular_location 
_entity_src_gen.pdbx_host_org_vector_type 
_entity_src_gen.pdbx_host_org_vector 
_entity_src_gen.host_org_details 
_entity_src_gen.expression_system_id 
_entity_src_gen.plasmid_name 
_entity_src_gen.plasmid_details 
_entity_src_gen.pdbx_description 
1 1 sample ? ? ? ?     ? ? ? ? ? ? ? ? 'Simian immunodeficiency virus' 388909 ? ? ? ? ? ? ? ? 'Escherichia coli' 469008 ? ? ? ? ? 
? 'BL21 (DE3)' ? ? ? ? ? ? ? ? ? ? ? ? ? ? 
2 1 sample ? ? ? human ? ? ? ? ? ? ? ? 'Homo sapiens'                  9606   ? ? ? ? ? ? ? ? 'Escherichia coli' 469008 ? ? ? ? ? 
? 'BL21 (DE3)' ? ? ? ? ? ? ? ? ? ? ? ? ? ? 
# 
loop_
_chem_comp.id 
_chem_comp.type 
_chem_comp.mon_nstd_flag 
_chem_comp.name 
_chem_comp.pdbx_synonyms 
_chem_comp.formula 
_chem_comp.formula_weight 
ALA 'L-peptide linking' y ALANINE         ? 'C3 H7 N O2'     89.093  
ARG 'L-peptide linking' y ARGININE        ? 'C6 H15 N4 O2 1' 175.209 
ASN 'L-peptide linking' y ASPARAGINE      ? 'C4 H8 N2 O3'    132.118 
ASP 'L-peptide linking' y 'ASPARTIC ACID' ? 'C4 H7 N O4'     133.103 
GLN 'L-peptide linking' y GLUTAMINE       ? 'C5 H10 N2 O3'   146.144 
GLU 'L-peptide linking' y 'GLUTAMIC ACID' ? 'C5 H9 N O4'     147.129 
GLY 'peptide linking'   y GLYCINE         ? 'C2 H5 N O2'     75.067  
HIS 'L-peptide linking' y HISTIDINE       ? 'C6 H10 N3 O2 1' 156.162 
ILE 'L-peptide linking' y ISOLEUCINE      ? 'C6 H13 N O2'    131.173 
LEU 'L-peptide linking' y LEUCINE         ? 'C6 H13 N O2'    131.173 
LYS 'L-peptide linking' y LYSINE          ? 'C6 H15 N2 O2 1' 147.195 
MET 'L-peptide linking' y METHIONINE      ? 'C5 H11 N O2 S'  149.211 
PHE 'L-peptide linking' y PHENYLALANINE   ? 'C9 H11 N O2'    165.189 
PRO 'L-peptide linking' y PROLINE         ? 'C5 H9 N O2'     115.130 
SER 'L-peptide linking' y SERINE          ? 'C3 H7 N O3'     105.093 
THR 'L-peptide linking' y THREONINE       ? 'C4 H9 N O3'     119.119 
TRP 'L-peptide linking' y TRYPTOPHAN      ? 'C11 H12 N2 O2'  204.225 
TYR 'L-peptide linking' y TYROSINE        ? 'C9 H11 N O3'    181.189 
VAL 'L-peptide linking' y VALINE          ? 'C5 H11 N O2'    117.146 
# 
loop_
_pdbx_poly_seq_scheme.asym_id 
_pdbx_poly_seq_scheme.entity_id 
_pdbx_poly_seq_scheme.seq_id 
_pdbx_poly_seq_scheme.mon_id 
_pdbx_poly_seq_scheme.ndb_seq_num 
_pdbx_poly_seq_scheme.pdb_seq_num 
_pdbx_poly_seq_scheme.auth_seq_num 
_pdbx_poly_seq_scheme.pdb_mon_id 
_pdbx_poly_seq_scheme.auth_mon_id 
_pdbx_poly_seq_scheme.pdb_strand_id 
_pdbx_poly_seq_scheme.pdb_ins_code 
_pdbx_poly_seq_scheme.hetero 
A 1 1   GLY 1   93  ?   ?   ?   A . n 
A 1 2   SER 2   94  ?   ?   ?   A . n 
A 1 3   ASP 3   95  ?   ?   ?   A . n 
A 1 4   ASP 4   96  ?   ?   ?   A . n 
A 1 5   LEU 5   97  ?   ?   ?   A . n 
A 1 6   VAL 6   98  ?   ?   ?   A . n 
A 1 7   GLY 7   99  ?   ?   ?   A . n 
A 1 8   VAL 8   100 ?   ?   ?   A . n 
A 1 9   SER 9   101 ?   ?   ?   A . n 
A 1 10  VAL 10  102 ?   ?   ?   A . n 
A 1 11  ARG 11  103 ?   ?   ?   A . n 
A 1 12  PRO 12  104 ?   ?   ?   A . n 
A 1 13  LYS 13  105 ?   ?   ?   A . n 
A 1 14  VAL 14  106 ?   ?   ?   A . n 
A 1 15  PRO 15  107 107 PRO PRO A . n 
A 1 16  LEU 16  108 108 LEU LEU A . n 
A 1 17  ARG 17  109 109 ARG ARG A . n 
A 1 18  THR 18  110 110 THR THR A . n 
A 1 19  MET 19  111 111 MET MET A . n 
A 1 20  SER 20  112 112 SER SER A . n 
A 1 21  TYR 21  113 113 TYR TYR A . n 
A 1 22  LYS 22  114 114 LYS LYS A . n 
A 1 23  LEU 23  115 115 LEU LEU A . n 
A 1 24  ALA 24  116 116 ALA ALA A . n 
A 1 25  ILE 25  117 117 ILE ILE A . n 
A 1 26  ASP 26  118 118 ASP ASP A . n 
A 1 27  MET 27  119 119 MET MET A . n 
A 1 28  SER 28  120 120 SER SER A . n 
A 1 29  HIS 29  121 121 HIS HIS A . n 
A 1 30  PHE 30  122 122 PHE PHE A . n 
A 1 31  ILE 31  123 123 ILE ILE A . n 
A 1 32  LYS 32  124 124 LYS LYS A . n 
A 1 33  GLU 33  125 125 GLU GLU A . n 
A 1 34  LYS 34  126 126 LYS LYS A . n 
A 1 35  GLY 35  127 127 GLY GLY A . n 
A 1 36  GLY 36  128 128 GLY GLY A . n 
A 1 37  LEU 37  129 129 LEU LEU A . n 
A 1 38  GLU 38  130 130 GLU GLU A . n 
A 1 39  GLY 39  131 131 GLY GLY A . n 
A 1 40  ILE 40  132 132 ILE ILE A . n 
A 1 41  TYR 41  133 133 TYR TYR A . n 
A 1 42  TYR 42  134 134 TYR TYR A . n 
A 1 43  SER 43  135 135 SER SER A . n 
A 1 44  ALA 44  136 136 ALA ALA A . n 
A 1 45  ARG 45  137 137 ARG ARG A . n 
A 1 46  ARG 46  138 138 ARG ARG A . n 
A 1 47  HIS 47  139 139 HIS HIS A . n 
A 1 48  ARG 48  140 140 ARG ARG A . n 
A 1 49  ILE 49  141 141 ILE ILE A . n 
A 1 50  LEU 50  142 142 LEU LEU A . n 
A 1 51  ASP 51  143 143 ASP ASP A . n 
A 1 52  ILE 52  144 144 ILE ILE A . n 
A 1 53  TYR 53  145 145 TYR TYR A . n 
A 1 54  LEU 54  146 146 LEU LEU A . n 
A 1 55  GLU 55  147 147 GLU GLU A . n 
A 1 56  LYS 56  148 148 LYS LYS A . n 
A 1 57  GLU 57  149 149 GLU GLU A . n 
A 1 58  GLU 58  150 150 GLU GLU A . n 
A 1 59  GLY 59  151 151 GLY GLY A . n 
A 1 60  ILE 60  152 152 ILE ILE A . n 
A 1 61  ILE 61  153 153 ILE ILE A . n 
A 1 62  PRO 62  154 154 PRO PRO A . n 
A 1 63  ASP 63  155 155 ASP ASP A . n 
A 1 64  TRP 64  156 156 TRP TRP A . n 
A 1 65  GLN 65  157 157 GLN GLN A . n 
A 1 66  ASP 66  158 158 ASP ASP A . n 
A 1 67  TYR 67  159 159 TYR TYR A . n 
A 1 68  THR 68  160 160 THR THR A . n 
A 1 69  SER 69  161 161 SER SER A . n 
A 1 70  GLY 70  162 162 GLY GLY A . n 
A 1 71  PRO 71  163 163 PRO PRO A . n 
A 1 72  GLY 72  164 164 GLY GLY A . n 
A 1 73  ILE 73  165 165 ILE ILE A . n 
A 1 74  ARG 74  166 166 ARG ARG A . n 
A 1 75  TYR 75  167 167 TYR TYR A . n 
A 1 76  PRO 76  168 168 PRO PRO A . n 
A 1 77  LYS 77  169 169 LYS LYS A . n 
A 1 78  THR 78  170 170 THR THR A . n 
A 1 79  PHE 79  171 171 PHE PHE A . n 
A 1 80  GLY 80  172 172 GLY GLY A . n 
A 1 81  TRP 81  173 173 TRP TRP A . n 
A 1 82  LEU 82  174 174 LEU LEU A . n 
A 1 83  TRP 83  175 175 TRP TRP A . n 
A 1 84  LYS 84  176 176 LYS LYS A . n 
A 1 85  LEU 85  177 177 LEU LEU A . n 
A 1 86  VAL 86  178 178 VAL VAL A . n 
A 1 87  PRO 87  179 179 PRO PRO A . n 
A 1 88  VAL 88  180 180 VAL VAL A . n 
A 1 89  ASN 89  181 ?   ?   ?   A . n 
A 1 90  VAL 90  182 ?   ?   ?   A . n 
A 1 91  SER 91  183 ?   ?   ?   A . n 
A 1 92  ASP 92  184 ?   ?   ?   A . n 
A 1 93  GLU 93  185 ?   ?   ?   A . n 
A 1 94  ALA 94  186 ?   ?   ?   A . n 
A 1 95  GLN 95  187 ?   ?   ?   A . n 
A 1 96  GLU 96  188 ?   ?   ?   A . n 
A 1 97  ASP 97  189 ?   ?   ?   A . n 
A 1 98  GLU 98  190 ?   ?   ?   A . n 
A 1 99  GLU 99  191 ?   ?   ?   A . n 
A 1 100 HIS 100 192 ?   ?   ?   A . n 
A 1 101 TYR 101 193 ?   ?   ?   A . n 
A 1 102 LEU 102 194 ?   ?   ?   A . n 
A 1 103 MET 103 195 ?   ?   ?   A . n 
A 1 104 HIS 104 196 ?   ?   ?   A . n 
A 1 105 PRO 105 197 ?   ?   ?   A . n 
A 1 106 ALA 106 198 ?   ?   ?   A . n 
A 1 107 GLN 107 199 ?   ?   ?   A . n 
A 1 108 THR 108 200 200 THR THR A . n 
A 1 109 SER 109 201 201 SER SER A . n 
A 1 110 GLN 110 202 202 GLN GLN A . n 
A 1 111 TRP 111 203 203 TRP TRP A . n 
A 1 112 ASP 112 204 204 ASP ASP A . n 
A 1 113 ASP 113 205 205 ASP ASP A . n 
A 1 114 PRO 114 206 206 PRO PRO A . n 
A 1 115 TRP 115 207 207 TRP TRP A . n 
A 1 116 GLY 116 208 208 GLY GLY A . n 
A 1 117 GLU 117 209 209 GLU GLU A . n 
A 1 118 VAL 118 210 210 VAL VAL A . n 
A 1 119 LEU 119 211 211 LEU LEU A . n 
A 1 120 ALA 120 212 212 ALA ALA A . n 
A 1 121 TRP 121 213 213 TRP TRP A . n 
A 1 122 LYS 122 214 214 LYS LYS A . n 
A 1 123 PHE 123 215 215 PHE PHE A . n 
A 1 124 ASP 124 216 216 ASP ASP A . n 
A 1 125 PRO 125 217 217 PRO PRO A . n 
A 1 126 THR 126 218 218 THR THR A . n 
A 1 127 LEU 127 219 219 LEU LEU A . n 
A 1 128 ALA 128 220 220 ALA ALA A . n 
A 1 129 TYR 129 221 221 TYR TYR A . n 
A 1 130 THR 130 222 222 THR THR A . n 
A 1 131 TYR 131 223 223 TYR TYR A . n 
A 1 132 GLU 132 224 224 GLU GLU A . n 
A 1 133 ALA 133 225 225 ALA ALA A . n 
A 1 134 TYR 134 226 226 TYR TYR A . n 
A 1 135 VAL 135 227 227 VAL VAL A . n 
A 1 136 ARG 136 228 228 ARG ARG A . n 
A 1 137 TYR 137 229 229 TYR TYR A . n 
A 1 138 PRO 138 230 230 PRO PRO A . n 
A 1 139 GLU 139 231 231 GLU GLU A . n 
A 1 140 GLU 140 232 232 GLU GLU A . n 
A 1 141 PHE 141 233 233 PHE PHE A . n 
A 1 142 GLY 142 234 234 GLY GLY A . n 
A 1 143 SER 143 235 ?   ?   ?   A . n 
B 2 1   GLY 1   49  ?   ?   ?   B . n 
B 2 2   SER 2   50  ?   ?   ?   B . n 
B 2 3   LEU 3   51  ?   ?   ?   B . n 
B 2 4   ARG 4   52  ?   ?   ?   B . n 
B 2 5   VAL 5   53  ?   ?   ?   B . n 
B 2 6   LYS 6   54  ?   ?   ?   B . n 
B 2 7   PHE 7   55  ?   ?   ?   B . n 
B 2 8   SER 8   56  ?   ?   ?   B . n 
B 2 9   ARG 9   57  ?   ?   ?   B . n 
B 2 10  SER 10  58  ?   ?   ?   B . n 
B 2 11  ALA 11  59  ?   ?   ?   B . n 
B 2 12  ASP 12  60  ?   ?   ?   B . n 
B 2 13  ALA 13  61  ?   ?   ?   B . n 
B 2 14  PRO 14  62  ?   ?   ?   B . n 
B 2 15  ALA 15  63  63  ALA ALA B . n 
B 2 16  TYR 16  64  64  TYR TYR B . n 
B 2 17  GLN 17  65  65  GLN GLN B . n 
B 2 18  GLN 18  66  66  GLN GLN B . n 
B 2 19  GLY 19  67  67  GLY GLY B . n 
B 2 20  GLN 20  68  68  GLN GLN B . n 
B 2 21  ASN 21  69  69  ASN ASN B . n 
B 2 22  GLN 22  70  70  GLN GLN B . n 
B 2 23  LEU 23  71  71  LEU LEU B . n 
B 2 24  TYR 24  72  72  TYR TYR B . n 
B 2 25  ASN 25  73  73  ASN ASN B . n 
B 2 26  GLU 26  74  74  GLU GLU B . n 
B 2 27  LEU 27  75  75  LEU LEU B . n 
B 2 28  ASN 28  76  76  ASN ASN B . n 
B 2 29  LEU 29  77  77  LEU LEU B . n 
B 2 30  GLY 30  78  78  GLY GLY B . n 
B 2 31  ARG 31  79  ?   ?   ?   B . n 
B 2 32  ARG 32  80  ?   ?   ?   B . n 
B 2 33  GLU 33  81  ?   ?   ?   B . n 
B 2 34  GLU 34  82  ?   ?   ?   B . n 
B 2 35  TYR 35  83  ?   ?   ?   B . n 
B 2 36  ASP 36  84  ?   ?   ?   B . n 
B 2 37  VAL 37  85  ?   ?   ?   B . n 
B 2 38  LEU 38  86  ?   ?   ?   B . n 
B 2 39  ASP 39  87  ?   ?   ?   B . n 
B 2 40  LYS 40  88  ?   ?   ?   B . n 
B 2 41  ARG 41  89  ?   ?   ?   B . n 
B 2 42  ARG 42  90  ?   ?   ?   B . n 
B 2 43  GLY 43  91  ?   ?   ?   B . n 
B 2 44  ARG 44  92  ?   ?   ?   B . n 
B 2 45  ASP 45  93  ?   ?   ?   B . n 
# 
loop_
_software.pdbx_ordinal 
_software.name 
_software.version 
_software.date 
_software.type 
_software.contact_author 
_software.contact_author_email 
_software.classification 
_software.location 
_software.language 
_software.citation_id 
1 DENZO       .     ?                          package 'Zbyszek Otwinowski' hkl@hkl-xray.com            'data reduction'  
http://www.hkl-xray.com/                    ?   ? 
2 SCALEPACK   .     ?                          package 'Zbyszek Otwinowski' hkl@hkl-xray.com            'data scaling'    
http://www.hkl-xray.com/                    ?   ? 
3 PHASER      2.1.4 'Thu Nov 13 11:40:59 2008' program 'Randy J. Read'      cimr-phaser@lists.cam.ac.uk phasing           
http://www-structmed.cimr.cam.ac.uk/phaser/ ?   ? 
4 PHENIX      .     ?                          package 'Paul D. Adams'      PDAdams@lbl.gov             refinement        
http://www.phenix-online.org/               C++ ? 
5 PDB_EXTRACT 3.005 'June 11, 2008'            package PDB                  help@deposit.rcsb.org       'data extraction' 
http://sw-tools.pdb.org/apps/PDB_EXTRACT/   C++ ? 
6 CBASS       .     ?                          ?       ?                    ?                           'data collection' ? ?   ? 
7 HKL-2000    .     ?                          ?       ?                    ?                           'data reduction'  ? ?   ? 
8 HKL-2000    .     ?                          ?       ?                    ?                           'data scaling'    ? ?   ? 
# 
_cell.length_a           51.638 
_cell.length_b           51.638 
_cell.length_c           189.449 
_cell.angle_alpha        90.000 
_cell.angle_beta         90.000 
_cell.angle_gamma        90.000 
_cell.entry_id           3IOZ 
_cell.pdbx_unique_axis   ? 
_cell.Z_PDB              8 
_cell.length_a_esd       ? 
_cell.length_b_esd       ? 
_cell.length_c_esd       ? 
_cell.angle_alpha_esd    ? 
_cell.angle_beta_esd     ? 
_cell.angle_gamma_esd    ? 
# 
_symmetry.space_group_name_H-M             'P 43 21 2' 
_symmetry.entry_id                         3IOZ 
_symmetry.Int_Tables_number                96 
_symmetry.pdbx_full_space_group_name_H-M   ? 
_symmetry.cell_setting                     ? 
_symmetry.space_group_name_Hall            ? 
# 
_exptl.crystals_number   1 
_exptl.entry_id          3IOZ 
_exptl.method            'X-RAY DIFFRACTION' 
# 
_exptl_crystal.id                    1 
_exptl_crystal.density_Matthews      2.87 
_exptl_crystal.density_meas          ? 
_exptl_crystal.density_percent_sol   57.19 
_exptl_crystal.description           ? 
_exptl_crystal.F_000                 ? 
_exptl_crystal.preparation           ? 
# 
_exptl_crystal_grow.crystal_id      1 
_exptl_crystal_grow.method          'VAPOR DIFFUSION, HANGING DROP' 
_exptl_crystal_grow.pH              8.2 
_exptl_crystal_grow.temp            277 
_exptl_crystal_grow.temp_details    ? 
_exptl_crystal_grow.pdbx_details    '15% PEG 3350, 0.15M KF, 0.1M hepes, pH 8.2, VAPOR DIFFUSION, HANGING DROP, temperature 277K' 
_exptl_crystal_grow.pdbx_pH_range   ? 
# 
_diffrn.id                     1 
_diffrn.ambient_temp           ? 
_diffrn.ambient_temp_details   ? 
_diffrn.crystal_id             1 
# 
_diffrn_detector.diffrn_id              1 
_diffrn_detector.detector               CCD 
_diffrn_detector.type                   'ADSC QUANTUM 315r' 
_diffrn_detector.pdbx_collection_date   2008-10-18 
_diffrn_detector.details                ? 
# 
_diffrn_radiation.diffrn_id                        1 
_diffrn_radiation.wavelength_id                    1 
_diffrn_radiation.pdbx_diffrn_protocol             'SINGLE WAVELENGTH' 
_diffrn_radiation.monochromator                    ? 
_diffrn_radiation.pdbx_monochromatic_or_laue_m_l   M 
_diffrn_radiation.pdbx_scattering_type             x-ray 
# 
_diffrn_radiation_wavelength.id           1 
_diffrn_radiation_wavelength.wavelength   1.290 
_diffrn_radiation_wavelength.wt           1.0 
# 
_diffrn_source.diffrn_id                   1 
_diffrn_source.source                      SYNCHROTRON 
_diffrn_source.type                        'NSLS BEAMLINE X29A' 
_diffrn_source.pdbx_wavelength             ? 
_diffrn_source.pdbx_wavelength_list        1.290 
_diffrn_source.pdbx_synchrotron_site       NSLS 
_diffrn_source.pdbx_synchrotron_beamline   X29A 
# 
_reflns.entry_id                     3IOZ 
_reflns.d_resolution_high            3.700 
_reflns.d_resolution_low             50.000 
_reflns.number_obs                   3122 
_reflns.pdbx_Rmerge_I_obs            0.051 
_reflns.pdbx_netI_over_sigmaI        12.800 
_reflns.pdbx_chi_squared             1.037 
_reflns.pdbx_redundancy              12.600 
_reflns.percent_possible_obs         99.400 
_reflns.observed_criterion_sigma_F   ? 
_reflns.observed_criterion_sigma_I   ? 
_reflns.number_all                   ? 
_reflns.pdbx_Rsym_value              ? 
_reflns.B_iso_Wilson_estimate        ? 
_reflns.R_free_details               ? 
_reflns.limit_h_max                  ? 
_reflns.limit_h_min                  ? 
_reflns.limit_k_max                  ? 
_reflns.limit_k_min                  ? 
_reflns.limit_l_max                  ? 
_reflns.limit_l_min                  ? 
_reflns.observed_criterion_F_max     ? 
_reflns.observed_criterion_F_min     ? 
_reflns.pdbx_scaling_rejects         ? 
_reflns.pdbx_ordinal                 1 
_reflns.pdbx_diffrn_id               1 
# 
loop_
_reflns_shell.d_res_high 
_reflns_shell.d_res_low 
_reflns_shell.number_measured_obs 
_reflns_shell.number_measured_all 
_reflns_shell.number_unique_obs 
_reflns_shell.Rmerge_I_obs 
_reflns_shell.meanI_over_sigI_obs 
_reflns_shell.pdbx_Rsym_value 
_reflns_shell.pdbx_chi_squared 
_reflns_shell.pdbx_redundancy 
_reflns_shell.percent_possible_obs 
_reflns_shell.number_unique_all 
_reflns_shell.percent_possible_all 
_reflns_shell.pdbx_ordinal 
_reflns_shell.pdbx_diffrn_id 
3.70 3.83  ? ? ? 0.393 ? ? 1.037 12.70 ? 282 100.00 1  1 
3.83 3.99  ? ? ? 0.279 ? ? 1.007 13.10 ? 311 100.00 2  1 
3.99 4.17  ? ? ? 0.169 ? ? 1.057 13.40 ? 293 100.00 3  1 
4.17 4.39  ? ? ? 0.158 ? ? 1.020 13.30 ? 306 100.00 4  1 
4.39 4.66  ? ? ? 0.101 ? ? 1.057 13.10 ? 305 100.00 5  1 
4.66 5.02  ? ? ? 0.090 ? ? 1.061 13.20 ? 305 100.00 6  1 
5.02 5.53  ? ? ? 0.072 ? ? 1.051 12.70 ? 311 100.00 7  1 
5.53 6.32  ? ? ? 0.056 ? ? 0.986 12.50 ? 317 99.70  8  1 
6.32 7.96  ? ? ? 0.039 ? ? 0.998 12.00 ? 325 100.00 9  1 
7.96 50.00 ? ? ? 0.030 ? ? 1.098 10.80 ? 367 95.10  10 1 
# 
_refine.entry_id                                 3IOZ 
_refine.ls_d_res_high                            3.699 
_refine.ls_d_res_low                             35.854 
_refine.pdbx_ls_sigma_F                          0.22 
_refine.pdbx_data_cutoff_high_absF               ? 
_refine.pdbx_data_cutoff_low_absF                ? 
_refine.ls_percent_reflns_obs                    94.440 
_refine.ls_number_reflns_obs                     2923 
_refine.ls_number_reflns_all                     ? 
_refine.pdbx_ls_cross_valid_method               ? 
_refine.pdbx_R_Free_selection_details            ? 
_refine.details                                  ? 
_refine.ls_R_factor_all                          ? 
_refine.ls_R_factor_obs                          0.302 
_refine.ls_R_factor_R_work                       0.301 
_refine.ls_wR_factor_R_work                      ? 
_refine.ls_R_factor_R_free                       0.329 
_refine.ls_wR_factor_R_free                      ? 
_refine.ls_percent_reflns_R_free                 4.380 
_refine.ls_number_reflns_R_free                  128 
_refine.ls_R_factor_R_free_error                 ? 
_refine.B_iso_mean                               206.485 
_refine.solvent_model_param_bsol                 143.650 
_refine.solvent_model_param_ksol                 0.314 
_refine.pdbx_isotropic_thermal_model             ? 
_refine.aniso_B[1][1]                            28.379 
_refine.aniso_B[2][2]                            28.379 
_refine.aniso_B[3][3]                            -84.592 
_refine.aniso_B[1][2]                            0.000 
_refine.aniso_B[1][3]                            -0.000 
_refine.aniso_B[2][3]                            0.000 
_refine.correlation_coeff_Fo_to_Fc               ? 
_refine.correlation_coeff_Fo_to_Fc_free          ? 
_refine.overall_SU_R_Cruickshank_DPI             ? 
_refine.overall_SU_R_free                        ? 
_refine.pdbx_overall_ESU_R                       ? 
_refine.pdbx_overall_ESU_R_Free                  ? 
_refine.overall_SU_ML                            2.170 
_refine.overall_SU_B                             ? 
_refine.solvent_model_details                    'FLAT BULK SOLVENT MODEL' 
_refine.pdbx_solvent_vdw_probe_radii             1.110 
_refine.pdbx_solvent_ion_probe_radii             ? 
_refine.pdbx_solvent_shrinkage_radii             0.900 
_refine.ls_number_parameters                     ? 
_refine.ls_number_restraints                     ? 
_refine.pdbx_starting_model                      ? 
_refine.pdbx_method_to_determine_struct          'MOLECULAR REPLACEMENT' 
_refine.pdbx_stereochemistry_target_values       ML 
_refine.pdbx_stereochem_target_val_spec_case     ? 
_refine.overall_FOM_work_R_set                   0.577 
_refine.B_iso_max                                251.08 
_refine.B_iso_min                                162.98 
_refine.occupancy_max                            1.00 
_refine.occupancy_min                            1.00 
_refine.pdbx_ls_sigma_I                          ? 
_refine.ls_redundancy_reflns_obs                 ? 
_refine.ls_R_factor_R_free_error_details         ? 
_refine.pdbx_data_cutoff_high_rms_absF           ? 
_refine.overall_FOM_free_R_set                   ? 
_refine.pdbx_overall_phase_error                 ? 
_refine.pdbx_refine_id                           'X-RAY DIFFRACTION' 
_refine.pdbx_diffrn_id                           1 
_refine.pdbx_TLS_residual_ADP_flag               ? 
_refine.pdbx_overall_SU_R_free_Cruickshank_DPI   ? 
_refine.pdbx_overall_SU_R_Blow_DPI               ? 
_refine.pdbx_overall_SU_R_free_Blow_DPI          ? 
# 
_refine_hist.pdbx_refine_id                   'X-RAY DIFFRACTION' 
_refine_hist.cycle_id                         LAST 
_refine_hist.pdbx_number_atoms_protein        1051 
_refine_hist.pdbx_number_atoms_nucleic_acid   0 
_refine_hist.pdbx_number_atoms_ligand         0 
_refine_hist.number_atoms_solvent             0 
_refine_hist.number_atoms_total               1051 
_refine_hist.d_res_high                       3.699 
_refine_hist.d_res_low                        35.854 
# 
loop_
_refine_ls_restr.type 
_refine_ls_restr.number 
_refine_ls_restr.dev_ideal 
_refine_ls_restr.dev_ideal_target 
_refine_ls_restr.weight 
_refine_ls_restr.pdbx_refine_id 
_refine_ls_restr.pdbx_restraint_function 
f_bond_d           1088 0.003  ? ? 'X-RAY DIFFRACTION' ? 
f_angle_d          1478 0.565  ? ? 'X-RAY DIFFRACTION' ? 
f_chiral_restr     144  0.040  ? ? 'X-RAY DIFFRACTION' ? 
f_plane_restr      187  0.003  ? ? 'X-RAY DIFFRACTION' ? 
f_dihedral_angle_d 383  13.315 ? ? 'X-RAY DIFFRACTION' ? 
# 
_refine_ls_shell.d_res_high                       3.699 
_refine_ls_shell.d_res_low                        ? 
_refine_ls_shell.pdbx_total_number_of_bins_used   1 
_refine_ls_shell.percent_reflns_obs               94.000 
_refine_ls_shell.number_reflns_R_work             2795 
_refine_ls_shell.R_factor_all                     ? 
_refine_ls_shell.R_factor_R_work                  0.301 
_refine_ls_shell.R_factor_R_free                  0.329 
_refine_ls_shell.percent_reflns_R_free            ? 
_refine_ls_shell.number_reflns_R_free             128 
_refine_ls_shell.R_factor_R_free_error            ? 
_refine_ls_shell.number_reflns_all                2923 
_refine_ls_shell.number_reflns_obs                ? 
_refine_ls_shell.redundancy_reflns_obs            ? 
_refine_ls_shell.pdbx_refine_id                   'X-RAY DIFFRACTION' 
# 
_struct.entry_id                  3IOZ 
_struct.title                     'SIVmac239 Nef in complex with a TCR zeta polypeptide DP1 (L51-D93)' 
_struct.pdbx_model_details        ? 
_struct.pdbx_CASP_flag            ? 
_struct.pdbx_model_type_details   ? 
# 
_struct_keywords.entry_id        3IOZ 
_struct_keywords.pdbx_keywords   'VIRAL PROTEIN/SIGNALING PROTEIN' 
_struct_keywords.text            
;Protein-Protein complex, Cell membrane, Lipoprotein, Membrane, Myristate, Viral immunoevasion, Virulence, Disulfide bond, Host-virus interaction, Phosphoprotein, Receptor, Transmembrane, VIRAL PROTEIN-ANTIVIRAL PROTEIN COMPLEX, VIRAL PROTEIN-SIGNALING PROTEIN COMPLEX
;
# 
loop_
_struct_asym.id 
_struct_asym.pdbx_blank_PDB_chainid_flag 
_struct_asym.pdbx_modified 
_struct_asym.entity_id 
_struct_asym.details 
A N N 1 ? 
B N N 2 ? 
# 
loop_
_struct_ref.id 
_struct_ref.db_name 
_struct_ref.db_code 
_struct_ref.pdbx_db_accession 
_struct_ref.entity_id 
_struct_ref.pdbx_seq_one_letter_code 
_struct_ref.pdbx_align_begin 
_struct_ref.pdbx_db_isoform 
1 UNP Q5QGG3_SIVCZ Q5QGG3 1 
;DDLVGVSVRPKVPLRTMSYKLAIDMSHFIKEKGGLEGIYYSARRHRILDIYLEKEEGIIPDWQDYTSGPGIRYPKTFGWL
WKLVPVNVSDEAQEDEEHYLMHPAQTSQWDDPWGEVLAWKFDPTLAYTYEAYVRYPEEFGS
;
95 ? 
2 UNP CD3Z_HUMAN   P20963 2 LRVKFSRSADAPAYQQGQNQLYNELNLGRREEYDVLDKRRGRD 51 ? 
# 
loop_
_struct_ref_seq.align_id 
_struct_ref_seq.ref_id 
_struct_ref_seq.pdbx_PDB_id_code 
_struct_ref_seq.pdbx_strand_id 
_struct_ref_seq.seq_align_beg 
_struct_ref_seq.pdbx_seq_align_beg_ins_code 
_struct_ref_seq.seq_align_end 
_struct_ref_seq.pdbx_seq_align_end_ins_code 
_struct_ref_seq.pdbx_db_accession 
_struct_ref_seq.db_align_beg 
_struct_ref_seq.pdbx_db_align_beg_ins_code 
_struct_ref_seq.db_align_end 
_struct_ref_seq.pdbx_db_align_end_ins_code 
_struct_ref_seq.pdbx_auth_seq_align_beg 
_struct_ref_seq.pdbx_auth_seq_align_end 
1 1 3IOZ A 3 ? 143 ? Q5QGG3 95 ? 235 ? 95 235 
2 2 3IOZ B 3 ? 45  ? P20963 51 ? 93  ? 51 93  
# 
loop_
_struct_ref_seq_dif.align_id 
_struct_ref_seq_dif.pdbx_pdb_id_code 
_struct_ref_seq_dif.mon_id 
_struct_ref_seq_dif.pdbx_pdb_strand_id 
_struct_ref_seq_dif.seq_num 
_struct_ref_seq_dif.pdbx_pdb_ins_code 
_struct_ref_seq_dif.pdbx_seq_db_name 
_struct_ref_seq_dif.pdbx_seq_db_accession_code 
_struct_ref_seq_dif.db_mon_id 
_struct_ref_seq_dif.pdbx_seq_db_seq_num 
_struct_ref_seq_dif.details 
_struct_ref_seq_dif.pdbx_auth_seq_num 
_struct_ref_seq_dif.pdbx_ordinal 
1 3IOZ GLY A 1 ? UNP Q5QGG3 ? ? 'expression tag' 93 1 
1 3IOZ SER A 2 ? UNP Q5QGG3 ? ? 'expression tag' 94 2 
2 3IOZ GLY B 1 ? UNP P20963 ? ? 'expression tag' 49 3 
2 3IOZ SER B 2 ? UNP P20963 ? ? 'expression tag' 50 4 
# 
_pdbx_struct_assembly.id                   1 
_pdbx_struct_assembly.details              software_defined_assembly 
_pdbx_struct_assembly.method_details       PISA 
_pdbx_struct_assembly.oligomeric_details   dimeric 
_pdbx_struct_assembly.oligomeric_count     2 
# 
loop_
_pdbx_struct_assembly_prop.biol_id 
_pdbx_struct_assembly_prop.type 
_pdbx_struct_assembly_prop.value 
_pdbx_struct_assembly_prop.details 
1 'ABSA (A^2)' 1040 ? 
1 MORE         -6   ? 
1 'SSA (A^2)'  7380 ? 
# 
_pdbx_struct_assembly_gen.assembly_id       1 
_pdbx_struct_assembly_gen.oper_expression   1 
_pdbx_struct_assembly_gen.asym_id_list      A,B 
# 
_pdbx_struct_oper_list.id                   1 
_pdbx_struct_oper_list.type                 'identity operation' 
_pdbx_struct_oper_list.name                 1_555 
_pdbx_struct_oper_list.symmetry_operation   x,y,z 
_pdbx_struct_oper_list.matrix[1][1]         1.0000000000 
_pdbx_struct_oper_list.matrix[1][2]         0.0000000000 
_pdbx_struct_oper_list.matrix[1][3]         0.0000000000 
_pdbx_struct_oper_list.vector[1]            0.0000000000 
_pdbx_struct_oper_list.matrix[2][1]         0.0000000000 
_pdbx_struct_oper_list.matrix[2][2]         1.0000000000 
_pdbx_struct_oper_list.matrix[2][3]         0.0000000000 
_pdbx_struct_oper_list.vector[2]            0.0000000000 
_pdbx_struct_oper_list.matrix[3][1]         0.0000000000 
_pdbx_struct_oper_list.matrix[3][2]         0.0000000000 
_pdbx_struct_oper_list.matrix[3][3]         1.0000000000 
_pdbx_struct_oper_list.vector[3]            0.0000000000 
# 
_struct_biol.id        1 
_struct_biol.details   ? 
# 
loop_
_struct_conf.conf_type_id 
_struct_conf.id 
_struct_conf.pdbx_PDB_helix_id 
_struct_conf.beg_label_comp_id 
_struct_conf.beg_label_asym_id 
_struct_conf.beg_label_seq_id 
_struct_conf.pdbx_beg_PDB_ins_code 
_struct_conf.end_label_comp_id 
_struct_conf.end_label_asym_id 
_struct_conf.end_label_seq_id 
_struct_conf.pdbx_end_PDB_ins_code 
_struct_conf.beg_auth_comp_id 
_struct_conf.beg_auth_asym_id 
_struct_conf.beg_auth_seq_id 
_struct_conf.end_auth_comp_id 
_struct_conf.end_auth_asym_id 
_struct_conf.end_auth_seq_id 
_struct_conf.pdbx_PDB_helix_class 
_struct_conf.details 
_struct_conf.pdbx_PDB_helix_length 
HELX_P HELX_P1 1 SER A 20  ? GLU A 33  ? SER A 112 GLU A 125 1 ? 14 
HELX_P HELX_P2 2 SER A 43  ? GLY A 59  ? SER A 135 GLY A 151 1 ? 17 
HELX_P HELX_P3 3 PRO A 125 ? TYR A 129 ? PRO A 217 TYR A 221 5 ? 5  
HELX_P HELX_P4 4 TYR A 131 ? TYR A 137 ? TYR A 223 TYR A 229 1 ? 7  
HELX_P HELX_P5 5 GLN B 17  ? GLU B 26  ? GLN B 65  GLU B 74  1 ? 10 
# 
_struct_conf_type.id          HELX_P 
_struct_conf_type.criteria    ? 
_struct_conf_type.reference   ? 
# 
_struct_mon_prot_cis.pdbx_id                1 
_struct_mon_prot_cis.label_comp_id          GLY 
_struct_mon_prot_cis.label_seq_id           70 
_struct_mon_prot_cis.label_asym_id          A 
_struct_mon_prot_cis.label_alt_id           . 
_struct_mon_prot_cis.pdbx_PDB_ins_code      ? 
_struct_mon_prot_cis.auth_comp_id           GLY 
_struct_mon_prot_cis.auth_seq_id            162 
_struct_mon_prot_cis.auth_asym_id           A 
_struct_mon_prot_cis.pdbx_label_comp_id_2   PRO 
_struct_mon_prot_cis.pdbx_label_seq_id_2    71 
_struct_mon_prot_cis.pdbx_label_asym_id_2   A 
_struct_mon_prot_cis.pdbx_PDB_ins_code_2    ? 
_struct_mon_prot_cis.pdbx_auth_comp_id_2    PRO 
_struct_mon_prot_cis.pdbx_auth_seq_id_2     163 
_struct_mon_prot_cis.pdbx_auth_asym_id_2    A 
_struct_mon_prot_cis.pdbx_PDB_model_num     1 
_struct_mon_prot_cis.pdbx_omega_angle       -0.02 
# 
_struct_sheet.id               A 
_struct_sheet.type             ? 
_struct_sheet.number_strands   2 
_struct_sheet.details          ? 
# 
_struct_sheet_order.sheet_id     A 
_struct_sheet_order.range_id_1   1 
_struct_sheet_order.range_id_2   2 
_struct_sheet_order.offset       ? 
_struct_sheet_order.sense        anti-parallel 
# 
loop_
_struct_sheet_range.sheet_id 
_struct_sheet_range.id 
_struct_sheet_range.beg_label_comp_id 
_struct_sheet_range.beg_label_asym_id 
_struct_sheet_range.beg_label_seq_id 
_struct_sheet_range.pdbx_beg_PDB_ins_code 
_struct_sheet_range.end_label_comp_id 
_struct_sheet_range.end_label_asym_id 
_struct_sheet_range.end_label_seq_id 
_struct_sheet_range.pdbx_end_PDB_ins_code 
_struct_sheet_range.beg_auth_comp_id 
_struct_sheet_range.beg_auth_asym_id 
_struct_sheet_range.beg_auth_seq_id 
_struct_sheet_range.end_auth_comp_id 
_struct_sheet_range.end_auth_asym_id 
_struct_sheet_range.end_auth_seq_id 
A 1 TRP A 83  ? VAL A 86  ? TRP A 175 VAL A 178 
A 2 ALA A 120 ? PHE A 123 ? ALA A 212 PHE A 215 
# 
_pdbx_struct_sheet_hbond.sheet_id                A 
_pdbx_struct_sheet_hbond.range_id_1              1 
_pdbx_struct_sheet_hbond.range_id_2              2 
_pdbx_struct_sheet_hbond.range_1_label_atom_id   N 
_pdbx_struct_sheet_hbond.range_1_label_comp_id   LYS 
_pdbx_struct_sheet_hbond.range_1_label_asym_id   A 
_pdbx_struct_sheet_hbond.range_1_label_seq_id    84 
_pdbx_struct_sheet_hbond.range_1_PDB_ins_code    ? 
_pdbx_struct_sheet_hbond.range_1_auth_atom_id    N 
_pdbx_struct_sheet_hbond.range_1_auth_comp_id    LYS 
_pdbx_struct_sheet_hbond.range_1_auth_asym_id    A 
_pdbx_struct_sheet_hbond.range_1_auth_seq_id     176 
_pdbx_struct_sheet_hbond.range_2_label_atom_id   O 
_pdbx_struct_sheet_hbond.range_2_label_comp_id   LYS 
_pdbx_struct_sheet_hbond.range_2_label_asym_id   A 
_pdbx_struct_sheet_hbond.range_2_label_seq_id    122 
_pdbx_struct_sheet_hbond.range_2_PDB_ins_code    ? 
_pdbx_struct_sheet_hbond.range_2_auth_atom_id    O 
_pdbx_struct_sheet_hbond.range_2_auth_comp_id    LYS 
_pdbx_struct_sheet_hbond.range_2_auth_asym_id    A 
_pdbx_struct_sheet_hbond.range_2_auth_seq_id     214 
# 
loop_
_pdbx_validate_torsion.id 
_pdbx_validate_torsion.PDB_model_num 
_pdbx_validate_torsion.auth_comp_id 
_pdbx_validate_torsion.auth_asym_id 
_pdbx_validate_torsion.auth_seq_id 
_pdbx_validate_torsion.PDB_ins_code 
_pdbx_validate_torsion.label_alt_id 
_pdbx_validate_torsion.phi 
_pdbx_validate_torsion.psi 
1  1 ARG A 109 ? ? -179.31 136.69  
2  1 LEU A 115 ? ? -63.52  -72.63  
3  1 ILE A 117 ? ? -55.40  -72.75  
4  1 LEU A 129 ? ? 77.06   -44.48  
5  1 GLU A 130 ? ? -46.88  107.13  
6  1 ASP A 143 ? ? -39.74  -36.58  
7  1 PRO A 154 ? ? -72.56  29.54   
8  1 PRO A 163 ? ? -75.94  -143.59 
9  1 ASP A 204 ? ? -64.55  -169.67 
10 1 ASP A 216 ? ? -160.53 107.64  
11 1 THR A 222 ? ? -160.25 102.13  
12 1 ALA A 225 ? ? -54.43  -74.72  
13 1 GLU A 232 ? ? -98.42  44.19   
14 1 ASN B 76  ? ? 72.72   39.76   
# 
_pdbx_phasing_MR.entry_id                     3IOZ 
_pdbx_phasing_MR.method_rotation              ? 
_pdbx_phasing_MR.method_translation           ? 
_pdbx_phasing_MR.model_details                'Phaser MODE: MR_AUTO' 
_pdbx_phasing_MR.R_factor                     53.530 
_pdbx_phasing_MR.R_rigid_body                 ? 
_pdbx_phasing_MR.correlation_coeff_Fo_to_Fc   ? 
_pdbx_phasing_MR.correlation_coeff_Io_to_Ic   ? 
_pdbx_phasing_MR.d_res_high_rotation          5.000 
_pdbx_phasing_MR.d_res_low_rotation           28.920 
_pdbx_phasing_MR.d_res_high_translation       5.000 
_pdbx_phasing_MR.d_res_low_translation        28.920 
_pdbx_phasing_MR.packing                      ? 
_pdbx_phasing_MR.reflns_percent_rotation      ? 
_pdbx_phasing_MR.reflns_percent_translation   ? 
_pdbx_phasing_MR.sigma_F_rotation             ? 
_pdbx_phasing_MR.sigma_F_translation          ? 
_pdbx_phasing_MR.sigma_I_rotation             ? 
_pdbx_phasing_MR.sigma_I_translation          ? 
# 
_phasing.method   MR 
# 
loop_
_pdbx_unobs_or_zero_occ_residues.id 
_pdbx_unobs_or_zero_occ_residues.PDB_model_num 
_pdbx_unobs_or_zero_occ_residues.polymer_flag 
_pdbx_unobs_or_zero_occ_residues.occupancy_flag 
_pdbx_unobs_or_zero_occ_residues.auth_asym_id 
_pdbx_unobs_or_zero_occ_residues.auth_comp_id 
_pdbx_unobs_or_zero_occ_residues.auth_seq_id 
_pdbx_unobs_or_zero_occ_residues.PDB_ins_code 
_pdbx_unobs_or_zero_occ_residues.label_asym_id 
_pdbx_unobs_or_zero_occ_residues.label_comp_id 
_pdbx_unobs_or_zero_occ_residues.label_seq_id 
1  1 Y 1 A GLY 93  ? A GLY 1   
2  1 Y 1 A SER 94  ? A SER 2   
3  1 Y 1 A ASP 95  ? A ASP 3   
4  1 Y 1 A ASP 96  ? A ASP 4   
5  1 Y 1 A LEU 97  ? A LEU 5   
6  1 Y 1 A VAL 98  ? A VAL 6   
7  1 Y 1 A GLY 99  ? A GLY 7   
8  1 Y 1 A VAL 100 ? A VAL 8   
9  1 Y 1 A SER 101 ? A SER 9   
10 1 Y 1 A VAL 102 ? A VAL 10  
11 1 Y 1 A ARG 103 ? A ARG 11  
12 1 Y 1 A PRO 104 ? A PRO 12  
13 1 Y 1 A LYS 105 ? A LYS 13  
14 1 Y 1 A VAL 106 ? A VAL 14  
15 1 Y 1 A ASN 181 ? A ASN 89  
16 1 Y 1 A VAL 182 ? A VAL 90  
17 1 Y 1 A SER 183 ? A SER 91  
18 1 Y 1 A ASP 184 ? A ASP 92  
19 1 Y 1 A GLU 185 ? A GLU 93  
20 1 Y 1 A ALA 186 ? A ALA 94  
21 1 Y 1 A GLN 187 ? A GLN 95  
22 1 Y 1 A GLU 188 ? A GLU 96  
23 1 Y 1 A ASP 189 ? A ASP 97  
24 1 Y 1 A GLU 190 ? A GLU 98  
25 1 Y 1 A GLU 191 ? A GLU 99  
26 1 Y 1 A HIS 192 ? A HIS 100 
27 1 Y 1 A TYR 193 ? A TYR 101 
28 1 Y 1 A LEU 194 ? A LEU 102 
29 1 Y 1 A MET 195 ? A MET 103 
30 1 Y 1 A HIS 196 ? A HIS 104 
31 1 Y 1 A PRO 197 ? A PRO 105 
32 1 Y 1 A ALA 198 ? A ALA 106 
33 1 Y 1 A GLN 199 ? A GLN 107 
34 1 Y 1 A SER 235 ? A SER 143 
35 1 Y 1 B GLY 49  ? B GLY 1   
36 1 Y 1 B SER 50  ? B SER 2   
37 1 Y 1 B LEU 51  ? B LEU 3   
38 1 Y 1 B ARG 52  ? B ARG 4   
39 1 Y 1 B VAL 53  ? B VAL 5   
40 1 Y 1 B LYS 54  ? B LYS 6   
41 1 Y 1 B PHE 55  ? B PHE 7   
42 1 Y 1 B SER 56  ? B SER 8   
43 1 Y 1 B ARG 57  ? B ARG 9   
44 1 Y 1 B SER 58  ? B SER 10  
45 1 Y 1 B ALA 59  ? B ALA 11  
46 1 Y 1 B ASP 60  ? B ASP 12  
47 1 Y 1 B ALA 61  ? B ALA 13  
48 1 Y 1 B PRO 62  ? B PRO 14  
49 1 Y 1 B ARG 79  ? B ARG 31  
50 1 Y 1 B ARG 80  ? B ARG 32  
51 1 Y 1 B GLU 81  ? B GLU 33  
52 1 Y 1 B GLU 82  ? B GLU 34  
53 1 Y 1 B TYR 83  ? B TYR 35  
54 1 Y 1 B ASP 84  ? B ASP 36  
55 1 Y 1 B VAL 85  ? B VAL 37  
56 1 Y 1 B LEU 86  ? B LEU 38  
57 1 Y 1 B ASP 87  ? B ASP 39  
58 1 Y 1 B LYS 88  ? B LYS 40  
59 1 Y 1 B ARG 89  ? B ARG 41  
60 1 Y 1 B ARG 90  ? B ARG 42  
61 1 Y 1 B GLY 91  ? B GLY 43  
62 1 Y 1 B ARG 92  ? B ARG 44  
63 1 Y 1 B ASP 93  ? B ASP 45  
# 
loop_
_chem_comp_atom.comp_id 
_chem_comp_atom.atom_id 
_chem_comp_atom.type_symbol 
_chem_comp_atom.pdbx_aromatic_flag 
_chem_comp_atom.pdbx_stereo_config 
_chem_comp_atom.pdbx_ordinal 
ALA N    N N N 1   
ALA CA   C N S 2   
ALA C    C N N 3   
ALA O    O N N 4   
ALA CB   C N N 5   
ALA OXT  O N N 6   
ALA H    H N N 7   
ALA H2   H N N 8   
ALA HA   H N N 9   
ALA HB1  H N N 10  
ALA HB2  H N N 11  
ALA HB3  H N N 12  
ALA HXT  H N N 13  
ARG N    N N N 14  
ARG CA   C N S 15  
ARG C    C N N 16  
ARG O    O N N 17  
ARG CB   C N N 18  
ARG CG   C N N 19  
ARG CD   C N N 20  
ARG NE   N N N 21  
ARG CZ   C N N 22  
ARG NH1  N N N 23  
ARG NH2  N N N 24  
ARG OXT  O N N 25  
ARG H    H N N 26  
ARG H2   H N N 27  
ARG HA   H N N 28  
ARG HB2  H N N 29  
ARG HB3  H N N 30  
ARG HG2  H N N 31  
ARG HG3  H N N 32  
ARG HD2  H N N 33  
ARG HD3  H N N 34  
ARG HE   H N N 35  
ARG HH11 H N N 36  
ARG HH12 H N N 37  
ARG HH21 H N N 38  
ARG HH22 H N N 39  
ARG HXT  H N N 40  
ASN N    N N N 41  
ASN CA   C N S 42  
ASN C    C N N 43  
ASN O    O N N 44  
ASN CB   C N N 45  
ASN CG   C N N 46  
ASN OD1  O N N 47  
ASN ND2  N N N 48  
ASN OXT  O N N 49  
ASN H    H N N 50  
ASN H2   H N N 51  
ASN HA   H N N 52  
ASN HB2  H N N 53  
ASN HB3  H N N 54  
ASN HD21 H N N 55  
ASN HD22 H N N 56  
ASN HXT  H N N 57  
ASP N    N N N 58  
ASP CA   C N S 59  
ASP C    C N N 60  
ASP O    O N N 61  
ASP CB   C N N 62  
ASP CG   C N N 63  
ASP OD1  O N N 64  
ASP OD2  O N N 65  
ASP OXT  O N N 66  
ASP H    H N N 67  
ASP H2   H N N 68  
ASP HA   H N N 69  
ASP HB2  H N N 70  
ASP HB3  H N N 71  
ASP HD2  H N N 72  
ASP HXT  H N N 73  
GLN N    N N N 74  
GLN CA   C N S 75  
GLN C    C N N 76  
GLN O    O N N 77  
GLN CB   C N N 78  
GLN CG   C N N 79  
GLN CD   C N N 80  
GLN OE1  O N N 81  
GLN NE2  N N N 82  
GLN OXT  O N N 83  
GLN H    H N N 84  
GLN H2   H N N 85  
GLN HA   H N N 86  
GLN HB2  H N N 87  
GLN HB3  H N N 88  
GLN HG2  H N N 89  
GLN HG3  H N N 90  
GLN HE21 H N N 91  
GLN HE22 H N N 92  
GLN HXT  H N N 93  
GLU N    N N N 94  
GLU CA   C N S 95  
GLU C    C N N 96  
GLU O    O N N 97  
GLU CB   C N N 98  
GLU CG   C N N 99  
GLU CD   C N N 100 
GLU OE1  O N N 101 
GLU OE2  O N N 102 
GLU OXT  O N N 103 
GLU H    H N N 104 
GLU H2   H N N 105 
GLU HA   H N N 106 
GLU HB2  H N N 107 
GLU HB3  H N N 108 
GLU HG2  H N N 109 
GLU HG3  H N N 110 
GLU HE2  H N N 111 
GLU HXT  H N N 112 
GLY N    N N N 113 
GLY CA   C N N 114 
GLY C    C N N 115 
GLY O    O N N 116 
GLY OXT  O N N 117 
GLY H    H N N 118 
GLY H2   H N N 119 
GLY HA2  H N N 120 
GLY HA3  H N N 121 
GLY HXT  H N N 122 
HIS N    N N N 123 
HIS CA   C N S 124 
HIS C    C N N 125 
HIS O    O N N 126 
HIS CB   C N N 127 
HIS CG   C Y N 128 
HIS ND1  N Y N 129 
HIS CD2  C Y N 130 
HIS CE1  C Y N 131 
HIS NE2  N Y N 132 
HIS OXT  O N N 133 
HIS H    H N N 134 
HIS H2   H N N 135 
HIS HA   H N N 136 
HIS HB2  H N N 137 
HIS HB3  H N N 138 
HIS HD1  H N N 139 
HIS HD2  H N N 140 
HIS HE1  H N N 141 
HIS HE2  H N N 142 
HIS HXT  H N N 143 
ILE N    N N N 144 
ILE CA   C N S 145 
ILE C    C N N 146 
ILE O    O N N 147 
ILE CB   C N S 148 
ILE CG1  C N N 149 
ILE CG2  C N N 150 
ILE CD1  C N N 151 
ILE OXT  O N N 152 
ILE H    H N N 153 
ILE H2   H N N 154 
ILE HA   H N N 155 
ILE HB   H N N 156 
ILE HG12 H N N 157 
ILE HG13 H N N 158 
ILE HG21 H N N 159 
ILE HG22 H N N 160 
ILE HG23 H N N 161 
ILE HD11 H N N 162 
ILE HD12 H N N 163 
ILE HD13 H N N 164 
ILE HXT  H N N 165 
LEU N    N N N 166 
LEU CA   C N S 167 
LEU C    C N N 168 
LEU O    O N N 169 
LEU CB   C N N 170 
LEU CG   C N N 171 
LEU CD1  C N N 172 
LEU CD2  C N N 173 
LEU OXT  O N N 174 
LEU H    H N N 175 
LEU H2   H N N 176 
LEU HA   H N N 177 
LEU HB2  H N N 178 
LEU HB3  H N N 179 
LEU HG   H N N 180 
LEU HD11 H N N 181 
LEU HD12 H N N 182 
LEU HD13 H N N 183 
LEU HD21 H N N 184 
LEU HD22 H N N 185 
LEU HD23 H N N 186 
LEU HXT  H N N 187 
LYS N    N N N 188 
LYS CA   C N S 189 
LYS C    C N N 190 
LYS O    O N N 191 
LYS CB   C N N 192 
LYS CG   C N N 193 
LYS CD   C N N 194 
LYS CE   C N N 195 
LYS NZ   N N N 196 
LYS OXT  O N N 197 
LYS H    H N N 198 
LYS H2   H N N 199 
LYS HA   H N N 200 
LYS HB2  H N N 201 
LYS HB3  H N N 202 
LYS HG2  H N N 203 
LYS HG3  H N N 204 
LYS HD2  H N N 205 
LYS HD3  H N N 206 
LYS HE2  H N N 207 
LYS HE3  H N N 208 
LYS HZ1  H N N 209 
LYS HZ2  H N N 210 
LYS HZ3  H N N 211 
LYS HXT  H N N 212 
MET N    N N N 213 
MET CA   C N S 214 
MET C    C N N 215 
MET O    O N N 216 
MET CB   C N N 217 
MET CG   C N N 218 
MET SD   S N N 219 
MET CE   C N N 220 
MET OXT  O N N 221 
MET H    H N N 222 
MET H2   H N N 223 
MET HA   H N N 224 
MET HB2  H N N 225 
MET HB3  H N N 226 
MET HG2  H N N 227 
MET HG3  H N N 228 
MET HE1  H N N 229 
MET HE2  H N N 230 
MET HE3  H N N 231 
MET HXT  H N N 232 
PHE N    N N N 233 
PHE CA   C N S 234 
PHE C    C N N 235 
PHE O    O N N 236 
PHE CB   C N N 237 
PHE CG   C Y N 238 
PHE CD1  C Y N 239 
PHE CD2  C Y N 240 
PHE CE1  C Y N 241 
PHE CE2  C Y N 242 
PHE CZ   C Y N 243 
PHE OXT  O N N 244 
PHE H    H N N 245 
PHE H2   H N N 246 
PHE HA   H N N 247 
PHE HB2  H N N 248 
PHE HB3  H N N 249 
PHE HD1  H N N 250 
PHE HD2  H N N 251 
PHE HE1  H N N 252 
PHE HE2  H N N 253 
PHE HZ   H N N 254 
PHE HXT  H N N 255 
PRO N    N N N 256 
PRO CA   C N S 257 
PRO C    C N N 258 
PRO O    O N N 259 
PRO CB   C N N 260 
PRO CG   C N N 261 
PRO CD   C N N 262 
PRO OXT  O N N 263 
PRO H    H N N 264 
PRO HA   H N N 265 
PRO HB2  H N N 266 
PRO HB3  H N N 267 
PRO HG2  H N N 268 
PRO HG3  H N N 269 
PRO HD2  H N N 270 
PRO HD3  H N N 271 
PRO HXT  H N N 272 
SER N    N N N 273 
SER CA   C N S 274 
SER C    C N N 275 
SER O    O N N 276 
SER CB   C N N 277 
SER OG   O N N 278 
SER OXT  O N N 279 
SER H    H N N 280 
SER H2   H N N 281 
SER HA   H N N 282 
SER HB2  H N N 283 
SER HB3  H N N 284 
SER HG   H N N 285 
SER HXT  H N N 286 
THR N    N N N 287 
THR CA   C N S 288 
THR C    C N N 289 
THR O    O N N 290 
THR CB   C N R 291 
THR OG1  O N N 292 
THR CG2  C N N 293 
THR OXT  O N N 294 
THR H    H N N 295 
THR H2   H N N 296 
THR HA   H N N 297 
THR HB   H N N 298 
THR HG1  H N N 299 
THR HG21 H N N 300 
THR HG22 H N N 301 
THR HG23 H N N 302 
THR HXT  H N N 303 
TRP N    N N N 304 
TRP CA   C N S 305 
TRP C    C N N 306 
TRP O    O N N 307 
TRP CB   C N N 308 
TRP CG   C Y N 309 
TRP CD1  C Y N 310 
TRP CD2  C Y N 311 
TRP NE1  N Y N 312 
TRP CE2  C Y N 313 
TRP CE3  C Y N 314 
TRP CZ2  C Y N 315 
TRP CZ3  C Y N 316 
TRP CH2  C Y N 317 
TRP OXT  O N N 318 
TRP H    H N N 319 
TRP H2   H N N 320 
TRP HA   H N N 321 
TRP HB2  H N N 322 
TRP HB3  H N N 323 
TRP HD1  H N N 324 
TRP HE1  H N N 325 
TRP HE3  H N N 326 
TRP HZ2  H N N 327 
TRP HZ3  H N N 328 
TRP HH2  H N N 329 
TRP HXT  H N N 330 
TYR N    N N N 331 
TYR CA   C N S 332 
TYR C    C N N 333 
TYR O    O N N 334 
TYR CB   C N N 335 
TYR CG   C Y N 336 
TYR CD1  C Y N 337 
TYR CD2  C Y N 338 
TYR CE1  C Y N 339 
TYR CE2  C Y N 340 
TYR CZ   C Y N 341 
TYR OH   O N N 342 
TYR OXT  O N N 343 
TYR H    H N N 344 
TYR H2   H N N 345 
TYR HA   H N N 346 
TYR HB2  H N N 347 
TYR HB3  H N N 348 
TYR HD1  H N N 349 
TYR HD2  H N N 350 
TYR HE1  H N N 351 
TYR HE2  H N N 352 
TYR HH   H N N 353 
TYR HXT  H N N 354 
VAL N    N N N 355 
VAL CA   C N S 356 
VAL C    C N N 357 
VAL O    O N N 358 
VAL CB   C N N 359 
VAL CG1  C N N 360 
VAL CG2  C N N 361 
VAL OXT  O N N 362 
VAL H    H N N 363 
VAL H2   H N N 364 
VAL HA   H N N 365 
VAL HB   H N N 366 
VAL HG11 H N N 367 
VAL HG12 H N N 368 
VAL HG13 H N N 369 
VAL HG21 H N N 370 
VAL HG22 H N N 371 
VAL HG23 H N N 372 
VAL HXT  H N N 373 
# 
loop_
_chem_comp_bond.comp_id 
_chem_comp_bond.atom_id_1 
_chem_comp_bond.atom_id_2 
_chem_comp_bond.value_order 
_chem_comp_bond.pdbx_aromatic_flag 
_chem_comp_bond.pdbx_stereo_config 
_chem_comp_bond.pdbx_ordinal 
ALA N   CA   sing N N 1   
ALA N   H    sing N N 2   
ALA N   H2   sing N N 3   
ALA CA  C    sing N N 4   
ALA CA  CB   sing N N 5   
ALA CA  HA   sing N N 6   
ALA C   O    doub N N 7   
ALA C   OXT  sing N N 8   
ALA CB  HB1  sing N N 9   
ALA CB  HB2  sing N N 10  
ALA CB  HB3  sing N N 11  
ALA OXT HXT  sing N N 12  
ARG N   CA   sing N N 13  
ARG N   H    sing N N 14  
ARG N   H2   sing N N 15  
ARG CA  C    sing N N 16  
ARG CA  CB   sing N N 17  
ARG CA  HA   sing N N 18  
ARG C   O    doub N N 19  
ARG C   OXT  sing N N 20  
ARG CB  CG   sing N N 21  
ARG CB  HB2  sing N N 22  
ARG CB  HB3  sing N N 23  
ARG CG  CD   sing N N 24  
ARG CG  HG2  sing N N 25  
ARG CG  HG3  sing N N 26  
ARG CD  NE   sing N N 27  
ARG CD  HD2  sing N N 28  
ARG CD  HD3  sing N N 29  
ARG NE  CZ   sing N N 30  
ARG NE  HE   sing N N 31  
ARG CZ  NH1  sing N N 32  
ARG CZ  NH2  doub N N 33  
ARG NH1 HH11 sing N N 34  
ARG NH1 HH12 sing N N 35  
ARG NH2 HH21 sing N N 36  
ARG NH2 HH22 sing N N 37  
ARG OXT HXT  sing N N 38  
ASN N   CA   sing N N 39  
ASN N   H    sing N N 40  
ASN N   H2   sing N N 41  
ASN CA  C    sing N N 42  
ASN CA  CB   sing N N 43  
ASN CA  HA   sing N N 44  
ASN C   O    doub N N 45  
ASN C   OXT  sing N N 46  
ASN CB  CG   sing N N 47  
ASN CB  HB2  sing N N 48  
ASN CB  HB3  sing N N 49  
ASN CG  OD1  doub N N 50  
ASN CG  ND2  sing N N 51  
ASN ND2 HD21 sing N N 52  
ASN ND2 HD22 sing N N 53  
ASN OXT HXT  sing N N 54  
ASP N   CA   sing N N 55  
ASP N   H    sing N N 56  
ASP N   H2   sing N N 57  
ASP CA  C    sing N N 58  
ASP CA  CB   sing N N 59  
ASP CA  HA   sing N N 60  
ASP C   O    doub N N 61  
ASP C   OXT  sing N N 62  
ASP CB  CG   sing N N 63  
ASP CB  HB2  sing N N 64  
ASP CB  HB3  sing N N 65  
ASP CG  OD1  doub N N 66  
ASP CG  OD2  sing N N 67  
ASP OD2 HD2  sing N N 68  
ASP OXT HXT  sing N N 69  
GLN N   CA   sing N N 70  
GLN N   H    sing N N 71  
GLN N   H2   sing N N 72  
GLN CA  C    sing N N 73  
GLN CA  CB   sing N N 74  
GLN CA  HA   sing N N 75  
GLN C   O    doub N N 76  
GLN C   OXT  sing N N 77  
GLN CB  CG   sing N N 78  
GLN CB  HB2  sing N N 79  
GLN CB  HB3  sing N N 80  
GLN CG  CD   sing N N 81  
GLN CG  HG2  sing N N 82  
GLN CG  HG3  sing N N 83  
GLN CD  OE1  doub N N 84  
GLN CD  NE2  sing N N 85  
GLN NE2 HE21 sing N N 86  
GLN NE2 HE22 sing N N 87  
GLN OXT HXT  sing N N 88  
GLU N   CA   sing N N 89  
GLU N   H    sing N N 90  
GLU N   H2   sing N N 91  
GLU CA  C    sing N N 92  
GLU CA  CB   sing N N 93  
GLU CA  HA   sing N N 94  
GLU C   O    doub N N 95  
GLU C   OXT  sing N N 96  
GLU CB  CG   sing N N 97  
GLU CB  HB2  sing N N 98  
GLU CB  HB3  sing N N 99  
GLU CG  CD   sing N N 100 
GLU CG  HG2  sing N N 101 
GLU CG  HG3  sing N N 102 
GLU CD  OE1  doub N N 103 
GLU CD  OE2  sing N N 104 
GLU OE2 HE2  sing N N 105 
GLU OXT HXT  sing N N 106 
GLY N   CA   sing N N 107 
GLY N   H    sing N N 108 
GLY N   H2   sing N N 109 
GLY CA  C    sing N N 110 
GLY CA  HA2  sing N N 111 
GLY CA  HA3  sing N N 112 
GLY C   O    doub N N 113 
GLY C   OXT  sing N N 114 
GLY OXT HXT  sing N N 115 
HIS N   CA   sing N N 116 
HIS N   H    sing N N 117 
HIS N   H2   sing N N 118 
HIS CA  C    sing N N 119 
HIS CA  CB   sing N N 120 
HIS CA  HA   sing N N 121 
HIS C   O    doub N N 122 
HIS C   OXT  sing N N 123 
HIS CB  CG   sing N N 124 
HIS CB  HB2  sing N N 125 
HIS CB  HB3  sing N N 126 
HIS CG  ND1  sing Y N 127 
HIS CG  CD2  doub Y N 128 
HIS ND1 CE1  doub Y N 129 
HIS ND1 HD1  sing N N 130 
HIS CD2 NE2  sing Y N 131 
HIS CD2 HD2  sing N N 132 
HIS CE1 NE2  sing Y N 133 
HIS CE1 HE1  sing N N 134 
HIS NE2 HE2  sing N N 135 
HIS OXT HXT  sing N N 136 
ILE N   CA   sing N N 137 
ILE N   H    sing N N 138 
ILE N   H2   sing N N 139 
ILE CA  C    sing N N 140 
ILE CA  CB   sing N N 141 
ILE CA  HA   sing N N 142 
ILE C   O    doub N N 143 
ILE C   OXT  sing N N 144 
ILE CB  CG1  sing N N 145 
ILE CB  CG2  sing N N 146 
ILE CB  HB   sing N N 147 
ILE CG1 CD1  sing N N 148 
ILE CG1 HG12 sing N N 149 
ILE CG1 HG13 sing N N 150 
ILE CG2 HG21 sing N N 151 
ILE CG2 HG22 sing N N 152 
ILE CG2 HG23 sing N N 153 
ILE CD1 HD11 sing N N 154 
ILE CD1 HD12 sing N N 155 
ILE CD1 HD13 sing N N 156 
ILE OXT HXT  sing N N 157 
LEU N   CA   sing N N 158 
LEU N   H    sing N N 159 
LEU N   H2   sing N N 160 
LEU CA  C    sing N N 161 
LEU CA  CB   sing N N 162 
LEU CA  HA   sing N N 163 
LEU C   O    doub N N 164 
LEU C   OXT  sing N N 165 
LEU CB  CG   sing N N 166 
LEU CB  HB2  sing N N 167 
LEU CB  HB3  sing N N 168 
LEU CG  CD1  sing N N 169 
LEU CG  CD2  sing N N 170 
LEU CG  HG   sing N N 171 
LEU CD1 HD11 sing N N 172 
LEU CD1 HD12 sing N N 173 
LEU CD1 HD13 sing N N 174 
LEU CD2 HD21 sing N N 175 
LEU CD2 HD22 sing N N 176 
LEU CD2 HD23 sing N N 177 
LEU OXT HXT  sing N N 178 
LYS N   CA   sing N N 179 
LYS N   H    sing N N 180 
LYS N   H2   sing N N 181 
LYS CA  C    sing N N 182 
LYS CA  CB   sing N N 183 
LYS CA  HA   sing N N 184 
LYS C   O    doub N N 185 
LYS C   OXT  sing N N 186 
LYS CB  CG   sing N N 187 
LYS CB  HB2  sing N N 188 
LYS CB  HB3  sing N N 189 
LYS CG  CD   sing N N 190 
LYS CG  HG2  sing N N 191 
LYS CG  HG3  sing N N 192 
LYS CD  CE   sing N N 193 
LYS CD  HD2  sing N N 194 
LYS CD  HD3  sing N N 195 
LYS CE  NZ   sing N N 196 
LYS CE  HE2  sing N N 197 
LYS CE  HE3  sing N N 198 
LYS NZ  HZ1  sing N N 199 
LYS NZ  HZ2  sing N N 200 
LYS NZ  HZ3  sing N N 201 
LYS OXT HXT  sing N N 202 
MET N   CA   sing N N 203 
MET N   H    sing N N 204 
MET N   H2   sing N N 205 
MET CA  C    sing N N 206 
MET CA  CB   sing N N 207 
MET CA  HA   sing N N 208 
MET C   O    doub N N 209 
MET C   OXT  sing N N 210 
MET CB  CG   sing N N 211 
MET CB  HB2  sing N N 212 
MET CB  HB3  sing N N 213 
MET CG  SD   sing N N 214 
MET CG  HG2  sing N N 215 
MET CG  HG3  sing N N 216 
MET SD  CE   sing N N 217 
MET CE  HE1  sing N N 218 
MET CE  HE2  sing N N 219 
MET CE  HE3  sing N N 220 
MET OXT HXT  sing N N 221 
PHE N   CA   sing N N 222 
PHE N   H    sing N N 223 
PHE N   H2   sing N N 224 
PHE CA  C    sing N N 225 
PHE CA  CB   sing N N 226 
PHE CA  HA   sing N N 227 
PHE C   O    doub N N 228 
PHE C   OXT  sing N N 229 
PHE CB  CG   sing N N 230 
PHE CB  HB2  sing N N 231 
PHE CB  HB3  sing N N 232 
PHE CG  CD1  doub Y N 233 
PHE CG  CD2  sing Y N 234 
PHE CD1 CE1  sing Y N 235 
PHE CD1 HD1  sing N N 236 
PHE CD2 CE2  doub Y N 237 
PHE CD2 HD2  sing N N 238 
PHE CE1 CZ   doub Y N 239 
PHE CE1 HE1  sing N N 240 
PHE CE2 CZ   sing Y N 241 
PHE CE2 HE2  sing N N 242 
PHE CZ  HZ   sing N N 243 
PHE OXT HXT  sing N N 244 
PRO N   CA   sing N N 245 
PRO N   CD   sing N N 246 
PRO N   H    sing N N 247 
PRO CA  C    sing N N 248 
PRO CA  CB   sing N N 249 
PRO CA  HA   sing N N 250 
PRO C   O    doub N N 251 
PRO C   OXT  sing N N 252 
PRO CB  CG   sing N N 253 
PRO CB  HB2  sing N N 254 
PRO CB  HB3  sing N N 255 
PRO CG  CD   sing N N 256 
PRO CG  HG2  sing N N 257 
PRO CG  HG3  sing N N 258 
PRO CD  HD2  sing N N 259 
PRO CD  HD3  sing N N 260 
PRO OXT HXT  sing N N 261 
SER N   CA   sing N N 262 
SER N   H    sing N N 263 
SER N   H2   sing N N 264 
SER CA  C    sing N N 265 
SER CA  CB   sing N N 266 
SER CA  HA   sing N N 267 
SER C   O    doub N N 268 
SER C   OXT  sing N N 269 
SER CB  OG   sing N N 270 
SER CB  HB2  sing N N 271 
SER CB  HB3  sing N N 272 
SER OG  HG   sing N N 273 
SER OXT HXT  sing N N 274 
THR N   CA   sing N N 275 
THR N   H    sing N N 276 
THR N   H2   sing N N 277 
THR CA  C    sing N N 278 
THR CA  CB   sing N N 279 
THR CA  HA   sing N N 280 
THR C   O    doub N N 281 
THR C   OXT  sing N N 282 
THR CB  OG1  sing N N 283 
THR CB  CG2  sing N N 284 
THR CB  HB   sing N N 285 
THR OG1 HG1  sing N N 286 
THR CG2 HG21 sing N N 287 
THR CG2 HG22 sing N N 288 
THR CG2 HG23 sing N N 289 
THR OXT HXT  sing N N 290 
TRP N   CA   sing N N 291 
TRP N   H    sing N N 292 
TRP N   H2   sing N N 293 
TRP CA  C    sing N N 294 
TRP CA  CB   sing N N 295 
TRP CA  HA   sing N N 296 
TRP C   O    doub N N 297 
TRP C   OXT  sing N N 298 
TRP CB  CG   sing N N 299 
TRP CB  HB2  sing N N 300 
TRP CB  HB3  sing N N 301 
TRP CG  CD1  doub Y N 302 
TRP CG  CD2  sing Y N 303 
TRP CD1 NE1  sing Y N 304 
TRP CD1 HD1  sing N N 305 
TRP CD2 CE2  doub Y N 306 
TRP CD2 CE3  sing Y N 307 
TRP NE1 CE2  sing Y N 308 
TRP NE1 HE1  sing N N 309 
TRP CE2 CZ2  sing Y N 310 
TRP CE3 CZ3  doub Y N 311 
TRP CE3 HE3  sing N N 312 
TRP CZ2 CH2  doub Y N 313 
TRP CZ2 HZ2  sing N N 314 
TRP CZ3 CH2  sing Y N 315 
TRP CZ3 HZ3  sing N N 316 
TRP CH2 HH2  sing N N 317 
TRP OXT HXT  sing N N 318 
TYR N   CA   sing N N 319 
TYR N   H    sing N N 320 
TYR N   H2   sing N N 321 
TYR CA  C    sing N N 322 
TYR CA  CB   sing N N 323 
TYR CA  HA   sing N N 324 
TYR C   O    doub N N 325 
TYR C   OXT  sing N N 326 
TYR CB  CG   sing N N 327 
TYR CB  HB2  sing N N 328 
TYR CB  HB3  sing N N 329 
TYR CG  CD1  doub Y N 330 
TYR CG  CD2  sing Y N 331 
TYR CD1 CE1  sing Y N 332 
TYR CD1 HD1  sing N N 333 
TYR CD2 CE2  doub Y N 334 
TYR CD2 HD2  sing N N 335 
TYR CE1 CZ   doub Y N 336 
TYR CE1 HE1  sing N N 337 
TYR CE2 CZ   sing Y N 338 
TYR CE2 HE2  sing N N 339 
TYR CZ  OH   sing N N 340 
TYR OH  HH   sing N N 341 
TYR OXT HXT  sing N N 342 
VAL N   CA   sing N N 343 
VAL N   H    sing N N 344 
VAL N   H2   sing N N 345 
VAL CA  C    sing N N 346 
VAL CA  CB   sing N N 347 
VAL CA  HA   sing N N 348 
VAL C   O    doub N N 349 
VAL C   OXT  sing N N 350 
VAL CB  CG1  sing N N 351 
VAL CB  CG2  sing N N 352 
VAL CB  HB   sing N N 353 
VAL CG1 HG11 sing N N 354 
VAL CG1 HG12 sing N N 355 
VAL CG1 HG13 sing N N 356 
VAL CG2 HG21 sing N N 357 
VAL CG2 HG22 sing N N 358 
VAL CG2 HG23 sing N N 359 
VAL OXT HXT  sing N N 360 
# 
_atom_sites.entry_id                    3IOZ 
_atom_sites.fract_transf_matrix[1][1]   -0.01712133 
_atom_sites.fract_transf_matrix[1][2]   0.00596087 
_atom_sites.fract_transf_matrix[1][3]   -0.00680956 
_atom_sites.fract_transf_matrix[2][1]   0.00376186 
_atom_sites.fract_transf_matrix[2][2]   -0.00856555 
_atom_sites.fract_transf_matrix[2][3]   -0.01695647 
_atom_sites.fract_transf_matrix[3][1]   -0.00224329 
_atom_sites.fract_transf_matrix[3][2]   -0.00444617 
_atom_sites.fract_transf_matrix[3][3]   0.00174829 
_atom_sites.fract_transf_vector[1]      -0.441844 
_atom_sites.fract_transf_vector[2]      -0.173836 
_atom_sites.fract_transf_vector[3]      0.068652 
# 
loop_
_atom_type.symbol 
C 
N 
O 
S 
# 
loop_
_atom_site.group_PDB 
_atom_site.id 
_atom_site.type_symbol 
_atom_site.label_atom_id 
_atom_site.label_alt_id 
_atom_site.label_comp_id 
_atom_site.label_asym_id 
_atom_site.label_entity_id 
_atom_site.label_seq_id 
_atom_site.pdbx_PDB_ins_code 
_atom_site.Cartn_x 
_atom_site.Cartn_y 
_atom_site.Cartn_z 
_atom_site.occupancy 
_atom_site.B_iso_or_equiv 
_atom_site.pdbx_formal_charge 
_atom_site.auth_seq_id 
_atom_site.auth_comp_id 
_atom_site.auth_asym_id 
_atom_site.auth_atom_id 
_atom_site.pdbx_PDB_model_num 
ATOM 1    N N   . PRO A 1 15  ? 17.578  7.712   8.557   1.00 220.14 ? 107 PRO A N   1 
ATOM 2    C CA  . PRO A 1 15  ? 16.959  8.798   9.327   1.00 219.44 ? 107 PRO A CA  1 
ATOM 3    C C   . PRO A 1 15  ? 15.429  8.758   9.267   1.00 218.97 ? 107 PRO A C   1 
ATOM 4    O O   . PRO A 1 15  ? 14.868  8.593   8.183   1.00 214.37 ? 107 PRO A O   1 
ATOM 5    C CB  . PRO A 1 15  ? 17.498  10.062  8.632   1.00 206.82 ? 107 PRO A CB  1 
ATOM 6    C CG  . PRO A 1 15  ? 18.087  9.568   7.316   1.00 200.53 ? 107 PRO A CG  1 
ATOM 7    C CD  . PRO A 1 15  ? 18.627  8.226   7.664   1.00 207.99 ? 107 PRO A CD  1 
ATOM 8    N N   . LEU A 1 16  ? 14.769  8.899   10.416  1.00 215.11 ? 108 LEU A N   1 
ATOM 9    C CA  . LEU A 1 16  ? 13.307  8.873   10.464  1.00 205.24 ? 108 LEU A CA  1 
ATOM 10   C C   . LEU A 1 16  ? 12.681  10.073  9.761   1.00 210.71 ? 108 LEU A C   1 
ATOM 11   O O   . LEU A 1 16  ? 13.325  11.106  9.579   1.00 218.61 ? 108 LEU A O   1 
ATOM 12   C CB  . LEU A 1 16  ? 12.801  8.792   11.907  1.00 191.23 ? 108 LEU A CB  1 
ATOM 13   C CG  . LEU A 1 16  ? 12.378  7.405   12.394  1.00 187.66 ? 108 LEU A CG  1 
ATOM 14   C CD1 . LEU A 1 16  ? 11.916  7.470   13.838  1.00 180.76 ? 108 LEU A CD1 1 
ATOM 15   C CD2 . LEU A 1 16  ? 11.279  6.847   11.503  1.00 186.17 ? 108 LEU A CD2 1 
ATOM 16   N N   . ARG A 1 17  ? 11.417  9.928   9.372   1.00 207.20 ? 109 ARG A N   1 
ATOM 17   C CA  . ARG A 1 17  ? 10.705  10.975  8.648   1.00 209.49 ? 109 ARG A CA  1 
ATOM 18   C C   . ARG A 1 17  ? 9.276   10.540  8.349   1.00 206.85 ? 109 ARG A C   1 
ATOM 19   O O   . ARG A 1 17  ? 9.036   9.400   7.949   1.00 205.54 ? 109 ARG A O   1 
ATOM 20   C CB  . ARG A 1 17  ? 11.420  11.289  7.334   1.00 203.82 ? 109 ARG A CB  1 
ATOM 21   C CG  . ARG A 1 17  ? 11.751  10.050  6.529   1.00 198.64 ? 109 ARG A CG  1 
ATOM 22   C CD  . ARG A 1 17  ? 12.378  10.392  5.198   1.00 193.03 ? 109 ARG A CD  1 
ATOM 23   N NE  . ARG A 1 17  ? 12.873  9.192   4.533   1.00 193.89 ? 109 ARG A NE  1 
ATOM 24   C CZ  . ARG A 1 17  ? 13.319  9.162   3.283   1.00 196.85 ? 109 ARG A CZ  1 
ATOM 25   N NH1 . ARG A 1 17  ? 13.328  10.271  2.556   1.00 198.14 ? 109 ARG A NH1 1 
ATOM 26   N NH2 . ARG A 1 17  ? 13.753  8.023   2.759   1.00 195.54 ? 109 ARG A NH2 1 
ATOM 27   N N   . THR A 1 18  ? 8.327   11.449  8.545   1.00 205.79 ? 110 THR A N   1 
ATOM 28   C CA  . THR A 1 18  ? 6.944   11.168  8.190   1.00 201.39 ? 110 THR A CA  1 
ATOM 29   C C   . THR A 1 18  ? 6.778   11.284  6.680   1.00 198.97 ? 110 THR A C   1 
ATOM 30   O O   . THR A 1 18  ? 7.480   12.057  6.025   1.00 195.02 ? 110 THR A O   1 
ATOM 31   C CB  . THR A 1 18  ? 5.954   12.107  8.907   1.00 196.65 ? 110 THR A CB  1 
ATOM 32   O OG1 . THR A 1 18  ? 4.612   11.659  8.675   1.00 189.85 ? 110 THR A OG1 1 
ATOM 33   C CG2 . THR A 1 18  ? 6.106   13.537  8.406   1.00 192.99 ? 110 THR A CG2 1 
ATOM 34   N N   . MET A 1 19  ? 5.856   10.504  6.128   1.00 199.60 ? 111 MET A N   1 
ATOM 35   C CA  . MET A 1 19  ? 5.650   10.492  4.687   1.00 199.33 ? 111 MET A CA  1 
ATOM 36   C C   . MET A 1 19  ? 5.122   11.828  4.179   1.00 203.79 ? 111 MET A C   1 
ATOM 37   O O   . MET A 1 19  ? 4.158   12.372  4.717   1.00 203.33 ? 111 MET A O   1 
ATOM 38   C CB  . MET A 1 19  ? 4.702   9.365   4.277   1.00 193.14 ? 111 MET A CB  1 
ATOM 39   C CG  . MET A 1 19  ? 4.265   9.442   2.823   1.00 191.51 ? 111 MET A CG  1 
ATOM 40   S SD  . MET A 1 19  ? 3.365   7.981   2.281   1.00 199.85 ? 111 MET A SD  1 
ATOM 41   C CE  . MET A 1 19  ? 4.673   6.758   2.295   1.00 191.95 ? 111 MET A CE  1 
ATOM 42   N N   . SER A 1 20  ? 5.774   12.352  3.146   1.00 207.46 ? 112 SER A N   1 
ATOM 43   C CA  . SER A 1 20  ? 5.317   13.561  2.471   1.00 206.60 ? 112 SER A CA  1 
ATOM 44   C C   . SER A 1 20  ? 4.894   13.214  1.048   1.00 206.31 ? 112 SER A C   1 
ATOM 45   O O   . SER A 1 20  ? 4.968   12.056  0.640   1.00 206.89 ? 112 SER A O   1 
ATOM 46   C CB  . SER A 1 20  ? 6.423   14.616  2.452   1.00 205.02 ? 112 SER A CB  1 
ATOM 47   O OG  . SER A 1 20  ? 7.561   14.144  1.753   1.00 206.12 ? 112 SER A OG  1 
ATOM 48   N N   . TYR A 1 21  ? 4.449   14.213  0.292   1.00 202.81 ? 113 TYR A N   1 
ATOM 49   C CA  . TYR A 1 21  ? 3.997   13.972  -1.075  1.00 207.36 ? 113 TYR A CA  1 
ATOM 50   C C   . TYR A 1 21  ? 5.131   13.476  -1.962  1.00 207.23 ? 113 TYR A C   1 
ATOM 51   O O   . TYR A 1 21  ? 5.115   12.333  -2.418  1.00 202.05 ? 113 TYR A O   1 
ATOM 52   C CB  . TYR A 1 21  ? 3.373   15.230  -1.682  1.00 211.46 ? 113 TYR A CB  1 
ATOM 53   C CG  . TYR A 1 21  ? 2.841   15.020  -3.085  1.00 218.51 ? 113 TYR A CG  1 
ATOM 54   C CD1 . TYR A 1 21  ? 1.672   14.302  -3.304  1.00 219.41 ? 113 TYR A CD1 1 
ATOM 55   C CD2 . TYR A 1 21  ? 3.505   15.541  -4.189  1.00 221.02 ? 113 TYR A CD2 1 
ATOM 56   C CE1 . TYR A 1 21  ? 1.179   14.107  -4.583  1.00 219.08 ? 113 TYR A CE1 1 
ATOM 57   C CE2 . TYR A 1 21  ? 3.018   15.352  -5.473  1.00 220.09 ? 113 TYR A CE2 1 
ATOM 58   C CZ  . TYR A 1 21  ? 1.855   14.635  -5.664  1.00 217.62 ? 113 TYR A CZ  1 
ATOM 59   O OH  . TYR A 1 21  ? 1.362   14.439  -6.935  1.00 216.40 ? 113 TYR A OH  1 
ATOM 60   N N   . LYS A 1 22  ? 6.112   14.342  -2.207  1.00 210.94 ? 114 LYS A N   1 
ATOM 61   C CA  . LYS A 1 22  ? 7.261   13.985  -3.032  1.00 211.46 ? 114 LYS A CA  1 
ATOM 62   C C   . LYS A 1 22  ? 7.834   12.658  -2.549  1.00 210.26 ? 114 LYS A C   1 
ATOM 63   O O   . LYS A 1 22  ? 8.370   11.874  -3.332  1.00 210.78 ? 114 LYS A O   1 
ATOM 64   C CB  . LYS A 1 22  ? 8.328   15.086  -2.981  1.00 203.99 ? 114 LYS A CB  1 
ATOM 65   C CG  . LYS A 1 22  ? 9.224   15.146  -4.213  1.00 198.74 ? 114 LYS A CG  1 
ATOM 66   C CD  . LYS A 1 22  ? 10.055  16.423  -4.242  1.00 197.38 ? 114 LYS A CD  1 
ATOM 67   C CE  . LYS A 1 22  ? 11.306  16.303  -3.383  1.00 192.34 ? 114 LYS A CE  1 
ATOM 68   N NZ  . LYS A 1 22  ? 12.335  15.440  -4.025  1.00 186.35 ? 114 LYS A NZ  1 
ATOM 69   N N   . LEU A 1 23  ? 7.698   12.412  -1.249  1.00 206.98 ? 115 LEU A N   1 
ATOM 70   C CA  . LEU A 1 23  ? 8.153   11.170  -0.645  1.00 201.20 ? 115 LEU A CA  1 
ATOM 71   C C   . LEU A 1 23  ? 7.372   9.993   -1.219  1.00 197.61 ? 115 LEU A C   1 
ATOM 72   O O   . LEU A 1 23  ? 7.902   9.212   -2.010  1.00 193.66 ? 115 LEU A O   1 
ATOM 73   C CB  . LEU A 1 23  ? 7.981   11.233  0.874   1.00 200.89 ? 115 LEU A CB  1 
ATOM 74   C CG  . LEU A 1 23  ? 8.920   10.377  1.728   1.00 202.81 ? 115 LEU A CG  1 
ATOM 75   C CD1 . LEU A 1 23  ? 10.355  10.538  1.259   1.00 201.57 ? 115 LEU A CD1 1 
ATOM 76   C CD2 . LEU A 1 23  ? 8.790   10.739  3.200   1.00 198.02 ? 115 LEU A CD2 1 
ATOM 77   N N   . ALA A 1 24  ? 6.108   9.881   -0.822  1.00 199.31 ? 116 ALA A N   1 
ATOM 78   C CA  . ALA A 1 24  ? 5.229   8.825   -1.311  1.00 200.78 ? 116 ALA A CA  1 
ATOM 79   C C   . ALA A 1 24  ? 5.270   8.733   -2.831  1.00 201.41 ? 116 ALA A C   1 
ATOM 80   O O   . ALA A 1 24  ? 5.294   7.640   -3.396  1.00 200.94 ? 116 ALA A O   1 
ATOM 81   C CB  . ALA A 1 24  ? 3.805   9.067   -0.839  1.00 199.98 ? 116 ALA A CB  1 
ATOM 82   N N   . ILE A 1 25  ? 5.275   9.890   -3.486  1.00 198.52 ? 117 ILE A N   1 
ATOM 83   C CA  . ILE A 1 25  ? 5.309   9.943   -4.941  1.00 199.78 ? 117 ILE A CA  1 
ATOM 84   C C   . ILE A 1 25  ? 6.497   9.170   -5.491  1.00 203.20 ? 117 ILE A C   1 
ATOM 85   O O   . ILE A 1 25  ? 6.336   8.084   -6.048  1.00 203.27 ? 117 ILE A O   1 
ATOM 86   C CB  . ILE A 1 25  ? 5.369   11.395  -5.448  1.00 195.98 ? 117 ILE A CB  1 
ATOM 87   C CG1 . ILE A 1 25  ? 3.998   12.057  -5.318  1.00 198.13 ? 117 ILE A CG1 1 
ATOM 88   C CG2 . ILE A 1 25  ? 5.807   11.433  -6.901  1.00 199.75 ? 117 ILE A CG2 1 
ATOM 89   C CD1 . ILE A 1 25  ? 2.964   11.493  -6.265  1.00 201.51 ? 117 ILE A CD1 1 
ATOM 90   N N   . ASP A 1 26  ? 7.690   9.734   -5.323  1.00 204.00 ? 118 ASP A N   1 
ATOM 91   C CA  . ASP A 1 26  ? 8.913   9.120   -5.825  1.00 209.23 ? 118 ASP A CA  1 
ATOM 92   C C   . ASP A 1 26  ? 8.976   7.638   -5.466  1.00 210.85 ? 118 ASP A C   1 
ATOM 93   O O   . ASP A 1 26  ? 9.462   6.820   -6.246  1.00 212.55 ? 118 ASP A O   1 
ATOM 94   C CB  . ASP A 1 26  ? 10.142  9.856   -5.283  1.00 209.97 ? 118 ASP A CB  1 
ATOM 95   C CG  . ASP A 1 26  ? 10.244  11.285  -5.796  1.00 211.01 ? 118 ASP A CG  1 
ATOM 96   O OD1 . ASP A 1 26  ? 9.767   11.553  -6.919  1.00 208.75 ? 118 ASP A OD1 1 
ATOM 97   O OD2 . ASP A 1 26  ? 10.808  12.140  -5.078  1.00 209.70 ? 118 ASP A OD2 1 
ATOM 98   N N   . MET A 1 27  ? 8.468   7.299   -4.285  1.00 207.44 ? 119 MET A N   1 
ATOM 99   C CA  . MET A 1 27  ? 8.465   5.917   -3.819  1.00 207.08 ? 119 MET A CA  1 
ATOM 100  C C   . MET A 1 27  ? 7.600   5.026   -4.700  1.00 204.94 ? 119 MET A C   1 
ATOM 101  O O   . MET A 1 27  ? 8.053   3.989   -5.184  1.00 204.39 ? 119 MET A O   1 
ATOM 102  C CB  . MET A 1 27  ? 7.972   5.840   -2.374  1.00 209.44 ? 119 MET A CB  1 
ATOM 103  C CG  . MET A 1 27  ? 8.954   6.380   -1.351  1.00 217.34 ? 119 MET A CG  1 
ATOM 104  S SD  . MET A 1 27  ? 10.463  5.394   -1.249  1.00 231.10 ? 119 MET A SD  1 
ATOM 105  C CE  . MET A 1 27  ? 11.421  6.357   -0.080  1.00 219.38 ? 119 MET A CE  1 
ATOM 106  N N   . SER A 1 28  ? 6.352   5.439   -4.896  1.00 204.81 ? 120 SER A N   1 
ATOM 107  C CA  . SER A 1 28  ? 5.390   4.668   -5.675  1.00 210.35 ? 120 SER A CA  1 
ATOM 108  C C   . SER A 1 28  ? 6.007   4.100   -6.951  1.00 214.42 ? 120 SER A C   1 
ATOM 109  O O   . SER A 1 28  ? 5.758   2.950   -7.314  1.00 214.63 ? 120 SER A O   1 
ATOM 110  C CB  . SER A 1 28  ? 4.173   5.533   -6.018  1.00 207.79 ? 120 SER A CB  1 
ATOM 111  O OG  . SER A 1 28  ? 3.537   6.005   -4.843  1.00 201.58 ? 120 SER A OG  1 
ATOM 112  N N   . HIS A 1 29  ? 6.817   4.911   -7.623  1.00 212.05 ? 121 HIS A N   1 
ATOM 113  C CA  . HIS A 1 29  ? 7.451   4.499   -8.868  1.00 214.94 ? 121 HIS A CA  1 
ATOM 114  C C   . HIS A 1 29  ? 8.623   3.572   -8.590  1.00 216.61 ? 121 HIS A C   1 
ATOM 115  O O   . HIS A 1 29  ? 8.771   2.534   -9.233  1.00 218.33 ? 121 HIS A O   1 
ATOM 116  C CB  . HIS A 1 29  ? 7.928   5.724   -9.642  1.00 214.95 ? 121 HIS A CB  1 
ATOM 117  C CG  . HIS A 1 29  ? 6.977   6.876   -9.574  1.00 213.17 ? 121 HIS A CG  1 
ATOM 118  N ND1 . HIS A 1 29  ? 7.126   7.910   -8.675  1.00 210.85 ? 121 HIS A ND1 1 
ATOM 119  C CD2 . HIS A 1 29  ? 5.853   7.148   -10.278 1.00 213.28 ? 121 HIS A CD2 1 
ATOM 120  C CE1 . HIS A 1 29  ? 6.140   8.774   -8.833  1.00 210.39 ? 121 HIS A CE1 1 
ATOM 121  N NE2 . HIS A 1 29  ? 5.354   8.335   -9.800  1.00 210.93 ? 121 HIS A NE2 1 
ATOM 122  N N   . PHE A 1 30  ? 9.451   3.956   -7.626  1.00 212.88 ? 122 PHE A N   1 
ATOM 123  C CA  . PHE A 1 30  ? 10.597  3.152   -7.227  1.00 215.27 ? 122 PHE A CA  1 
ATOM 124  C C   . PHE A 1 30  ? 10.228  1.680   -7.077  1.00 218.93 ? 122 PHE A C   1 
ATOM 125  O O   . PHE A 1 30  ? 11.031  0.794   -7.375  1.00 217.06 ? 122 PHE A O   1 
ATOM 126  C CB  . PHE A 1 30  ? 11.180  3.685   -5.918  1.00 214.21 ? 122 PHE A CB  1 
ATOM 127  C CG  . PHE A 1 30  ? 12.076  2.712   -5.210  1.00 223.13 ? 122 PHE A CG  1 
ATOM 128  C CD1 . PHE A 1 30  ? 13.248  2.271   -5.801  1.00 226.44 ? 122 PHE A CD1 1 
ATOM 129  C CD2 . PHE A 1 30  ? 11.753  2.248   -3.946  1.00 223.55 ? 122 PHE A CD2 1 
ATOM 130  C CE1 . PHE A 1 30  ? 14.077  1.377   -5.147  1.00 226.72 ? 122 PHE A CE1 1 
ATOM 131  C CE2 . PHE A 1 30  ? 12.579  1.354   -3.287  1.00 224.55 ? 122 PHE A CE2 1 
ATOM 132  C CZ  . PHE A 1 30  ? 13.741  0.918   -3.889  1.00 225.60 ? 122 PHE A CZ  1 
ATOM 133  N N   . ILE A 1 31  ? 9.004   1.427   -6.621  1.00 220.87 ? 123 ILE A N   1 
ATOM 134  C CA  . ILE A 1 31  ? 8.521   0.068   -6.412  1.00 223.54 ? 123 ILE A CA  1 
ATOM 135  C C   . ILE A 1 31  ? 8.047   -0.563  -7.714  1.00 222.26 ? 123 ILE A C   1 
ATOM 136  O O   . ILE A 1 31  ? 8.342   -1.725  -7.996  1.00 218.62 ? 123 ILE A O   1 
ATOM 137  C CB  . ILE A 1 31  ? 7.359   0.040   -5.410  1.00 223.89 ? 123 ILE A CB  1 
ATOM 138  C CG1 . ILE A 1 31  ? 7.703   0.880   -4.179  1.00 226.43 ? 123 ILE A CG1 1 
ATOM 139  C CG2 . ILE A 1 31  ? 7.025   -1.396  -5.029  1.00 219.22 ? 123 ILE A CG2 1 
ATOM 140  C CD1 . ILE A 1 31  ? 6.519   1.158   -3.281  1.00 227.50 ? 123 ILE A CD1 1 
ATOM 141  N N   . LYS A 1 32  ? 7.297   0.205   -8.500  1.00 221.71 ? 124 LYS A N   1 
ATOM 142  C CA  . LYS A 1 32  ? 6.838   -0.276  -9.793  1.00 224.05 ? 124 LYS A CA  1 
ATOM 143  C C   . LYS A 1 32  ? 8.028   -0.569  -10.689 1.00 226.44 ? 124 LYS A C   1 
ATOM 144  O O   . LYS A 1 32  ? 8.060   -1.581  -11.389 1.00 229.38 ? 124 LYS A O   1 
ATOM 145  C CB  . LYS A 1 32  ? 5.926   0.743   -10.472 1.00 222.97 ? 124 LYS A CB  1 
ATOM 146  C CG  . LYS A 1 32  ? 5.601   0.362   -11.903 1.00 227.80 ? 124 LYS A CG  1 
ATOM 147  C CD  . LYS A 1 32  ? 4.330   1.018   -12.397 1.00 229.98 ? 124 LYS A CD  1 
ATOM 148  C CE  . LYS A 1 32  ? 3.688   0.168   -13.482 1.00 226.81 ? 124 LYS A CE  1 
ATOM 149  N NZ  . LYS A 1 32  ? 4.705   -0.363  -14.434 1.00 224.10 ? 124 LYS A NZ  1 
ATOM 150  N N   . GLU A 1 33  ? 9.006   0.330   -10.661 1.00 223.58 ? 125 GLU A N   1 
ATOM 151  C CA  . GLU A 1 33  ? 10.235  0.162   -11.423 1.00 226.57 ? 125 GLU A CA  1 
ATOM 152  C C   . GLU A 1 33  ? 10.968  -1.098  -10.978 1.00 230.12 ? 125 GLU A C   1 
ATOM 153  O O   . GLU A 1 33  ? 11.796  -1.637  -11.711 1.00 232.26 ? 125 GLU A O   1 
ATOM 154  C CB  . GLU A 1 33  ? 11.138  1.382   -11.248 1.00 226.49 ? 125 GLU A CB  1 
ATOM 155  C CG  . GLU A 1 33  ? 10.495  2.695   -11.667 1.00 229.32 ? 125 GLU A CG  1 
ATOM 156  C CD  . GLU A 1 33  ? 11.233  3.905   -11.127 1.00 233.74 ? 125 GLU A CD  1 
ATOM 157  O OE1 . GLU A 1 33  ? 12.256  3.717   -10.437 1.00 235.43 ? 125 GLU A OE1 1 
ATOM 158  O OE2 . GLU A 1 33  ? 10.791  5.045   -11.389 1.00 237.04 ? 125 GLU A OE2 1 
ATOM 159  N N   . LYS A 1 34  ? 10.659  -1.560  -9.769  1.00 229.67 ? 126 LYS A N   1 
ATOM 160  C CA  . LYS A 1 34  ? 11.236  -2.795  -9.247  1.00 227.86 ? 126 LYS A CA  1 
ATOM 161  C C   . LYS A 1 34  ? 10.243  -3.951  -9.324  1.00 222.06 ? 126 LYS A C   1 
ATOM 162  O O   . LYS A 1 34  ? 10.327  -4.907  -8.552  1.00 216.18 ? 126 LYS A O   1 
ATOM 163  C CB  . LYS A 1 34  ? 11.717  -2.604  -7.807  1.00 224.31 ? 126 LYS A CB  1 
ATOM 164  C CG  . LYS A 1 34  ? 13.046  -1.874  -7.683  1.00 221.77 ? 126 LYS A CG  1 
ATOM 165  C CD  . LYS A 1 34  ? 13.593  -1.976  -6.268  1.00 222.09 ? 126 LYS A CD  1 
ATOM 166  C CE  . LYS A 1 34  ? 15.063  -1.590  -6.209  1.00 219.80 ? 126 LYS A CE  1 
ATOM 167  N NZ  . LYS A 1 34  ? 15.607  -1.690  -4.823  1.00 222.52 ? 126 LYS A NZ  1 
ATOM 168  N N   . GLY A 1 35  ? 9.308   -3.853  -10.264 1.00 222.28 ? 127 GLY A N   1 
ATOM 169  C CA  . GLY A 1 35  ? 8.311   -4.887  -10.475 1.00 221.31 ? 127 GLY A CA  1 
ATOM 170  C C   . GLY A 1 35  ? 7.713   -5.384  -9.176  1.00 225.45 ? 127 GLY A C   1 
ATOM 171  O O   . GLY A 1 35  ? 7.681   -6.587  -8.915  1.00 224.34 ? 127 GLY A O   1 
ATOM 172  N N   . GLY A 1 36  ? 7.239   -4.452  -8.356  1.00 224.03 ? 128 GLY A N   1 
ATOM 173  C CA  . GLY A 1 36  ? 6.665   -4.799  -7.071  1.00 228.01 ? 128 GLY A CA  1 
ATOM 174  C C   . GLY A 1 36  ? 5.184   -4.492  -6.974  1.00 232.00 ? 128 GLY A C   1 
ATOM 175  O O   . GLY A 1 36  ? 4.702   -3.521  -7.560  1.00 228.29 ? 128 GLY A O   1 
ATOM 176  N N   . LEU A 1 37  ? 4.467   -5.339  -6.239  1.00 230.79 ? 129 LEU A N   1 
ATOM 177  C CA  . LEU A 1 37  ? 3.053   -5.125  -5.921  1.00 227.73 ? 129 LEU A CA  1 
ATOM 178  C C   . LEU A 1 37  ? 2.085   -5.435  -7.060  1.00 224.01 ? 129 LEU A C   1 
ATOM 179  O O   . LEU A 1 37  ? 1.048   -6.061  -6.842  1.00 217.91 ? 129 LEU A O   1 
ATOM 180  C CB  . LEU A 1 37  ? 2.818   -3.699  -5.415  1.00 231.65 ? 129 LEU A CB  1 
ATOM 181  C CG  . LEU A 1 37  ? 3.299   -3.381  -4.000  1.00 235.30 ? 129 LEU A CG  1 
ATOM 182  C CD1 . LEU A 1 37  ? 2.927   -1.953  -3.625  1.00 230.46 ? 129 LEU A CD1 1 
ATOM 183  C CD2 . LEU A 1 37  ? 2.715   -4.369  -3.004  1.00 225.19 ? 129 LEU A CD2 1 
ATOM 184  N N   . GLU A 1 38  ? 2.418   -4.987  -8.265  1.00 228.50 ? 130 GLU A N   1 
ATOM 185  C CA  . GLU A 1 38  ? 1.515   -5.115  -9.404  1.00 228.26 ? 130 GLU A CA  1 
ATOM 186  C C   . GLU A 1 38  ? 0.911   -6.511  -9.529  1.00 221.69 ? 130 GLU A C   1 
ATOM 187  O O   . GLU A 1 38  ? 1.594   -7.461  -9.911  1.00 218.86 ? 130 GLU A O   1 
ATOM 188  C CB  . GLU A 1 38  ? 2.226   -4.734  -10.704 1.00 230.33 ? 130 GLU A CB  1 
ATOM 189  C CG  . GLU A 1 38  ? 1.279   -4.516  -11.872 1.00 230.83 ? 130 GLU A CG  1 
ATOM 190  C CD  . GLU A 1 38  ? 0.379   -3.312  -11.666 1.00 229.61 ? 130 GLU A CD  1 
ATOM 191  O OE1 . GLU A 1 38  ? 0.876   -2.274  -11.179 1.00 228.94 ? 130 GLU A OE1 1 
ATOM 192  O OE2 . GLU A 1 38  ? -0.823  -3.402  -11.996 1.00 226.53 ? 130 GLU A OE2 1 
ATOM 193  N N   . GLY A 1 39  ? -0.373  -6.625  -9.205  1.00 216.63 ? 131 GLY A N   1 
ATOM 194  C CA  . GLY A 1 39  ? -1.090  -7.878  -9.353  1.00 214.79 ? 131 GLY A CA  1 
ATOM 195  C C   . GLY A 1 39  ? -0.907  -8.842  -8.198  1.00 219.83 ? 131 GLY A C   1 
ATOM 196  O O   . GLY A 1 39  ? -1.395  -9.971  -8.244  1.00 224.52 ? 131 GLY A O   1 
ATOM 197  N N   . ILE A 1 40  ? -0.205  -8.404  -7.158  1.00 218.48 ? 132 ILE A N   1 
ATOM 198  C CA  . ILE A 1 40  ? 0.038   -9.253  -5.994  1.00 218.04 ? 132 ILE A CA  1 
ATOM 199  C C   . ILE A 1 40  ? -1.154  -9.237  -5.045  1.00 214.23 ? 132 ILE A C   1 
ATOM 200  O O   . ILE A 1 40  ? -1.781  -8.199  -4.834  1.00 215.19 ? 132 ILE A O   1 
ATOM 201  C CB  . ILE A 1 40  ? 1.314   -8.841  -5.239  1.00 218.53 ? 132 ILE A CB  1 
ATOM 202  C CG1 . ILE A 1 40  ? 2.507   -8.812  -6.195  1.00 221.67 ? 132 ILE A CG1 1 
ATOM 203  C CG2 . ILE A 1 40  ? 1.579   -9.791  -4.078  1.00 207.14 ? 132 ILE A CG2 1 
ATOM 204  C CD1 . ILE A 1 40  ? 3.827   -8.537  -5.516  1.00 217.27 ? 132 ILE A CD1 1 
ATOM 205  N N   . TYR A 1 41  ? -1.459  -10.396 -4.472  1.00 212.25 ? 133 TYR A N   1 
ATOM 206  C CA  . TYR A 1 41  ? -2.641  -10.548 -3.631  1.00 213.61 ? 133 TYR A CA  1 
ATOM 207  C C   . TYR A 1 41  ? -2.445  -9.944  -2.244  1.00 206.15 ? 133 TYR A C   1 
ATOM 208  O O   . TYR A 1 41  ? -1.349  -9.980  -1.686  1.00 205.13 ? 133 TYR A O   1 
ATOM 209  C CB  . TYR A 1 41  ? -3.044  -12.021 -3.544  1.00 221.20 ? 133 TYR A CB  1 
ATOM 210  C CG  . TYR A 1 41  ? -3.501  -12.586 -4.871  1.00 230.34 ? 133 TYR A CG  1 
ATOM 211  C CD1 . TYR A 1 41  ? -4.801  -13.046 -5.046  1.00 230.71 ? 133 TYR A CD1 1 
ATOM 212  C CD2 . TYR A 1 41  ? -2.638  -12.636 -5.959  1.00 233.00 ? 133 TYR A CD2 1 
ATOM 213  C CE1 . TYR A 1 41  ? -5.222  -13.553 -6.261  1.00 233.99 ? 133 TYR A CE1 1 
ATOM 214  C CE2 . TYR A 1 41  ? -3.050  -13.140 -7.178  1.00 237.99 ? 133 TYR A CE2 1 
ATOM 215  C CZ  . TYR A 1 41  ? -4.343  -13.597 -7.324  1.00 240.38 ? 133 TYR A CZ  1 
ATOM 216  O OH  . TYR A 1 41  ? -4.758  -14.100 -8.536  1.00 243.89 ? 133 TYR A OH  1 
ATOM 217  N N   . TYR A 1 42  ? -3.521  -9.390  -1.699  1.00 200.44 ? 134 TYR A N   1 
ATOM 218  C CA  . TYR A 1 42  ? -3.448  -8.629  -0.459  1.00 199.51 ? 134 TYR A CA  1 
ATOM 219  C C   . TYR A 1 42  ? -3.921  -9.414  0.757   1.00 193.10 ? 134 TYR A C   1 
ATOM 220  O O   . TYR A 1 42  ? -4.860  -10.206 0.681   1.00 191.24 ? 134 TYR A O   1 
ATOM 221  C CB  . TYR A 1 42  ? -4.259  -7.337  -0.586  1.00 203.52 ? 134 TYR A CB  1 
ATOM 222  C CG  . TYR A 1 42  ? -4.314  -6.515  0.683   1.00 202.26 ? 134 TYR A CG  1 
ATOM 223  C CD1 . TYR A 1 42  ? -3.451  -5.446  0.877   1.00 202.07 ? 134 TYR A CD1 1 
ATOM 224  C CD2 . TYR A 1 42  ? -5.232  -6.804  1.684   1.00 200.43 ? 134 TYR A CD2 1 
ATOM 225  C CE1 . TYR A 1 42  ? -3.496  -4.690  2.032   1.00 199.73 ? 134 TYR A CE1 1 
ATOM 226  C CE2 . TYR A 1 42  ? -5.285  -6.055  2.844   1.00 199.93 ? 134 TYR A CE2 1 
ATOM 227  C CZ  . TYR A 1 42  ? -4.415  -4.999  3.012   1.00 200.49 ? 134 TYR A CZ  1 
ATOM 228  O OH  . TYR A 1 42  ? -4.460  -4.246  4.163   1.00 203.16 ? 134 TYR A OH  1 
ATOM 229  N N   . SER A 1 43  ? -3.256  -9.177  1.881   1.00 189.33 ? 135 SER A N   1 
ATOM 230  C CA  . SER A 1 43  ? -3.678  -9.715  3.163   1.00 191.97 ? 135 SER A CA  1 
ATOM 231  C C   . SER A 1 43  ? -3.295  -8.717  4.243   1.00 190.58 ? 135 SER A C   1 
ATOM 232  O O   . SER A 1 43  ? -2.263  -8.056  4.142   1.00 186.28 ? 135 SER A O   1 
ATOM 233  C CB  . SER A 1 43  ? -3.008  -11.059 3.435   1.00 194.66 ? 135 SER A CB  1 
ATOM 234  O OG  . SER A 1 43  ? -1.653  -10.882 3.804   1.00 189.35 ? 135 SER A OG  1 
ATOM 235  N N   . ALA A 1 44  ? -4.131  -8.602  5.270   1.00 196.87 ? 136 ALA A N   1 
ATOM 236  C CA  . ALA A 1 44  ? -3.866  -7.689  6.375   1.00 200.80 ? 136 ALA A CA  1 
ATOM 237  C C   . ALA A 1 44  ? -2.487  -7.949  6.967   1.00 194.31 ? 136 ALA A C   1 
ATOM 238  O O   . ALA A 1 44  ? -1.916  -7.099  7.649   1.00 189.48 ? 136 ALA A O   1 
ATOM 239  C CB  . ALA A 1 44  ? -4.937  -7.821  7.438   1.00 205.71 ? 136 ALA A CB  1 
ATOM 240  N N   . ARG A 1 45  ? -1.963  -9.140  6.705   1.00 195.46 ? 137 ARG A N   1 
ATOM 241  C CA  . ARG A 1 45  ? -0.613  -9.489  7.110   1.00 197.98 ? 137 ARG A CA  1 
ATOM 242  C C   . ARG A 1 45  ? 0.379   -8.852  6.149   1.00 187.82 ? 137 ARG A C   1 
ATOM 243  O O   . ARG A 1 45  ? 1.324   -8.185  6.567   1.00 185.64 ? 137 ARG A O   1 
ATOM 244  C CB  . ARG A 1 45  ? -0.445  -11.008 7.115   1.00 206.03 ? 137 ARG A CB  1 
ATOM 245  C CG  . ARG A 1 45  ? 0.974   -11.480 7.365   1.00 201.52 ? 137 ARG A CG  1 
ATOM 246  C CD  . ARG A 1 45  ? 1.035   -12.998 7.437   1.00 198.97 ? 137 ARG A CD  1 
ATOM 247  N NE  . ARG A 1 45  ? 2.409   -13.488 7.473   1.00 192.97 ? 137 ARG A NE  1 
ATOM 248  C CZ  . ARG A 1 45  ? 3.119   -13.791 6.393   1.00 193.03 ? 137 ARG A CZ  1 
ATOM 249  N NH1 . ARG A 1 45  ? 2.586   -13.656 5.186   1.00 187.81 ? 137 ARG A NH1 1 
ATOM 250  N NH2 . ARG A 1 45  ? 4.363   -14.231 6.518   1.00 192.13 ? 137 ARG A NH2 1 
ATOM 251  N N   . ARG A 1 46  ? 0.149   -9.054  4.857   1.00 185.44 ? 138 ARG A N   1 
ATOM 252  C CA  . ARG A 1 46  ? 1.007   -8.490  3.823   1.00 186.43 ? 138 ARG A CA  1 
ATOM 253  C C   . ARG A 1 46  ? 1.011   -6.967  3.875   1.00 187.29 ? 138 ARG A C   1 
ATOM 254  O O   . ARG A 1 46  ? 1.984   -6.325  3.476   1.00 183.40 ? 138 ARG A O   1 
ATOM 255  C CB  . ARG A 1 46  ? 0.571   -8.974  2.441   1.00 189.45 ? 138 ARG A CB  1 
ATOM 256  C CG  . ARG A 1 46  ? 0.775   -10.462 2.224   1.00 195.64 ? 138 ARG A CG  1 
ATOM 257  C CD  . ARG A 1 46  ? 0.698   -10.820 0.753   1.00 206.39 ? 138 ARG A CD  1 
ATOM 258  N NE  . ARG A 1 46  ? 0.867   -12.253 0.530   1.00 212.34 ? 138 ARG A NE  1 
ATOM 259  C CZ  . ARG A 1 46  ? 1.115   -12.798 -0.657  1.00 213.31 ? 138 ARG A CZ  1 
ATOM 260  N NH1 . ARG A 1 46  ? 1.230   -12.030 -1.732  1.00 211.26 ? 138 ARG A NH1 1 
ATOM 261  N NH2 . ARG A 1 46  ? 1.255   -14.112 -0.767  1.00 216.43 ? 138 ARG A NH2 1 
ATOM 262  N N   . HIS A 1 47  ? -0.083  -6.395  4.366   1.00 190.83 ? 139 HIS A N   1 
ATOM 263  C CA  . HIS A 1 47  ? -0.179  -4.951  4.539   1.00 192.37 ? 139 HIS A CA  1 
ATOM 264  C C   . HIS A 1 47  ? 0.955   -4.461  5.427   1.00 189.79 ? 139 HIS A C   1 
ATOM 265  O O   . HIS A 1 47  ? 1.759   -3.623  5.017   1.00 191.99 ? 139 HIS A O   1 
ATOM 266  C CB  . HIS A 1 47  ? -1.529  -4.567  5.153   1.00 197.71 ? 139 HIS A CB  1 
ATOM 267  C CG  . HIS A 1 47  ? -1.678  -3.100  5.426   1.00 197.77 ? 139 HIS A CG  1 
ATOM 268  N ND1 . HIS A 1 47  ? -1.220  -2.508  6.584   1.00 199.23 ? 139 HIS A ND1 1 
ATOM 269  C CD2 . HIS A 1 47  ? -2.243  -2.108  4.697   1.00 195.48 ? 139 HIS A CD2 1 
ATOM 270  C CE1 . HIS A 1 47  ? -1.491  -1.216  6.554   1.00 194.68 ? 139 HIS A CE1 1 
ATOM 271  N NE2 . HIS A 1 47  ? -2.112  -0.946  5.419   1.00 192.91 ? 139 HIS A NE2 1 
ATOM 272  N N   . ARG A 1 48  ? 1.019   -4.991  6.644   1.00 187.89 ? 140 ARG A N   1 
ATOM 273  C CA  . ARG A 1 48  ? 2.061   -4.600  7.582   1.00 184.98 ? 140 ARG A CA  1 
ATOM 274  C C   . ARG A 1 48  ? 3.439   -4.946  7.032   1.00 182.44 ? 140 ARG A C   1 
ATOM 275  O O   . ARG A 1 48  ? 4.425   -4.281  7.346   1.00 183.62 ? 140 ARG A O   1 
ATOM 276  C CB  . ARG A 1 48  ? 1.846   -5.263  8.941   1.00 181.64 ? 140 ARG A CB  1 
ATOM 277  C CG  . ARG A 1 48  ? 2.789   -4.759  10.017  1.00 181.04 ? 140 ARG A CG  1 
ATOM 278  C CD  . ARG A 1 48  ? 2.300   -5.156  11.393  1.00 191.52 ? 140 ARG A CD  1 
ATOM 279  N NE  . ARG A 1 48  ? 3.264   -4.828  12.438  1.00 198.75 ? 140 ARG A NE  1 
ATOM 280  C CZ  . ARG A 1 48  ? 3.050   -5.028  13.734  1.00 201.46 ? 140 ARG A CZ  1 
ATOM 281  N NH1 . ARG A 1 48  ? 1.902   -5.551  14.142  1.00 196.98 ? 140 ARG A NH1 1 
ATOM 282  N NH2 . ARG A 1 48  ? 3.979   -4.705  14.623  1.00 201.10 ? 140 ARG A NH2 1 
ATOM 283  N N   . ILE A 1 49  ? 3.504   -5.985  6.205   1.00 180.10 ? 141 ILE A N   1 
ATOM 284  C CA  . ILE A 1 49  ? 4.757   -6.371  5.576   1.00 179.35 ? 141 ILE A CA  1 
ATOM 285  C C   . ILE A 1 49  ? 5.307   -5.204  4.764   1.00 178.21 ? 141 ILE A C   1 
ATOM 286  O O   . ILE A 1 49  ? 6.513   -4.952  4.744   1.00 175.86 ? 141 ILE A O   1 
ATOM 287  C CB  . ILE A 1 49  ? 4.573   -7.591  4.657   1.00 184.50 ? 141 ILE A CB  1 
ATOM 288  C CG1 . ILE A 1 49  ? 4.188   -8.821  5.479   1.00 187.78 ? 141 ILE A CG1 1 
ATOM 289  C CG2 . ILE A 1 49  ? 5.845   -7.858  3.877   1.00 188.22 ? 141 ILE A CG2 1 
ATOM 290  C CD1 . ILE A 1 49  ? 4.076   -10.093 4.662   1.00 192.61 ? 141 ILE A CD1 1 
ATOM 291  N N   . LEU A 1 50  ? 4.404   -4.495  4.100   1.00 182.25 ? 142 LEU A N   1 
ATOM 292  C CA  . LEU A 1 50  ? 4.766   -3.313  3.335   1.00 185.81 ? 142 LEU A CA  1 
ATOM 293  C C   . LEU A 1 50  ? 5.179   -2.175  4.259   1.00 182.78 ? 142 LEU A C   1 
ATOM 294  O O   . LEU A 1 50  ? 6.273   -1.623  4.125   1.00 178.33 ? 142 LEU A O   1 
ATOM 295  C CB  . LEU A 1 50  ? 3.593   -2.875  2.459   1.00 189.50 ? 142 LEU A CB  1 
ATOM 296  C CG  . LEU A 1 50  ? 3.759   -1.527  1.757   1.00 190.79 ? 142 LEU A CG  1 
ATOM 297  C CD1 . LEU A 1 50  ? 5.093   -1.464  1.030   1.00 192.67 ? 142 LEU A CD1 1 
ATOM 298  C CD2 . LEU A 1 50  ? 2.600   -1.285  0.802   1.00 195.37 ? 142 LEU A CD2 1 
ATOM 299  N N   . ASP A 1 51  ? 4.294   -1.830  5.192   1.00 184.53 ? 143 ASP A N   1 
ATOM 300  C CA  . ASP A 1 51  ? 4.560   -0.786  6.178   1.00 187.03 ? 143 ASP A CA  1 
ATOM 301  C C   . ASP A 1 51  ? 5.998   -0.850  6.673   1.00 188.86 ? 143 ASP A C   1 
ATOM 302  O O   . ASP A 1 51  ? 6.634   0.177   6.914   1.00 193.15 ? 143 ASP A O   1 
ATOM 303  C CB  . ASP A 1 51  ? 3.605   -0.915  7.371   1.00 186.32 ? 143 ASP A CB  1 
ATOM 304  C CG  . ASP A 1 51  ? 2.354   -0.064  7.219   1.00 188.32 ? 143 ASP A CG  1 
ATOM 305  O OD1 . ASP A 1 51  ? 2.396   0.931   6.465   1.00 190.01 ? 143 ASP A OD1 1 
ATOM 306  O OD2 . ASP A 1 51  ? 1.334   -0.387  7.864   1.00 183.20 ? 143 ASP A OD2 1 
ATOM 307  N N   . ILE A 1 52  ? 6.506   -2.069  6.808   1.00 183.73 ? 144 ILE A N   1 
ATOM 308  C CA  . ILE A 1 52  ? 7.809   -2.290  7.414   1.00 185.05 ? 144 ILE A CA  1 
ATOM 309  C C   . ILE A 1 52  ? 8.965   -2.079  6.443   1.00 186.27 ? 144 ILE A C   1 
ATOM 310  O O   . ILE A 1 52  ? 9.979   -1.484  6.806   1.00 190.76 ? 144 ILE A O   1 
ATOM 311  C CB  . ILE A 1 52  ? 7.897   -3.685  8.042   1.00 186.76 ? 144 ILE A CB  1 
ATOM 312  C CG1 . ILE A 1 52  ? 6.815   -3.834  9.115   1.00 189.67 ? 144 ILE A CG1 1 
ATOM 313  C CG2 . ILE A 1 52  ? 9.281   -3.913  8.625   1.00 189.43 ? 144 ILE A CG2 1 
ATOM 314  C CD1 . ILE A 1 52  ? 6.599   -5.253  9.590   1.00 194.21 ? 144 ILE A CD1 1 
ATOM 315  N N   . TYR A 1 53  ? 8.820   -2.560  5.213   1.00 181.09 ? 145 TYR A N   1 
ATOM 316  C CA  . TYR A 1 53  ? 9.866   -2.357  4.220   1.00 188.54 ? 145 TYR A CA  1 
ATOM 317  C C   . TYR A 1 53  ? 10.279  -0.889  4.175   1.00 190.55 ? 145 TYR A C   1 
ATOM 318  O O   . TYR A 1 53  ? 11.468  -0.567  4.179   1.00 187.83 ? 145 TYR A O   1 
ATOM 319  C CB  . TYR A 1 53  ? 9.412   -2.808  2.831   1.00 188.84 ? 145 TYR A CB  1 
ATOM 320  C CG  . TYR A 1 53  ? 10.440  -2.523  1.758   1.00 197.09 ? 145 TYR A CG  1 
ATOM 321  C CD1 . TYR A 1 53  ? 11.315  -3.510  1.326   1.00 203.27 ? 145 TYR A CD1 1 
ATOM 322  C CD2 . TYR A 1 53  ? 10.548  -1.261  1.189   1.00 198.03 ? 145 TYR A CD2 1 
ATOM 323  C CE1 . TYR A 1 53  ? 12.263  -3.252  0.353   1.00 209.75 ? 145 TYR A CE1 1 
ATOM 324  C CE2 . TYR A 1 53  ? 11.493  -0.993  0.217   1.00 206.22 ? 145 TYR A CE2 1 
ATOM 325  C CZ  . TYR A 1 53  ? 12.347  -1.991  -0.199  1.00 211.71 ? 145 TYR A CZ  1 
ATOM 326  O OH  . TYR A 1 53  ? 13.288  -1.725  -1.169  1.00 209.29 ? 145 TYR A OH  1 
ATOM 327  N N   . LEU A 1 54  ? 9.288   -0.002  4.135   1.00 191.09 ? 146 LEU A N   1 
ATOM 328  C CA  . LEU A 1 54  ? 9.542   1.431   4.060   1.00 189.23 ? 146 LEU A CA  1 
ATOM 329  C C   . LEU A 1 54  ? 10.341  1.920   5.255   1.00 189.62 ? 146 LEU A C   1 
ATOM 330  O O   . LEU A 1 54  ? 11.171  2.818   5.132   1.00 193.23 ? 146 LEU A O   1 
ATOM 331  C CB  . LEU A 1 54  ? 8.229   2.208   3.984   1.00 189.88 ? 146 LEU A CB  1 
ATOM 332  C CG  . LEU A 1 54  ? 7.269   1.838   2.857   1.00 188.77 ? 146 LEU A CG  1 
ATOM 333  C CD1 . LEU A 1 54  ? 6.343   3.005   2.578   1.00 184.64 ? 146 LEU A CD1 1 
ATOM 334  C CD2 . LEU A 1 54  ? 8.037   1.454   1.604   1.00 190.02 ? 146 LEU A CD2 1 
ATOM 335  N N   . GLU A 1 55  ? 10.079  1.334   6.415   1.00 185.02 ? 147 GLU A N   1 
ATOM 336  C CA  . GLU A 1 55  ? 10.726  1.770   7.641   1.00 185.58 ? 147 GLU A CA  1 
ATOM 337  C C   . GLU A 1 55  ? 12.160  1.250   7.752   1.00 188.45 ? 147 GLU A C   1 
ATOM 338  O O   . GLU A 1 55  ? 13.058  1.984   8.159   1.00 188.52 ? 147 GLU A O   1 
ATOM 339  C CB  . GLU A 1 55  ? 9.899   1.349   8.856   1.00 179.74 ? 147 GLU A CB  1 
ATOM 340  C CG  . GLU A 1 55  ? 10.389  1.936   10.166  1.00 184.44 ? 147 GLU A CG  1 
ATOM 341  C CD  . GLU A 1 55  ? 9.396   1.740   11.292  1.00 187.15 ? 147 GLU A CD  1 
ATOM 342  O OE1 . GLU A 1 55  ? 8.197   1.559   10.997  1.00 183.19 ? 147 GLU A OE1 1 
ATOM 343  O OE2 . GLU A 1 55  ? 9.809   1.769   12.471  1.00 190.68 ? 147 GLU A OE2 1 
ATOM 344  N N   . LYS A 1 56  ? 12.373  -0.012  7.389   1.00 189.29 ? 148 LYS A N   1 
ATOM 345  C CA  . LYS A 1 56  ? 13.703  -0.615  7.473   1.00 192.25 ? 148 LYS A CA  1 
ATOM 346  C C   . LYS A 1 56  ? 14.615  -0.144  6.345   1.00 192.89 ? 148 LYS A C   1 
ATOM 347  O O   . LYS A 1 56  ? 15.829  -0.038  6.519   1.00 193.10 ? 148 LYS A O   1 
ATOM 348  C CB  . LYS A 1 56  ? 13.621  -2.146  7.459   1.00 190.60 ? 148 LYS A CB  1 
ATOM 349  C CG  . LYS A 1 56  ? 12.872  -2.763  8.632   1.00 188.76 ? 148 LYS A CG  1 
ATOM 350  C CD  . LYS A 1 56  ? 13.545  -2.482  9.969   1.00 182.55 ? 148 LYS A CD  1 
ATOM 351  C CE  . LYS A 1 56  ? 12.726  -3.073  11.109  1.00 177.03 ? 148 LYS A CE  1 
ATOM 352  N NZ  . LYS A 1 56  ? 13.211  -2.663  12.455  1.00 168.95 ? 148 LYS A NZ  1 
ATOM 353  N N   . GLU A 1 57  ? 14.026  0.139   5.188   1.00 191.61 ? 149 GLU A N   1 
ATOM 354  C CA  . GLU A 1 57  ? 14.802  0.479   4.002   1.00 194.19 ? 149 GLU A CA  1 
ATOM 355  C C   . GLU A 1 57  ? 14.801  1.975   3.706   1.00 200.36 ? 149 GLU A C   1 
ATOM 356  O O   . GLU A 1 57  ? 15.786  2.513   3.202   1.00 206.22 ? 149 GLU A O   1 
ATOM 357  C CB  . GLU A 1 57  ? 14.287  -0.298  2.789   1.00 193.28 ? 149 GLU A CB  1 
ATOM 358  C CG  . GLU A 1 57  ? 14.149  -1.791  3.036   1.00 198.11 ? 149 GLU A CG  1 
ATOM 359  C CD  . GLU A 1 57  ? 15.449  -2.433  3.483   1.00 202.47 ? 149 GLU A CD  1 
ATOM 360  O OE1 . GLU A 1 57  ? 16.516  -2.029  2.973   1.00 204.43 ? 149 GLU A OE1 1 
ATOM 361  O OE2 . GLU A 1 57  ? 15.404  -3.342  4.339   1.00 199.33 ? 149 GLU A OE2 1 
ATOM 362  N N   . GLU A 1 58  ? 13.697  2.646   4.023   1.00 199.66 ? 150 GLU A N   1 
ATOM 363  C CA  . GLU A 1 58  ? 13.562  4.064   3.705   1.00 201.32 ? 150 GLU A CA  1 
ATOM 364  C C   . GLU A 1 58  ? 13.212  4.923   4.923   1.00 200.53 ? 150 GLU A C   1 
ATOM 365  O O   . GLU A 1 58  ? 12.974  6.123   4.795   1.00 199.42 ? 150 GLU A O   1 
ATOM 366  C CB  . GLU A 1 58  ? 12.520  4.267   2.601   1.00 197.57 ? 150 GLU A CB  1 
ATOM 367  C CG  . GLU A 1 58  ? 12.649  3.295   1.434   1.00 198.69 ? 150 GLU A CG  1 
ATOM 368  C CD  . GLU A 1 58  ? 14.002  3.367   0.751   1.00 197.03 ? 150 GLU A CD  1 
ATOM 369  O OE1 . GLU A 1 58  ? 14.639  4.440   0.799   1.00 196.99 ? 150 GLU A OE1 1 
ATOM 370  O OE2 . GLU A 1 58  ? 14.426  2.349   0.163   1.00 193.78 ? 150 GLU A OE2 1 
ATOM 371  N N   . GLY A 1 59  ? 13.182  4.302   6.100   1.00 202.39 ? 151 GLY A N   1 
ATOM 372  C CA  . GLY A 1 59  ? 12.917  5.016   7.339   1.00 201.26 ? 151 GLY A CA  1 
ATOM 373  C C   . GLY A 1 59  ? 11.681  5.892   7.296   1.00 197.48 ? 151 GLY A C   1 
ATOM 374  O O   . GLY A 1 59  ? 11.683  7.017   7.802   1.00 199.09 ? 151 GLY A O   1 
ATOM 375  N N   . ILE A 1 60  ? 10.617  5.375   6.693   1.00 192.65 ? 152 ILE A N   1 
ATOM 376  C CA  . ILE A 1 60  ? 9.374   6.123   6.564   1.00 190.23 ? 152 ILE A CA  1 
ATOM 377  C C   . ILE A 1 60  ? 8.383   5.750   7.653   1.00 188.75 ? 152 ILE A C   1 
ATOM 378  O O   . ILE A 1 60  ? 8.091   4.573   7.863   1.00 190.90 ? 152 ILE A O   1 
ATOM 379  C CB  . ILE A 1 60  ? 8.712   5.885   5.198   1.00 192.47 ? 152 ILE A CB  1 
ATOM 380  C CG1 . ILE A 1 60  ? 9.583   6.457   4.080   1.00 196.00 ? 152 ILE A CG1 1 
ATOM 381  C CG2 . ILE A 1 60  ? 7.322   6.503   5.167   1.00 193.76 ? 152 ILE A CG2 1 
ATOM 382  C CD1 . ILE A 1 60  ? 9.012   6.246   2.697   1.00 200.68 ? 152 ILE A CD1 1 
ATOM 383  N N   . ILE A 1 61  ? 7.868   6.762   8.343   1.00 187.23 ? 153 ILE A N   1 
ATOM 384  C CA  . ILE A 1 61  ? 6.858   6.558   9.370   1.00 189.82 ? 153 ILE A CA  1 
ATOM 385  C C   . ILE A 1 61  ? 5.589   5.979   8.753   1.00 189.82 ? 153 ILE A C   1 
ATOM 386  O O   . ILE A 1 61  ? 4.891   6.658   7.997   1.00 186.71 ? 153 ILE A O   1 
ATOM 387  C CB  . ILE A 1 61  ? 6.534   7.869   10.106  1.00 192.50 ? 153 ILE A CB  1 
ATOM 388  C CG1 . ILE A 1 61  ? 7.809   8.469   10.700  1.00 192.43 ? 153 ILE A CG1 1 
ATOM 389  C CG2 . ILE A 1 61  ? 5.495   7.627   11.188  1.00 190.10 ? 153 ILE A CG2 1 
ATOM 390  C CD1 . ILE A 1 61  ? 7.589   9.769   11.443  1.00 191.48 ? 153 ILE A CD1 1 
ATOM 391  N N   . PRO A 1 62  ? 5.295   4.708   9.069   1.00 184.22 ? 154 PRO A N   1 
ATOM 392  C CA  . PRO A 1 62  ? 4.175   3.954   8.496   1.00 177.42 ? 154 PRO A CA  1 
ATOM 393  C C   . PRO A 1 62  ? 2.813   4.410   9.018   1.00 180.52 ? 154 PRO A C   1 
ATOM 394  O O   . PRO A 1 62  ? 1.885   3.604   9.086   1.00 183.59 ? 154 PRO A O   1 
ATOM 395  C CB  . PRO A 1 62  ? 4.462   2.512   8.938   1.00 181.49 ? 154 PRO A CB  1 
ATOM 396  C CG  . PRO A 1 62  ? 5.910   2.505   9.340   1.00 175.72 ? 154 PRO A CG  1 
ATOM 397  C CD  . PRO A 1 62  ? 6.137   3.857   9.923   1.00 179.75 ? 154 PRO A CD  1 
ATOM 398  N N   . ASP A 1 63  ? 2.698   5.684   9.378   1.00 181.88 ? 155 ASP A N   1 
ATOM 399  C CA  . ASP A 1 63  ? 1.420   6.252   9.793   1.00 182.37 ? 155 ASP A CA  1 
ATOM 400  C C   . ASP A 1 63  ? 0.598   6.582   8.555   1.00 180.45 ? 155 ASP A C   1 
ATOM 401  O O   . ASP A 1 63  ? -0.548  7.028   8.644   1.00 182.09 ? 155 ASP A O   1 
ATOM 402  C CB  . ASP A 1 63  ? 1.642   7.515   10.631  1.00 185.68 ? 155 ASP A CB  1 
ATOM 403  C CG  . ASP A 1 63  ? 2.385   8.610   9.869   1.00 195.74 ? 155 ASP A CG  1 
ATOM 404  O OD1 . ASP A 1 63  ? 2.705   8.412   8.677   1.00 193.23 ? 155 ASP A OD1 1 
ATOM 405  O OD2 . ASP A 1 63  ? 2.649   9.675   10.468  1.00 197.49 ? 155 ASP A OD2 1 
ATOM 406  N N   . TRP A 1 64  ? 1.204   6.341   7.400   1.00 175.62 ? 156 TRP A N   1 
ATOM 407  C CA  . TRP A 1 64  ? 0.666   6.766   6.119   1.00 175.57 ? 156 TRP A CA  1 
ATOM 408  C C   . TRP A 1 64  ? -0.318  5.757   5.540   1.00 174.73 ? 156 TRP A C   1 
ATOM 409  O O   . TRP A 1 64  ? -1.421  6.113   5.128   1.00 178.36 ? 156 TRP A O   1 
ATOM 410  C CB  . TRP A 1 64  ? 1.821   6.948   5.141   1.00 175.96 ? 156 TRP A CB  1 
ATOM 411  C CG  . TRP A 1 64  ? 2.549   5.669   4.906   1.00 170.30 ? 156 TRP A CG  1 
ATOM 412  C CD1 . TRP A 1 64  ? 3.519   5.122   5.691   1.00 168.01 ? 156 TRP A CD1 1 
ATOM 413  C CD2 . TRP A 1 64  ? 2.344   4.758   3.824   1.00 165.04 ? 156 TRP A CD2 1 
ATOM 414  N NE1 . TRP A 1 64  ? 3.939   3.928   5.158   1.00 162.98 ? 156 TRP A NE1 1 
ATOM 415  C CE2 . TRP A 1 64  ? 3.232   3.682   4.011   1.00 164.86 ? 156 TRP A CE2 1 
ATOM 416  C CE3 . TRP A 1 64  ? 1.499   4.749   2.711   1.00 167.03 ? 156 TRP A CE3 1 
ATOM 417  C CZ2 . TRP A 1 64  ? 3.298   2.610   3.127   1.00 169.93 ? 156 TRP A CZ2 1 
ATOM 418  C CZ3 . TRP A 1 64  ? 1.567   3.685   1.836   1.00 168.04 ? 156 TRP A CZ3 1 
ATOM 419  C CH2 . TRP A 1 64  ? 2.462   2.631   2.048   1.00 172.44 ? 156 TRP A CH2 1 
ATOM 420  N N   . GLN A 1 65  ? 0.089   4.493   5.509   1.00 171.96 ? 157 GLN A N   1 
ATOM 421  C CA  . GLN A 1 65  ? -0.672  3.470   4.804   1.00 176.87 ? 157 GLN A CA  1 
ATOM 422  C C   . GLN A 1 65  ? -2.060  3.251   5.391   1.00 182.85 ? 157 GLN A C   1 
ATOM 423  O O   . GLN A 1 65  ? -2.212  2.665   6.464   1.00 182.18 ? 157 GLN A O   1 
ATOM 424  C CB  . GLN A 1 65  ? 0.097   2.152   4.755   1.00 178.45 ? 157 GLN A CB  1 
ATOM 425  C CG  . GLN A 1 65  ? -0.494  1.150   3.780   1.00 182.08 ? 157 GLN A CG  1 
ATOM 426  C CD  . GLN A 1 65  ? 0.356   -0.095  3.635   1.00 186.67 ? 157 GLN A CD  1 
ATOM 427  O OE1 . GLN A 1 65  ? 1.380   -0.240  4.300   1.00 189.38 ? 157 GLN A OE1 1 
ATOM 428  N NE2 . GLN A 1 65  ? -0.065  -1.002  2.761   1.00 185.10 ? 157 GLN A NE2 1 
ATOM 429  N N   . ASP A 1 66  ? -3.066  3.727   4.665   1.00 186.49 ? 158 ASP A N   1 
ATOM 430  C CA  . ASP A 1 66  ? -4.463  3.577   5.051   1.00 189.37 ? 158 ASP A CA  1 
ATOM 431  C C   . ASP A 1 66  ? -5.317  3.602   3.782   1.00 191.19 ? 158 ASP A C   1 
ATOM 432  O O   . ASP A 1 66  ? -4.867  4.085   2.743   1.00 194.85 ? 158 ASP A O   1 
ATOM 433  C CB  . ASP A 1 66  ? -4.876  4.705   6.001   1.00 190.85 ? 158 ASP A CB  1 
ATOM 434  C CG  . ASP A 1 66  ? -6.040  4.321   6.897   1.00 193.56 ? 158 ASP A CG  1 
ATOM 435  O OD1 . ASP A 1 66  ? -6.477  3.152   6.842   1.00 196.06 ? 158 ASP A OD1 1 
ATOM 436  O OD2 . ASP A 1 66  ? -6.514  5.187   7.665   1.00 192.68 ? 158 ASP A OD2 1 
ATOM 437  N N   . TYR A 1 67  ? -6.539  3.078   3.860   1.00 187.74 ? 159 TYR A N   1 
ATOM 438  C CA  . TYR A 1 67  ? -7.405  2.991   2.683   1.00 185.02 ? 159 TYR A CA  1 
ATOM 439  C C   . TYR A 1 67  ? -8.875  3.261   3.004   1.00 186.88 ? 159 TYR A C   1 
ATOM 440  O O   . TYR A 1 67  ? -9.235  3.510   4.154   1.00 188.16 ? 159 TYR A O   1 
ATOM 441  C CB  . TYR A 1 67  ? -7.277  1.613   2.028   1.00 181.09 ? 159 TYR A CB  1 
ATOM 442  C CG  . TYR A 1 67  ? -5.854  1.178   1.769   1.00 181.56 ? 159 TYR A CG  1 
ATOM 443  C CD1 . TYR A 1 67  ? -5.291  1.295   0.507   1.00 185.07 ? 159 TYR A CD1 1 
ATOM 444  C CD2 . TYR A 1 67  ? -5.074  0.648   2.789   1.00 182.42 ? 159 TYR A CD2 1 
ATOM 445  C CE1 . TYR A 1 67  ? -3.990  0.898   0.266   1.00 187.60 ? 159 TYR A CE1 1 
ATOM 446  C CE2 . TYR A 1 67  ? -3.773  0.250   2.559   1.00 183.98 ? 159 TYR A CE2 1 
ATOM 447  C CZ  . TYR A 1 67  ? -3.235  0.376   1.295   1.00 184.02 ? 159 TYR A CZ  1 
ATOM 448  O OH  . TYR A 1 67  ? -1.940  -0.022  1.059   1.00 179.37 ? 159 TYR A OH  1 
ATOM 449  N N   . THR A 1 68  ? -9.718  3.207   1.975   1.00 186.04 ? 160 THR A N   1 
ATOM 450  C CA  . THR A 1 68  ? -11.160 3.349   2.154   1.00 189.41 ? 160 THR A CA  1 
ATOM 451  C C   . THR A 1 68  ? -11.770 1.994   2.488   1.00 192.13 ? 160 THR A C   1 
ATOM 452  O O   . THR A 1 68  ? -11.380 0.976   1.914   1.00 194.39 ? 160 THR A O   1 
ATOM 453  C CB  . THR A 1 68  ? -11.844 3.883   0.881   1.00 188.12 ? 160 THR A CB  1 
ATOM 454  O OG1 . THR A 1 68  ? -11.970 2.827   -0.079  1.00 190.06 ? 160 THR A OG1 1 
ATOM 455  C CG2 . THR A 1 68  ? -11.040 5.023   0.277   1.00 185.41 ? 160 THR A CG2 1 
ATOM 456  N N   . SER A 1 69  ? -12.725 1.978   3.411   1.00 190.06 ? 161 SER A N   1 
ATOM 457  C CA  . SER A 1 69  ? -13.372 0.731   3.797   1.00 191.82 ? 161 SER A CA  1 
ATOM 458  C C   . SER A 1 69  ? -13.872 -0.007  2.563   1.00 190.34 ? 161 SER A C   1 
ATOM 459  O O   . SER A 1 69  ? -13.598 -1.193  2.380   1.00 187.25 ? 161 SER A O   1 
ATOM 460  C CB  . SER A 1 69  ? -14.531 0.992   4.761   1.00 192.28 ? 161 SER A CB  1 
ATOM 461  O OG  . SER A 1 69  ? -15.613 1.630   4.103   1.00 194.62 ? 161 SER A OG  1 
ATOM 462  N N   . GLY A 1 70  ? -14.593 0.712   1.711   1.00 190.90 ? 162 GLY A N   1 
ATOM 463  C CA  . GLY A 1 70  ? -15.172 0.127   0.519   1.00 190.56 ? 162 GLY A CA  1 
ATOM 464  C C   . GLY A 1 70  ? -16.685 0.111   0.593   1.00 190.49 ? 162 GLY A C   1 
ATOM 465  O O   . GLY A 1 70  ? -17.289 1.008   1.180   1.00 192.64 ? 162 GLY A O   1 
ATOM 466  N N   . PRO A 1 71  ? -17.309 -0.919  0.005   1.00 184.52 ? 163 PRO A N   1 
ATOM 467  C CA  . PRO A 1 71  ? -16.616 -2.007  -0.691  1.00 185.13 ? 163 PRO A CA  1 
ATOM 468  C C   . PRO A 1 71  ? -16.105 -1.583  -2.067  1.00 185.86 ? 163 PRO A C   1 
ATOM 469  O O   . PRO A 1 71  ? -15.672 -0.444  -2.248  1.00 187.56 ? 163 PRO A O   1 
ATOM 470  C CB  . PRO A 1 71  ? -17.707 -3.076  -0.847  1.00 187.80 ? 163 PRO A CB  1 
ATOM 471  C CG  . PRO A 1 71  ? -18.826 -2.648  0.071   1.00 188.98 ? 163 PRO A CG  1 
ATOM 472  C CD  . PRO A 1 71  ? -18.755 -1.163  0.098   1.00 185.35 ? 163 PRO A CD  1 
ATOM 473  N N   . GLY A 1 72  ? -16.159 -2.499  -3.028  1.00 187.88 ? 164 GLY A N   1 
ATOM 474  C CA  . GLY A 1 72  ? -15.645 -2.227  -4.356  1.00 193.49 ? 164 GLY A CA  1 
ATOM 475  C C   . GLY A 1 72  ? -14.156 -1.955  -4.304  1.00 197.04 ? 164 GLY A C   1 
ATOM 476  O O   . GLY A 1 72  ? -13.431 -2.584  -3.532  1.00 198.09 ? 164 GLY A O   1 
ATOM 477  N N   . ILE A 1 73  ? -13.696 -1.013  -5.121  1.00 192.85 ? 165 ILE A N   1 
ATOM 478  C CA  . ILE A 1 73  ? -12.284 -0.655  -5.142  1.00 193.11 ? 165 ILE A CA  1 
ATOM 479  C C   . ILE A 1 73  ? -11.897 0.074   -3.860  1.00 194.12 ? 165 ILE A C   1 
ATOM 480  O O   . ILE A 1 73  ? -12.673 0.873   -3.330  1.00 194.51 ? 165 ILE A O   1 
ATOM 481  C CB  . ILE A 1 73  ? -11.934 0.225   -6.360  1.00 195.56 ? 165 ILE A CB  1 
ATOM 482  C CG1 . ILE A 1 73  ? -12.430 -0.424  -7.652  1.00 191.17 ? 165 ILE A CG1 1 
ATOM 483  C CG2 . ILE A 1 73  ? -10.433 0.466   -6.433  1.00 202.73 ? 165 ILE A CG2 1 
ATOM 484  C CD1 . ILE A 1 73  ? -12.021 0.323   -8.905  1.00 191.52 ? 165 ILE A CD1 1 
ATOM 485  N N   . ARG A 1 74  ? -10.700 -0.212  -3.360  1.00 194.43 ? 166 ARG A N   1 
ATOM 486  C CA  . ARG A 1 74  ? -10.191 0.445   -2.163  1.00 197.46 ? 166 ARG A CA  1 
ATOM 487  C C   . ARG A 1 74  ? -9.105  1.443   -2.530  1.00 199.99 ? 166 ARG A C   1 
ATOM 488  O O   . ARG A 1 74  ? -8.097  1.085   -3.139  1.00 204.45 ? 166 ARG A O   1 
ATOM 489  C CB  . ARG A 1 74  ? -9.632  -0.582  -1.183  1.00 196.32 ? 166 ARG A CB  1 
ATOM 490  C CG  . ARG A 1 74  ? -10.517 -1.793  -1.004  1.00 196.28 ? 166 ARG A CG  1 
ATOM 491  C CD  . ARG A 1 74  ? -11.904 -1.401  -0.535  1.00 192.23 ? 166 ARG A CD  1 
ATOM 492  N NE  . ARG A 1 74  ? -12.783 -2.564  -0.501  1.00 188.76 ? 166 ARG A NE  1 
ATOM 493  C CZ  . ARG A 1 74  ? -12.751 -3.489  0.451   1.00 188.29 ? 166 ARG A CZ  1 
ATOM 494  N NH1 . ARG A 1 74  ? -11.887 -3.383  1.453   1.00 183.46 ? 166 ARG A NH1 1 
ATOM 495  N NH2 . ARG A 1 74  ? -13.582 -4.519  0.399   1.00 193.71 ? 166 ARG A NH2 1 
ATOM 496  N N   . TYR A 1 75  ? -9.309  2.698   -2.150  1.00 192.81 ? 167 TYR A N   1 
ATOM 497  C CA  . TYR A 1 75  ? -8.361  3.746   -2.490  1.00 192.89 ? 167 TYR A CA  1 
ATOM 498  C C   . TYR A 1 75  ? -7.591  4.218   -1.255  1.00 193.34 ? 167 TYR A C   1 
ATOM 499  O O   . TYR A 1 75  ? -8.119  4.186   -0.142  1.00 189.20 ? 167 TYR A O   1 
ATOM 500  C CB  . TYR A 1 75  ? -9.086  4.903   -3.183  1.00 199.29 ? 167 TYR A CB  1 
ATOM 501  C CG  . TYR A 1 75  ? -9.737  4.513   -4.499  1.00 204.04 ? 167 TYR A CG  1 
ATOM 502  C CD1 . TYR A 1 75  ? -8.989  4.436   -5.669  1.00 207.38 ? 167 TYR A CD1 1 
ATOM 503  C CD2 . TYR A 1 75  ? -11.095 4.222   -4.572  1.00 203.47 ? 167 TYR A CD2 1 
ATOM 504  C CE1 . TYR A 1 75  ? -9.575  4.082   -6.876  1.00 204.44 ? 167 TYR A CE1 1 
ATOM 505  C CE2 . TYR A 1 75  ? -11.690 3.866   -5.777  1.00 203.76 ? 167 TYR A CE2 1 
ATOM 506  C CZ  . TYR A 1 75  ? -10.925 3.798   -6.924  1.00 201.91 ? 167 TYR A CZ  1 
ATOM 507  O OH  . TYR A 1 75  ? -11.507 3.445   -8.122  1.00 193.64 ? 167 TYR A OH  1 
ATOM 508  N N   . PRO A 1 76  ? -6.329  4.639   -1.451  1.00 193.04 ? 168 PRO A N   1 
ATOM 509  C CA  . PRO A 1 76  ? -5.415  5.085   -0.389  1.00 190.19 ? 168 PRO A CA  1 
ATOM 510  C C   . PRO A 1 76  ? -5.839  6.397   0.274   1.00 187.32 ? 168 PRO A C   1 
ATOM 511  O O   . PRO A 1 76  ? -6.249  7.330   -0.415  1.00 186.24 ? 168 PRO A O   1 
ATOM 512  C CB  . PRO A 1 76  ? -4.088  5.296   -1.130  1.00 188.88 ? 168 PRO A CB  1 
ATOM 513  C CG  . PRO A 1 76  ? -4.222  4.537   -2.410  1.00 191.32 ? 168 PRO A CG  1 
ATOM 514  C CD  . PRO A 1 76  ? -5.669  4.620   -2.766  1.00 190.23 ? 168 PRO A CD  1 
ATOM 515  N N   . LYS A 1 77  ? -5.726  6.463   1.599   1.00 186.77 ? 169 LYS A N   1 
ATOM 516  C CA  . LYS A 1 77  ? -5.997  7.696   2.333   1.00 185.62 ? 169 LYS A CA  1 
ATOM 517  C C   . LYS A 1 77  ? -4.730  8.537   2.475   1.00 191.49 ? 169 LYS A C   1 
ATOM 518  O O   . LYS A 1 77  ? -4.620  9.364   3.380   1.00 191.42 ? 169 LYS A O   1 
ATOM 519  C CB  . LYS A 1 77  ? -6.583  7.395   3.717   1.00 188.03 ? 169 LYS A CB  1 
ATOM 520  C CG  . LYS A 1 77  ? -8.025  6.913   3.704   1.00 186.93 ? 169 LYS A CG  1 
ATOM 521  C CD  . LYS A 1 77  ? -8.538  6.656   5.118   1.00 185.85 ? 169 LYS A CD  1 
ATOM 522  C CE  . LYS A 1 77  ? -8.533  7.925   5.959   1.00 186.13 ? 169 LYS A CE  1 
ATOM 523  N NZ  . LYS A 1 77  ? -9.081  7.697   7.327   1.00 178.18 ? 169 LYS A NZ  1 
ATOM 524  N N   . THR A 1 78  ? -3.774  8.309   1.580   1.00 194.27 ? 170 THR A N   1 
ATOM 525  C CA  . THR A 1 78  ? -2.551  9.102   1.532   1.00 195.71 ? 170 THR A CA  1 
ATOM 526  C C   . THR A 1 78  ? -2.247  9.484   0.085   1.00 198.12 ? 170 THR A C   1 
ATOM 527  O O   . THR A 1 78  ? -1.596  8.731   -0.641  1.00 194.54 ? 170 THR A O   1 
ATOM 528  C CB  . THR A 1 78  ? -1.350  8.344   2.139   1.00 190.40 ? 170 THR A CB  1 
ATOM 529  O OG1 . THR A 1 78  ? -1.556  8.165   3.546   1.00 184.16 ? 170 THR A OG1 1 
ATOM 530  C CG2 . THR A 1 78  ? -0.058  9.117   1.922   1.00 188.62 ? 170 THR A CG2 1 
ATOM 531  N N   . PHE A 1 79  ? -2.734  10.651  -0.328  1.00 201.66 ? 171 PHE A N   1 
ATOM 532  C CA  . PHE A 1 79  ? -2.547  11.128  -1.697  1.00 205.85 ? 171 PHE A CA  1 
ATOM 533  C C   . PHE A 1 79  ? -1.071  11.085  -2.073  1.00 208.60 ? 171 PHE A C   1 
ATOM 534  O O   . PHE A 1 79  ? -0.197  11.198  -1.213  1.00 206.20 ? 171 PHE A O   1 
ATOM 535  C CB  . PHE A 1 79  ? -3.101  12.549  -1.857  1.00 208.52 ? 171 PHE A CB  1 
ATOM 536  C CG  . PHE A 1 79  ? -3.353  12.956  -3.290  1.00 217.65 ? 171 PHE A CG  1 
ATOM 537  C CD1 . PHE A 1 79  ? -4.271  12.269  -4.072  1.00 214.97 ? 171 PHE A CD1 1 
ATOM 538  C CD2 . PHE A 1 79  ? -2.690  14.039  -3.846  1.00 218.14 ? 171 PHE A CD2 1 
ATOM 539  C CE1 . PHE A 1 79  ? -4.511  12.649  -5.383  1.00 217.19 ? 171 PHE A CE1 1 
ATOM 540  C CE2 . PHE A 1 79  ? -2.927  14.423  -5.158  1.00 214.55 ? 171 PHE A CE2 1 
ATOM 541  C CZ  . PHE A 1 79  ? -3.838  13.726  -5.926  1.00 216.13 ? 171 PHE A CZ  1 
ATOM 542  N N   . GLY A 1 80  ? -0.799  10.918  -3.362  1.00 213.01 ? 172 GLY A N   1 
ATOM 543  C CA  . GLY A 1 80  ? 0.561   10.755  -3.838  1.00 215.52 ? 172 GLY A CA  1 
ATOM 544  C C   . GLY A 1 80  ? 0.875   9.283   -3.999  1.00 214.06 ? 172 GLY A C   1 
ATOM 545  O O   . GLY A 1 80  ? 1.704   8.890   -4.820  1.00 216.66 ? 172 GLY A O   1 
ATOM 546  N N   . TRP A 1 81  ? 0.199   8.464   -3.201  1.00 207.94 ? 173 TRP A N   1 
ATOM 547  C CA  . TRP A 1 81  ? 0.328   7.021   -3.304  1.00 204.04 ? 173 TRP A CA  1 
ATOM 548  C C   . TRP A 1 81  ? -0.360  6.556   -4.580  1.00 205.77 ? 173 TRP A C   1 
ATOM 549  O O   . TRP A 1 81  ? -1.518  6.891   -4.828  1.00 207.67 ? 173 TRP A O   1 
ATOM 550  C CB  . TRP A 1 81  ? -0.293  6.348   -2.082  1.00 204.09 ? 173 TRP A CB  1 
ATOM 551  C CG  . TRP A 1 81  ? 0.191   4.956   -1.864  1.00 205.75 ? 173 TRP A CG  1 
ATOM 552  C CD1 . TRP A 1 81  ? -0.573  3.834   -1.721  1.00 202.60 ? 173 TRP A CD1 1 
ATOM 553  C CD2 . TRP A 1 81  ? 1.555   4.529   -1.774  1.00 203.37 ? 173 TRP A CD2 1 
ATOM 554  N NE1 . TRP A 1 81  ? 0.233   2.735   -1.540  1.00 197.83 ? 173 TRP A NE1 1 
ATOM 555  C CE2 . TRP A 1 81  ? 1.543   3.136   -1.570  1.00 198.07 ? 173 TRP A CE2 1 
ATOM 556  C CE3 . TRP A 1 81  ? 2.784   5.192   -1.843  1.00 203.01 ? 173 TRP A CE3 1 
ATOM 557  C CZ2 . TRP A 1 81  ? 2.712   2.393   -1.434  1.00 198.79 ? 173 TRP A CZ2 1 
ATOM 558  C CZ3 . TRP A 1 81  ? 3.943   4.452   -1.709  1.00 204.66 ? 173 TRP A CZ3 1 
ATOM 559  C CH2 . TRP A 1 81  ? 3.900   3.068   -1.506  1.00 204.38 ? 173 TRP A CH2 1 
ATOM 560  N N   . LEU A 1 82  ? 0.359   5.787   -5.391  1.00 205.36 ? 174 LEU A N   1 
ATOM 561  C CA  . LEU A 1 82  ? -0.135  5.409   -6.710  1.00 211.46 ? 174 LEU A CA  1 
ATOM 562  C C   . LEU A 1 82  ? -0.453  3.922   -6.832  1.00 216.38 ? 174 LEU A C   1 
ATOM 563  O O   . LEU A 1 82  ? -0.243  3.319   -7.884  1.00 218.75 ? 174 LEU A O   1 
ATOM 564  C CB  . LEU A 1 82  ? 0.870   5.828   -7.786  1.00 214.64 ? 174 LEU A CB  1 
ATOM 565  C CG  . LEU A 1 82  ? 1.183   7.325   -7.812  1.00 214.90 ? 174 LEU A CG  1 
ATOM 566  C CD1 . LEU A 1 82  ? 2.171   7.661   -8.919  1.00 214.26 ? 174 LEU A CD1 1 
ATOM 567  C CD2 . LEU A 1 82  ? -0.100  8.122   -7.973  1.00 214.00 ? 174 LEU A CD2 1 
ATOM 568  N N   . TRP A 1 83  ? -0.968  3.337   -5.755  1.00 217.08 ? 175 TRP A N   1 
ATOM 569  C CA  . TRP A 1 83  ? -1.378  1.935   -5.765  1.00 220.28 ? 175 TRP A CA  1 
ATOM 570  C C   . TRP A 1 83  ? -2.771  1.769   -5.165  1.00 221.95 ? 175 TRP A C   1 
ATOM 571  O O   . TRP A 1 83  ? -3.034  2.233   -4.055  1.00 218.05 ? 175 TRP A O   1 
ATOM 572  C CB  . TRP A 1 83  ? -0.372  1.072   -5.002  1.00 217.50 ? 175 TRP A CB  1 
ATOM 573  C CG  . TRP A 1 83  ? 0.999   1.073   -5.605  1.00 219.03 ? 175 TRP A CG  1 
ATOM 574  C CD1 . TRP A 1 83  ? 2.035   1.900   -5.283  1.00 216.58 ? 175 TRP A CD1 1 
ATOM 575  C CD2 . TRP A 1 83  ? 1.483   0.204   -6.639  1.00 223.28 ? 175 TRP A CD2 1 
ATOM 576  N NE1 . TRP A 1 83  ? 3.135   1.600   -6.051  1.00 223.38 ? 175 TRP A NE1 1 
ATOM 577  C CE2 . TRP A 1 83  ? 2.823   0.563   -6.890  1.00 226.76 ? 175 TRP A CE2 1 
ATOM 578  C CE3 . TRP A 1 83  ? 0.915   -0.841  -7.374  1.00 221.35 ? 175 TRP A CE3 1 
ATOM 579  C CZ2 . TRP A 1 83  ? 3.603   -0.087  -7.846  1.00 227.83 ? 175 TRP A CZ2 1 
ATOM 580  C CZ3 . TRP A 1 83  ? 1.691   -1.484  -8.323  1.00 222.79 ? 175 TRP A CZ3 1 
ATOM 581  C CH2 . TRP A 1 83  ? 3.021   -1.104  -8.551  1.00 224.92 ? 175 TRP A CH2 1 
ATOM 582  N N   . LYS A 1 84  ? -3.659  1.105   -5.902  1.00 225.69 ? 176 LYS A N   1 
ATOM 583  C CA  . LYS A 1 84  ? -5.032  0.892   -5.447  1.00 224.34 ? 176 LYS A CA  1 
ATOM 584  C C   . LYS A 1 84  ? -5.384  -0.592  -5.326  1.00 221.75 ? 176 LYS A C   1 
ATOM 585  O O   . LYS A 1 84  ? -4.886  -1.425  -6.085  1.00 220.91 ? 176 LYS A O   1 
ATOM 586  C CB  . LYS A 1 84  ? -6.030  1.609   -6.367  1.00 224.77 ? 176 LYS A CB  1 
ATOM 587  C CG  . LYS A 1 84  ? -5.996  1.159   -7.829  1.00 228.35 ? 176 LYS A CG  1 
ATOM 588  C CD  . LYS A 1 84  ? -7.022  1.910   -8.676  1.00 223.05 ? 176 LYS A CD  1 
ATOM 589  C CE  . LYS A 1 84  ? -6.937  1.505   -10.145 1.00 219.18 ? 176 LYS A CE  1 
ATOM 590  N NZ  . LYS A 1 84  ? -7.928  2.232   -10.992 1.00 205.50 ? 176 LYS A NZ  1 
ATOM 591  N N   . LEU A 1 85  ? -6.245  -0.910  -4.363  1.00 216.76 ? 177 LEU A N   1 
ATOM 592  C CA  . LEU A 1 85  ? -6.697  -2.279  -4.141  1.00 210.88 ? 177 LEU A CA  1 
ATOM 593  C C   . LEU A 1 85  ? -7.942  -2.583  -4.971  1.00 213.87 ? 177 LEU A C   1 
ATOM 594  O O   . LEU A 1 85  ? -8.975  -1.931  -4.816  1.00 209.51 ? 177 LEU A O   1 
ATOM 595  C CB  . LEU A 1 85  ? -6.987  -2.511  -2.657  1.00 202.62 ? 177 LEU A CB  1 
ATOM 596  C CG  . LEU A 1 85  ? -5.802  -2.278  -1.717  1.00 201.23 ? 177 LEU A CG  1 
ATOM 597  C CD1 . LEU A 1 85  ? -6.227  -2.399  -0.261  1.00 198.37 ? 177 LEU A CD1 1 
ATOM 598  C CD2 . LEU A 1 85  ? -4.675  -3.247  -2.034  1.00 205.92 ? 177 LEU A CD2 1 
ATOM 599  N N   . VAL A 1 86  ? -7.839  -3.577  -5.849  1.00 220.75 ? 178 VAL A N   1 
ATOM 600  C CA  . VAL A 1 86  ? -8.935  -3.920  -6.751  1.00 223.03 ? 178 VAL A CA  1 
ATOM 601  C C   . VAL A 1 86  ? -9.340  -5.393  -6.618  1.00 219.56 ? 178 VAL A C   1 
ATOM 602  O O   . VAL A 1 86  ? -8.506  -6.284  -6.776  1.00 215.67 ? 178 VAL A O   1 
ATOM 603  C CB  . VAL A 1 86  ? -8.560  -3.619  -8.222  1.00 224.21 ? 178 VAL A CB  1 
ATOM 604  C CG1 . VAL A 1 86  ? -9.800  -3.617  -9.099  1.00 225.22 ? 178 VAL A CG1 1 
ATOM 605  C CG2 . VAL A 1 86  ? -7.830  -2.284  -8.333  1.00 216.71 ? 178 VAL A CG2 1 
ATOM 606  N N   . PRO A 1 87  ? -10.627 -5.649  -6.322  1.00 220.16 ? 179 PRO A N   1 
ATOM 607  C CA  . PRO A 1 87  ? -11.157 -7.017  -6.212  1.00 217.16 ? 179 PRO A CA  1 
ATOM 608  C C   . PRO A 1 87  ? -11.047 -7.814  -7.514  1.00 218.39 ? 179 PRO A C   1 
ATOM 609  O O   . PRO A 1 87  ? -10.889 -7.225  -8.582  1.00 221.59 ? 179 PRO A O   1 
ATOM 610  C CB  . PRO A 1 87  ? -12.631 -6.794  -5.854  1.00 209.06 ? 179 PRO A CB  1 
ATOM 611  C CG  . PRO A 1 87  ? -12.670 -5.448  -5.222  1.00 207.02 ? 179 PRO A CG  1 
ATOM 612  C CD  . PRO A 1 87  ? -11.631 -4.639  -5.944  1.00 215.95 ? 179 PRO A CD  1 
ATOM 613  N N   . VAL A 1 88  ? -11.129 -9.138  -7.420  1.00 212.33 ? 180 VAL A N   1 
ATOM 614  C CA  . VAL A 1 88  ? -11.067 -9.987  -8.607  1.00 212.59 ? 180 VAL A CA  1 
ATOM 615  C C   . VAL A 1 88  ? -12.378 -10.742 -8.826  1.00 206.52 ? 180 VAL A C   1 
ATOM 616  O O   . VAL A 1 88  ? -12.381 -11.930 -9.158  1.00 199.78 ? 180 VAL A O   1 
ATOM 617  C CB  . VAL A 1 88  ? -9.889  -10.985 -8.543  1.00 211.81 ? 180 VAL A CB  1 
ATOM 618  C CG1 . VAL A 1 88  ? -8.561  -10.242 -8.525  1.00 203.43 ? 180 VAL A CG1 1 
ATOM 619  C CG2 . VAL A 1 88  ? -10.019 -11.889 -7.329  1.00 205.68 ? 180 VAL A CG2 1 
ATOM 620  N N   . THR A 1 108 ? -11.638 -19.260 4.472   1.00 235.39 ? 200 THR A N   1 
ATOM 621  C CA  . THR A 1 108 ? -10.961 -17.968 4.500   1.00 240.77 ? 200 THR A CA  1 
ATOM 622  C C   . THR A 1 108 ? -9.900  -17.923 5.595   1.00 246.47 ? 200 THR A C   1 
ATOM 623  O O   . THR A 1 108 ? -9.562  -18.947 6.190   1.00 245.79 ? 200 THR A O   1 
ATOM 624  C CB  . THR A 1 108 ? -11.955 -16.810 4.721   1.00 231.17 ? 200 THR A CB  1 
ATOM 625  O OG1 . THR A 1 108 ? -12.627 -16.987 5.974   1.00 236.33 ? 200 THR A OG1 1 
ATOM 626  C CG2 . THR A 1 108 ? -12.984 -16.763 3.601   1.00 221.25 ? 200 THR A CG2 1 
ATOM 627  N N   . SER A 1 109 ? -9.381  -16.726 5.855   1.00 242.16 ? 201 SER A N   1 
ATOM 628  C CA  . SER A 1 109 ? -8.373  -16.526 6.891   1.00 248.87 ? 201 SER A CA  1 
ATOM 629  C C   . SER A 1 109 ? -8.801  -15.395 7.829   1.00 244.48 ? 201 SER A C   1 
ATOM 630  O O   . SER A 1 109 ? -9.860  -14.797 7.638   1.00 234.29 ? 201 SER A O   1 
ATOM 631  C CB  . SER A 1 109 ? -7.014  -16.216 6.254   1.00 244.86 ? 201 SER A CB  1 
ATOM 632  O OG  . SER A 1 109 ? -5.951  -16.450 7.162   1.00 244.57 ? 201 SER A OG  1 
ATOM 633  N N   . GLN A 1 110 ? -7.988  -15.108 8.844   1.00 251.08 ? 202 GLN A N   1 
ATOM 634  C CA  . GLN A 1 110 ? -8.284  -14.013 9.772   1.00 246.02 ? 202 GLN A CA  1 
ATOM 635  C C   . GLN A 1 110 ? -7.595  -12.711 9.373   1.00 244.05 ? 202 GLN A C   1 
ATOM 636  O O   . GLN A 1 110 ? -7.733  -11.688 10.046  1.00 238.60 ? 202 GLN A O   1 
ATOM 637  C CB  . GLN A 1 110 ? -7.932  -14.391 11.215  1.00 244.25 ? 202 GLN A CB  1 
ATOM 638  C CG  . GLN A 1 110 ? -9.103  -14.954 12.010  1.00 234.56 ? 202 GLN A CG  1 
ATOM 639  C CD  . GLN A 1 110 ? -10.168 -13.910 12.305  1.00 225.46 ? 202 GLN A CD  1 
ATOM 640  O OE1 . GLN A 1 110 ? -11.318 -14.044 11.884  1.00 215.66 ? 202 GLN A OE1 1 
ATOM 641  N NE2 . GLN A 1 110 ? -9.787  -12.863 13.028  1.00 225.79 ? 202 GLN A NE2 1 
ATOM 642  N N   . TRP A 1 111 ? -6.842  -12.767 8.278   1.00 249.68 ? 203 TRP A N   1 
ATOM 643  C CA  . TRP A 1 111 ? -6.328  -11.566 7.633   1.00 247.09 ? 203 TRP A CA  1 
ATOM 644  C C   . TRP A 1 111 ? -7.166  -11.325 6.378   1.00 244.05 ? 203 TRP A C   1 
ATOM 645  O O   . TRP A 1 111 ? -6.802  -10.531 5.510   1.00 238.66 ? 203 TRP A O   1 
ATOM 646  C CB  . TRP A 1 111 ? -4.848  -11.727 7.265   1.00 239.88 ? 203 TRP A CB  1 
ATOM 647  C CG  . TRP A 1 111 ? -3.943  -12.072 8.423   1.00 246.85 ? 203 TRP A CG  1 
ATOM 648  C CD1 . TRP A 1 111 ? -3.510  -13.318 8.782   1.00 250.56 ? 203 TRP A CD1 1 
ATOM 649  C CD2 . TRP A 1 111 ? -3.352  -11.159 9.361   1.00 243.89 ? 203 TRP A CD2 1 
ATOM 650  N NE1 . TRP A 1 111 ? -2.693  -13.237 9.884   1.00 250.11 ? 203 TRP A NE1 1 
ATOM 651  C CE2 . TRP A 1 111 ? -2.580  -11.924 10.260  1.00 249.10 ? 203 TRP A CE2 1 
ATOM 652  C CE3 . TRP A 1 111 ? -3.405  -9.771  9.529   1.00 232.98 ? 203 TRP A CE3 1 
ATOM 653  C CZ2 . TRP A 1 111 ? -1.867  -11.346 11.310  1.00 244.17 ? 203 TRP A CZ2 1 
ATOM 654  C CZ3 . TRP A 1 111 ? -2.695  -9.201  10.571  1.00 229.02 ? 203 TRP A CZ3 1 
ATOM 655  C CH2 . TRP A 1 111 ? -1.937  -9.987  11.448  1.00 234.54 ? 203 TRP A CH2 1 
ATOM 656  N N   . ASP A 1 112 ? -8.295  -12.029 6.304   1.00 239.12 ? 204 ASP A N   1 
ATOM 657  C CA  . ASP A 1 112 ? -9.201  -11.971 5.160   1.00 227.66 ? 204 ASP A CA  1 
ATOM 658  C C   . ASP A 1 112 ? -9.801  -10.568 5.028   1.00 221.45 ? 204 ASP A C   1 
ATOM 659  O O   . ASP A 1 112 ? -9.369  -9.635  5.706   1.00 224.96 ? 204 ASP A O   1 
ATOM 660  C CB  . ASP A 1 112 ? -10.306 -13.020 5.326   1.00 215.29 ? 204 ASP A CB  1 
ATOM 661  C CG  . ASP A 1 112 ? -10.788 -13.589 4.008   1.00 208.02 ? 204 ASP A CG  1 
ATOM 662  O OD1 . ASP A 1 112 ? -9.943  -14.059 3.219   1.00 212.05 ? 204 ASP A OD1 1 
ATOM 663  O OD2 . ASP A 1 112 ? -12.015 -13.588 3.775   1.00 194.45 ? 204 ASP A OD2 1 
ATOM 664  N N   . ASP A 1 113 ? -10.800 -10.423 4.164   1.00 213.33 ? 205 ASP A N   1 
ATOM 665  C CA  . ASP A 1 113 ? -11.365 -9.106  3.871   1.00 201.64 ? 205 ASP A CA  1 
ATOM 666  C C   . ASP A 1 113 ? -12.719 -8.870  4.536   1.00 195.79 ? 205 ASP A C   1 
ATOM 667  O O   . ASP A 1 113 ? -13.641 -9.667  4.375   1.00 196.22 ? 205 ASP A O   1 
ATOM 668  C CB  . ASP A 1 113 ? -11.486 -8.910  2.360   1.00 194.49 ? 205 ASP A CB  1 
ATOM 669  C CG  . ASP A 1 113 ? -12.160 -7.606  1.994   1.00 194.04 ? 205 ASP A CG  1 
ATOM 670  O OD1 . ASP A 1 113 ? -11.824 -6.564  2.597   1.00 197.02 ? 205 ASP A OD1 1 
ATOM 671  O OD2 . ASP A 1 113 ? -13.025 -7.620  1.094   1.00 193.45 ? 205 ASP A OD2 1 
ATOM 672  N N   . PRO A 1 114 ? -12.835 -7.764  5.286   1.00 188.83 ? 206 PRO A N   1 
ATOM 673  C CA  . PRO A 1 114 ? -14.066 -7.341  5.962   1.00 185.23 ? 206 PRO A CA  1 
ATOM 674  C C   . PRO A 1 114 ? -15.266 -7.262  5.024   1.00 179.34 ? 206 PRO A C   1 
ATOM 675  O O   . PRO A 1 114 ? -16.400 -7.297  5.494   1.00 175.46 ? 206 PRO A O   1 
ATOM 676  C CB  . PRO A 1 114 ? -13.720 -5.942  6.462   1.00 186.36 ? 206 PRO A CB  1 
ATOM 677  C CG  . PRO A 1 114 ? -12.256 -5.973  6.668   1.00 194.04 ? 206 PRO A CG  1 
ATOM 678  C CD  . PRO A 1 114 ? -11.706 -6.868  5.593   1.00 192.97 ? 206 PRO A CD  1 
ATOM 679  N N   . TRP A 1 115 ? -15.019 -7.133  3.724   1.00 183.00 ? 207 TRP A N   1 
ATOM 680  C CA  . TRP A 1 115 ? -16.102 -7.111  2.746   1.00 185.70 ? 207 TRP A CA  1 
ATOM 681  C C   . TRP A 1 115 ? -16.154 -8.428  1.973   1.00 182.71 ? 207 TRP A C   1 
ATOM 682  O O   . TRP A 1 115 ? -16.815 -8.528  0.940   1.00 181.25 ? 207 TRP A O   1 
ATOM 683  C CB  . TRP A 1 115 ? -15.950 -5.939  1.768   1.00 192.86 ? 207 TRP A CB  1 
ATOM 684  C CG  . TRP A 1 115 ? -16.232 -4.573  2.351   1.00 193.07 ? 207 TRP A CG  1 
ATOM 685  C CD1 . TRP A 1 115 ? -15.335 -3.559  2.532   1.00 194.83 ? 207 TRP A CD1 1 
ATOM 686  C CD2 . TRP A 1 115 ? -17.497 -4.070  2.806   1.00 188.89 ? 207 TRP A CD2 1 
ATOM 687  N NE1 . TRP A 1 115 ? -15.959 -2.462  3.076   1.00 193.74 ? 207 TRP A NE1 1 
ATOM 688  C CE2 . TRP A 1 115 ? -17.286 -2.749  3.254   1.00 190.79 ? 207 TRP A CE2 1 
ATOM 689  C CE3 . TRP A 1 115 ? -18.785 -4.608  2.881   1.00 186.66 ? 207 TRP A CE3 1 
ATOM 690  C CZ2 . TRP A 1 115 ? -18.313 -1.963  3.771   1.00 188.66 ? 207 TRP A CZ2 1 
ATOM 691  C CZ3 . TRP A 1 115 ? -19.803 -3.824  3.395   1.00 182.96 ? 207 TRP A CZ3 1 
ATOM 692  C CH2 . TRP A 1 115 ? -19.561 -2.516  3.831   1.00 183.60 ? 207 TRP A CH2 1 
ATOM 693  N N   . GLY A 1 116 ? -15.444 -9.431  2.478   1.00 183.91 ? 208 GLY A N   1 
ATOM 694  C CA  . GLY A 1 116 ? -15.442 -10.752 1.876   1.00 187.86 ? 208 GLY A CA  1 
ATOM 695  C C   . GLY A 1 116 ? -14.972 -10.756 0.435   1.00 186.64 ? 208 GLY A C   1 
ATOM 696  O O   . GLY A 1 116 ? -15.148 -11.740 -0.282  1.00 195.10 ? 208 GLY A O   1 
ATOM 697  N N   . GLU A 1 117 ? -14.376 -9.652  0.006   1.00 179.55 ? 209 GLU A N   1 
ATOM 698  C CA  . GLU A 1 117 ? -13.863 -9.549  -1.351  1.00 182.37 ? 209 GLU A CA  1 
ATOM 699  C C   . GLU A 1 117 ? -12.377 -9.865  -1.389  1.00 184.89 ? 209 GLU A C   1 
ATOM 700  O O   . GLU A 1 117 ? -11.698 -9.828  -0.366  1.00 182.19 ? 209 GLU A O   1 
ATOM 701  C CB  . GLU A 1 117 ? -14.100 -8.145  -1.903  1.00 191.67 ? 209 GLU A CB  1 
ATOM 702  C CG  . GLU A 1 117 ? -15.561 -7.788  -2.100  1.00 193.15 ? 209 GLU A CG  1 
ATOM 703  C CD  . GLU A 1 117 ? -15.746 -6.353  -2.552  1.00 199.83 ? 209 GLU A CD  1 
ATOM 704  O OE1 . GLU A 1 117 ? -15.073 -5.463  -1.989  1.00 200.45 ? 209 GLU A OE1 1 
ATOM 705  O OE2 . GLU A 1 117 ? -16.562 -6.111  -3.466  1.00 201.21 ? 209 GLU A OE2 1 
ATOM 706  N N   . VAL A 1 118 ? -11.880 -10.182 -2.578  1.00 189.37 ? 210 VAL A N   1 
ATOM 707  C CA  . VAL A 1 118 ? -10.451 -10.359 -2.779  1.00 198.51 ? 210 VAL A CA  1 
ATOM 708  C C   . VAL A 1 118 ? -9.866  -9.026  -3.204  1.00 200.86 ? 210 VAL A C   1 
ATOM 709  O O   . VAL A 1 118 ? -10.548 -8.224  -3.833  1.00 200.75 ? 210 VAL A O   1 
ATOM 710  C CB  . VAL A 1 118 ? -10.161 -11.403 -3.863  1.00 203.84 ? 210 VAL A CB  1 
ATOM 711  C CG1 . VAL A 1 118 ? -8.679  -11.411 -4.215  1.00 207.36 ? 210 VAL A CG1 1 
ATOM 712  C CG2 . VAL A 1 118 ? -10.615 -12.775 -3.400  1.00 211.02 ? 210 VAL A CG2 1 
ATOM 713  N N   . LEU A 1 119 ? -8.610  -8.782  -2.852  1.00 200.89 ? 211 LEU A N   1 
ATOM 714  C CA  . LEU A 1 119 ? -7.965  -7.526  -3.203  1.00 205.25 ? 211 LEU A CA  1 
ATOM 715  C C   . LEU A 1 119 ? -6.523  -7.739  -3.653  1.00 208.15 ? 211 LEU A C   1 
ATOM 716  O O   . LEU A 1 119 ? -5.784  -8.528  -3.064  1.00 205.21 ? 211 LEU A O   1 
ATOM 717  C CB  . LEU A 1 119 ? -8.022  -6.548  -2.028  1.00 207.13 ? 211 LEU A CB  1 
ATOM 718  C CG  . LEU A 1 119 ? -9.418  -6.168  -1.523  1.00 201.34 ? 211 LEU A CG  1 
ATOM 719  C CD1 . LEU A 1 119 ? -9.326  -5.313  -0.270  1.00 199.79 ? 211 LEU A CD1 1 
ATOM 720  C CD2 . LEU A 1 119 ? -10.216 -5.452  -2.605  1.00 203.62 ? 211 LEU A CD2 1 
ATOM 721  N N   . ALA A 1 120 ? -6.134  -7.027  -4.707  1.00 212.27 ? 212 ALA A N   1 
ATOM 722  C CA  . ALA A 1 120 ? -4.779  -7.106  -5.236  1.00 215.34 ? 212 ALA A CA  1 
ATOM 723  C C   . ALA A 1 120 ? -4.288  -5.723  -5.654  1.00 219.05 ? 212 ALA A C   1 
ATOM 724  O O   . ALA A 1 120 ? -5.066  -4.892  -6.124  1.00 218.17 ? 212 ALA A O   1 
ATOM 725  C CB  . ALA A 1 120 ? -4.723  -8.072  -6.409  1.00 214.78 ? 212 ALA A CB  1 
ATOM 726  N N   . TRP A 1 121 ? -2.992  -5.483  -5.480  1.00 220.34 ? 213 TRP A N   1 
ATOM 727  C CA  . TRP A 1 121 ? -2.406  -4.182  -5.784  1.00 221.60 ? 213 TRP A CA  1 
ATOM 728  C C   . TRP A 1 121 ? -2.339  -3.909  -7.285  1.00 224.14 ? 213 TRP A C   1 
ATOM 729  O O   . TRP A 1 121 ? -2.221  -4.832  -8.092  1.00 222.98 ? 213 TRP A O   1 
ATOM 730  C CB  . TRP A 1 121 ? -1.014  -4.055  -5.156  1.00 222.17 ? 213 TRP A CB  1 
ATOM 731  C CG  . TRP A 1 121 ? -1.024  -3.669  -3.697  1.00 222.56 ? 213 TRP A CG  1 
ATOM 732  C CD1 . TRP A 1 121 ? -1.276  -2.431  -3.178  1.00 221.54 ? 213 TRP A CD1 1 
ATOM 733  C CD2 . TRP A 1 121 ? -0.756  -4.525  -2.577  1.00 221.64 ? 213 TRP A CD2 1 
ATOM 734  N NE1 . TRP A 1 121 ? -1.188  -2.466  -1.806  1.00 215.59 ? 213 TRP A NE1 1 
ATOM 735  C CE2 . TRP A 1 121 ? -0.869  -3.738  -1.412  1.00 216.56 ? 213 TRP A CE2 1 
ATOM 736  C CE3 . TRP A 1 121 ? -0.434  -5.880  -2.446  1.00 222.01 ? 213 TRP A CE3 1 
ATOM 737  C CZ2 . TRP A 1 121 ? -0.672  -4.262  -0.135  1.00 210.48 ? 213 TRP A CZ2 1 
ATOM 738  C CZ3 . TRP A 1 121 ? -0.239  -6.398  -1.175  1.00 218.09 ? 213 TRP A CZ3 1 
ATOM 739  C CH2 . TRP A 1 121 ? -0.358  -5.590  -0.037  1.00 211.05 ? 213 TRP A CH2 1 
ATOM 740  N N   . LYS A 1 122 ? -2.419  -2.632  -7.648  1.00 224.47 ? 214 LYS A N   1 
ATOM 741  C CA  . LYS A 1 122 ? -2.382  -2.214  -9.044  1.00 223.57 ? 214 LYS A CA  1 
ATOM 742  C C   . LYS A 1 122 ? -2.011  -0.738  -9.141  1.00 220.24 ? 214 LYS A C   1 
ATOM 743  O O   . LYS A 1 122 ? -2.507  0.086   -8.376  1.00 218.30 ? 214 LYS A O   1 
ATOM 744  C CB  . LYS A 1 122 ? -3.734  -2.467  -9.714  1.00 225.01 ? 214 LYS A CB  1 
ATOM 745  C CG  . LYS A 1 122 ? -3.764  -2.152  -11.200 1.00 220.85 ? 214 LYS A CG  1 
ATOM 746  C CD  . LYS A 1 122 ? -5.079  -2.589  -11.819 1.00 219.31 ? 214 LYS A CD  1 
ATOM 747  C CE  . LYS A 1 122 ? -5.081  -2.376  -13.322 1.00 212.66 ? 214 LYS A CE  1 
ATOM 748  N NZ  . LYS A 1 122 ? -6.323  -2.910  -13.947 1.00 204.35 ? 214 LYS A NZ  1 
ATOM 749  N N   . PHE A 1 123 ? -1.134  -0.410  -10.083 1.00 222.52 ? 215 PHE A N   1 
ATOM 750  C CA  . PHE A 1 123 ? -0.639  0.955   -10.218 1.00 224.47 ? 215 PHE A CA  1 
ATOM 751  C C   . PHE A 1 123 ? -1.651  1.849   -10.924 1.00 224.31 ? 215 PHE A C   1 
ATOM 752  O O   . PHE A 1 123 ? -2.391  1.397   -11.799 1.00 225.43 ? 215 PHE A O   1 
ATOM 753  C CB  . PHE A 1 123 ? 0.693   0.965   -10.969 1.00 224.77 ? 215 PHE A CB  1 
ATOM 754  C CG  . PHE A 1 123 ? 1.426   2.276   -10.896 1.00 230.05 ? 215 PHE A CG  1 
ATOM 755  C CD1 . PHE A 1 123 ? 2.235   2.573   -9.811  1.00 231.66 ? 215 PHE A CD1 1 
ATOM 756  C CD2 . PHE A 1 123 ? 1.315   3.207   -11.916 1.00 231.00 ? 215 PHE A CD2 1 
ATOM 757  C CE1 . PHE A 1 123 ? 2.915   3.777   -9.742  1.00 229.24 ? 215 PHE A CE1 1 
ATOM 758  C CE2 . PHE A 1 123 ? 1.992   4.412   -11.852 1.00 229.45 ? 215 PHE A CE2 1 
ATOM 759  C CZ  . PHE A 1 123 ? 2.794   4.696   -10.764 1.00 228.81 ? 215 PHE A CZ  1 
ATOM 760  N N   . ASP A 1 124 ? -1.678  3.120   -10.535 1.00 220.10 ? 216 ASP A N   1 
ATOM 761  C CA  . ASP A 1 124 ? -2.579  4.089   -11.145 1.00 217.61 ? 216 ASP A CA  1 
ATOM 762  C C   . ASP A 1 124 ? -2.095  5.509   -10.880 1.00 214.45 ? 216 ASP A C   1 
ATOM 763  O O   . ASP A 1 124 ? -2.182  6.004   -9.757  1.00 213.41 ? 216 ASP A O   1 
ATOM 764  C CB  . ASP A 1 124 ? -4.004  3.907   -10.620 1.00 219.79 ? 216 ASP A CB  1 
ATOM 765  C CG  . ASP A 1 124 ? -5.017  4.723   -11.396 1.00 219.33 ? 216 ASP A CG  1 
ATOM 766  O OD1 . ASP A 1 124 ? -4.605  5.477   -12.303 1.00 217.19 ? 216 ASP A OD1 1 
ATOM 767  O OD2 . ASP A 1 124 ? -6.225  4.610   -11.100 1.00 217.11 ? 216 ASP A OD2 1 
ATOM 768  N N   . PRO A 1 125 ? -1.571  6.165   -11.924 1.00 216.48 ? 217 PRO A N   1 
ATOM 769  C CA  . PRO A 1 125 ? -1.019  7.522   -11.852 1.00 221.52 ? 217 PRO A CA  1 
ATOM 770  C C   . PRO A 1 125 ? -2.098  8.583   -11.648 1.00 219.25 ? 217 PRO A C   1 
ATOM 771  O O   . PRO A 1 125 ? -1.788  9.699   -11.228 1.00 213.66 ? 217 PRO A O   1 
ATOM 772  C CB  . PRO A 1 125 ? -0.353  7.704   -13.222 1.00 227.60 ? 217 PRO A CB  1 
ATOM 773  C CG  . PRO A 1 125 ? -0.211  6.314   -13.784 1.00 223.75 ? 217 PRO A CG  1 
ATOM 774  C CD  . PRO A 1 125 ? -1.385  5.565   -13.254 1.00 216.75 ? 217 PRO A CD  1 
ATOM 775  N N   . THR A 1 126 ? -3.345  8.238   -11.951 1.00 219.92 ? 218 THR A N   1 
ATOM 776  C CA  . THR A 1 126 ? -4.457  9.166   -11.782 1.00 218.42 ? 218 THR A CA  1 
ATOM 777  C C   . THR A 1 126 ? -4.560  9.598   -10.328 1.00 216.43 ? 218 THR A C   1 
ATOM 778  O O   . THR A 1 126 ? -5.018  10.699  -10.028 1.00 214.30 ? 218 THR A O   1 
ATOM 779  C CB  . THR A 1 126 ? -5.796  8.528   -12.192 1.00 219.68 ? 218 THR A CB  1 
ATOM 780  O OG1 . THR A 1 126 ? -5.669  7.924   -13.485 1.00 225.00 ? 218 THR A OG1 1 
ATOM 781  C CG2 . THR A 1 126 ? -6.898  9.577   -12.231 1.00 214.96 ? 218 THR A CG2 1 
ATOM 782  N N   . LEU A 1 127 ? -4.125  8.718   -9.432  1.00 219.23 ? 219 LEU A N   1 
ATOM 783  C CA  . LEU A 1 127 ? -4.204  8.969   -8.000  1.00 218.82 ? 219 LEU A CA  1 
ATOM 784  C C   . LEU A 1 127 ? -3.182  10.012  -7.568  1.00 219.43 ? 219 LEU A C   1 
ATOM 785  O O   . LEU A 1 127 ? -3.121  10.385  -6.398  1.00 218.06 ? 219 LEU A O   1 
ATOM 786  C CB  . LEU A 1 127 ? -3.975  7.671   -7.227  1.00 220.57 ? 219 LEU A CB  1 
ATOM 787  C CG  . LEU A 1 127 ? -4.560  6.409   -7.863  1.00 220.71 ? 219 LEU A CG  1 
ATOM 788  C CD1 . LEU A 1 127 ? -4.232  5.184   -7.023  1.00 220.51 ? 219 LEU A CD1 1 
ATOM 789  C CD2 . LEU A 1 127 ? -6.061  6.543   -8.065  1.00 215.38 ? 219 LEU A CD2 1 
ATOM 790  N N   . ALA A 1 128 ? -2.369  10.466  -8.518  1.00 220.13 ? 220 ALA A N   1 
ATOM 791  C CA  . ALA A 1 128 ? -1.403  11.524  -8.254  1.00 217.78 ? 220 ALA A CA  1 
ATOM 792  C C   . ALA A 1 128 ? -2.021  12.873  -8.588  1.00 218.97 ? 220 ALA A C   1 
ATOM 793  O O   . ALA A 1 128 ? -1.517  13.922  -8.185  1.00 216.40 ? 220 ALA A O   1 
ATOM 794  C CB  . ALA A 1 128 ? -0.137  11.303  -9.064  1.00 214.21 ? 220 ALA A CB  1 
ATOM 795  N N   . TYR A 1 129 ? -3.124  12.832  -9.328  1.00 220.26 ? 221 TYR A N   1 
ATOM 796  C CA  . TYR A 1 129 ? -3.802  14.043  -9.772  1.00 217.50 ? 221 TYR A CA  1 
ATOM 797  C C   . TYR A 1 129 ? -5.307  13.892  -9.626  1.00 214.87 ? 221 TYR A C   1 
ATOM 798  O O   . TYR A 1 129 ? -6.078  14.575  -10.297 1.00 211.37 ? 221 TYR A O   1 
ATOM 799  C CB  . TYR A 1 129 ? -3.440  14.340  -11.223 1.00 221.74 ? 221 TYR A CB  1 
ATOM 800  C CG  . TYR A 1 129 ? -1.958  14.236  -11.491 1.00 234.90 ? 221 TYR A CG  1 
ATOM 801  C CD1 . TYR A 1 129 ? -1.082  15.214  -11.037 1.00 232.58 ? 221 TYR A CD1 1 
ATOM 802  C CD2 . TYR A 1 129 ? -1.432  13.155  -12.187 1.00 234.07 ? 221 TYR A CD2 1 
ATOM 803  C CE1 . TYR A 1 129 ? 0.276   15.126  -11.276 1.00 232.82 ? 221 TYR A CE1 1 
ATOM 804  C CE2 . TYR A 1 129 ? -0.074  13.056  -12.430 1.00 245.13 ? 221 TYR A CE2 1 
ATOM 805  C CZ  . TYR A 1 129 ? 0.776   14.046  -11.971 1.00 244.94 ? 221 TYR A CZ  1 
ATOM 806  O OH  . TYR A 1 129 ? 2.129   13.958  -12.208 1.00 246.40 ? 221 TYR A OH  1 
ATOM 807  N N   . THR A 1 130 ? -5.711  12.982  -8.747  1.00 216.12 ? 222 THR A N   1 
ATOM 808  C CA  . THR A 1 130 ? -7.118  12.734  -8.469  1.00 210.45 ? 222 THR A CA  1 
ATOM 809  C C   . THR A 1 130 ? -7.251  12.032  -7.125  1.00 202.14 ? 222 THR A C   1 
ATOM 810  O O   . THR A 1 130 ? -7.007  10.829  -7.016  1.00 196.31 ? 222 THR A O   1 
ATOM 811  C CB  . THR A 1 130 ? -7.774  11.863  -9.557  1.00 209.74 ? 222 THR A CB  1 
ATOM 812  O OG1 . THR A 1 130 ? -7.501  12.413  -10.853 1.00 213.55 ? 222 THR A OG1 1 
ATOM 813  C CG2 . THR A 1 130 ? -9.277  11.790  -9.344  1.00 206.91 ? 222 THR A CG2 1 
ATOM 814  N N   . TYR A 1 131 ? -7.628  12.792  -6.103  1.00 201.49 ? 223 TYR A N   1 
ATOM 815  C CA  . TYR A 1 131 ? -7.800  12.246  -4.766  1.00 197.09 ? 223 TYR A CA  1 
ATOM 816  C C   . TYR A 1 131 ? -9.064  11.404  -4.707  1.00 194.85 ? 223 TYR A C   1 
ATOM 817  O O   . TYR A 1 131 ? -10.024 11.756  -4.023  1.00 193.12 ? 223 TYR A O   1 
ATOM 818  C CB  . TYR A 1 131 ? -7.869  13.373  -3.738  1.00 202.09 ? 223 TYR A CB  1 
ATOM 819  C CG  . TYR A 1 131 ? -7.624  12.929  -2.314  1.00 198.75 ? 223 TYR A CG  1 
ATOM 820  C CD1 . TYR A 1 131 ? -6.528  12.140  -1.992  1.00 197.28 ? 223 TYR A CD1 1 
ATOM 821  C CD2 . TYR A 1 131 ? -8.474  13.316  -1.288  1.00 198.15 ? 223 TYR A CD2 1 
ATOM 822  C CE1 . TYR A 1 131 ? -6.292  11.738  -0.693  1.00 201.17 ? 223 TYR A CE1 1 
ATOM 823  C CE2 . TYR A 1 131 ? -8.248  12.918  0.017   1.00 202.30 ? 223 TYR A CE2 1 
ATOM 824  C CZ  . TYR A 1 131 ? -7.156  12.130  0.309   1.00 206.08 ? 223 TYR A CZ  1 
ATOM 825  O OH  . TYR A 1 131 ? -6.924  11.731  1.607   1.00 209.32 ? 223 TYR A OH  1 
ATOM 826  N N   . GLU A 1 132 ? -9.049  10.290  -5.432  1.00 191.45 ? 224 GLU A N   1 
ATOM 827  C CA  . GLU A 1 132 ? -10.200 9.401   -5.529  1.00 185.72 ? 224 GLU A CA  1 
ATOM 828  C C   . GLU A 1 132 ? -10.862 9.194   -4.174  1.00 187.09 ? 224 GLU A C   1 
ATOM 829  O O   . GLU A 1 132 ? -12.076 9.022   -4.087  1.00 189.82 ? 224 GLU A O   1 
ATOM 830  C CB  . GLU A 1 132 ? -9.779  8.053   -6.112  1.00 184.87 ? 224 GLU A CB  1 
ATOM 831  C CG  . GLU A 1 132 ? -8.923  8.160   -7.363  1.00 188.43 ? 224 GLU A CG  1 
ATOM 832  C CD  . GLU A 1 132 ? -9.710  8.609   -8.577  1.00 192.13 ? 224 GLU A CD  1 
ATOM 833  O OE1 . GLU A 1 132 ? -10.873 9.033   -8.415  1.00 192.00 ? 224 GLU A OE1 1 
ATOM 834  O OE2 . GLU A 1 132 ? -9.163  8.539   -9.698  1.00 190.74 ? 224 GLU A OE2 1 
ATOM 835  N N   . ALA A 1 133 ? -10.051 9.213   -3.121  1.00 186.58 ? 225 ALA A N   1 
ATOM 836  C CA  . ALA A 1 133 ? -10.550 9.054   -1.761  1.00 190.59 ? 225 ALA A CA  1 
ATOM 837  C C   . ALA A 1 133 ? -11.647 10.066  -1.447  1.00 195.30 ? 225 ALA A C   1 
ATOM 838  O O   . ALA A 1 133 ? -12.826 9.717   -1.398  1.00 193.74 ? 225 ALA A O   1 
ATOM 839  C CB  . ALA A 1 133 ? -9.412  9.178   -0.763  1.00 190.71 ? 225 ALA A CB  1 
ATOM 840  N N   . TYR A 1 134 ? -11.258 11.319  -1.236  1.00 198.76 ? 226 TYR A N   1 
ATOM 841  C CA  . TYR A 1 134 ? -12.218 12.360  -0.893  1.00 199.02 ? 226 TYR A CA  1 
ATOM 842  C C   . TYR A 1 134 ? -13.177 12.627  -2.048  1.00 199.27 ? 226 TYR A C   1 
ATOM 843  O O   . TYR A 1 134 ? -14.184 13.312  -1.885  1.00 196.69 ? 226 TYR A O   1 
ATOM 844  C CB  . TYR A 1 134 ? -11.507 13.649  -0.485  1.00 195.81 ? 226 TYR A CB  1 
ATOM 845  C CG  . TYR A 1 134 ? -12.375 14.592  0.312   1.00 202.20 ? 226 TYR A CG  1 
ATOM 846  C CD1 . TYR A 1 134 ? -12.424 14.520  1.699   1.00 202.53 ? 226 TYR A CD1 1 
ATOM 847  C CD2 . TYR A 1 134 ? -13.151 15.556  -0.320  1.00 204.59 ? 226 TYR A CD2 1 
ATOM 848  C CE1 . TYR A 1 134 ? -13.220 15.381  2.435   1.00 204.56 ? 226 TYR A CE1 1 
ATOM 849  C CE2 . TYR A 1 134 ? -13.950 16.419  0.405   1.00 205.45 ? 226 TYR A CE2 1 
ATOM 850  C CZ  . TYR A 1 134 ? -13.980 16.329  1.781   1.00 205.56 ? 226 TYR A CZ  1 
ATOM 851  O OH  . TYR A 1 134 ? -14.775 17.192  2.503   1.00 200.38 ? 226 TYR A OH  1 
ATOM 852  N N   . VAL A 1 135 ? -12.855 12.087  -3.219  1.00 199.70 ? 227 VAL A N   1 
ATOM 853  C CA  . VAL A 1 135 ? -13.755 12.161  -4.363  1.00 200.53 ? 227 VAL A CA  1 
ATOM 854  C C   . VAL A 1 135 ? -15.020 11.361  -4.084  1.00 197.61 ? 227 VAL A C   1 
ATOM 855  O O   . VAL A 1 135 ? -16.131 11.889  -4.133  1.00 196.83 ? 227 VAL A O   1 
ATOM 856  C CB  . VAL A 1 135 ? -13.105 11.584  -5.636  1.00 197.72 ? 227 VAL A CB  1 
ATOM 857  C CG1 . VAL A 1 135 ? -14.143 11.425  -6.738  1.00 195.05 ? 227 VAL A CG1 1 
ATOM 858  C CG2 . VAL A 1 135 ? -11.959 12.459  -6.102  1.00 199.70 ? 227 VAL A CG2 1 
ATOM 859  N N   . ARG A 1 136 ? -14.834 10.080  -3.786  1.00 194.33 ? 228 ARG A N   1 
ATOM 860  C CA  . ARG A 1 136 ? -15.941 9.141   -3.661  1.00 194.80 ? 228 ARG A CA  1 
ATOM 861  C C   . ARG A 1 136 ? -16.334 8.892   -2.209  1.00 196.00 ? 228 ARG A C   1 
ATOM 862  O O   . ARG A 1 136 ? -17.511 8.720   -1.900  1.00 197.43 ? 228 ARG A O   1 
ATOM 863  C CB  . ARG A 1 136 ? -15.576 7.822   -4.344  1.00 190.62 ? 228 ARG A CB  1 
ATOM 864  C CG  . ARG A 1 136 ? -15.120 8.003   -5.780  1.00 190.91 ? 228 ARG A CG  1 
ATOM 865  C CD  . ARG A 1 136 ? -13.935 7.112   -6.100  1.00 195.24 ? 228 ARG A CD  1 
ATOM 866  N NE  . ARG A 1 136 ? -13.274 7.515   -7.338  1.00 195.02 ? 228 ARG A NE  1 
ATOM 867  C CZ  . ARG A 1 136 ? -13.463 6.923   -8.512  1.00 199.13 ? 228 ARG A CZ  1 
ATOM 868  N NH1 . ARG A 1 136 ? -14.295 5.896   -8.610  1.00 201.19 ? 228 ARG A NH1 1 
ATOM 869  N NH2 . ARG A 1 136 ? -12.818 7.356   -9.587  1.00 199.35 ? 228 ARG A NH2 1 
ATOM 870  N N   . TYR A 1 137 ? -15.346 8.876   -1.320  1.00 195.63 ? 229 TYR A N   1 
ATOM 871  C CA  . TYR A 1 137 ? -15.605 8.654   0.099   1.00 199.88 ? 229 TYR A CA  1 
ATOM 872  C C   . TYR A 1 137 ? -15.078 9.799   0.959   1.00 198.28 ? 229 TYR A C   1 
ATOM 873  O O   . TYR A 1 137 ? -14.169 9.607   1.767   1.00 197.94 ? 229 TYR A O   1 
ATOM 874  C CB  . TYR A 1 137 ? -14.986 7.332   0.561   1.00 202.59 ? 229 TYR A CB  1 
ATOM 875  C CG  . TYR A 1 137 ? -15.289 6.150   -0.334  1.00 203.37 ? 229 TYR A CG  1 
ATOM 876  C CD1 . TYR A 1 137 ? -16.439 5.391   -0.153  1.00 203.52 ? 229 TYR A CD1 1 
ATOM 877  C CD2 . TYR A 1 137 ? -14.417 5.785   -1.351  1.00 200.55 ? 229 TYR A CD2 1 
ATOM 878  C CE1 . TYR A 1 137 ? -16.716 4.305   -0.967  1.00 205.27 ? 229 TYR A CE1 1 
ATOM 879  C CE2 . TYR A 1 137 ? -14.684 4.703   -2.169  1.00 200.92 ? 229 TYR A CE2 1 
ATOM 880  C CZ  . TYR A 1 137 ? -15.833 3.966   -1.974  1.00 204.87 ? 229 TYR A CZ  1 
ATOM 881  O OH  . TYR A 1 137 ? -16.102 2.887   -2.786  1.00 204.32 ? 229 TYR A OH  1 
ATOM 882  N N   . PRO A 1 138 ? -15.654 11.000  0.791   1.00 197.72 ? 230 PRO A N   1 
ATOM 883  C CA  . PRO A 1 138 ? -15.216 12.164  1.565   1.00 198.63 ? 230 PRO A CA  1 
ATOM 884  C C   . PRO A 1 138 ? -15.587 12.029  3.039   1.00 198.94 ? 230 PRO A C   1 
ATOM 885  O O   . PRO A 1 138 ? -15.012 12.705  3.894   1.00 198.59 ? 230 PRO A O   1 
ATOM 886  C CB  . PRO A 1 138 ? -16.002 13.325  0.936   1.00 198.43 ? 230 PRO A CB  1 
ATOM 887  C CG  . PRO A 1 138 ? -16.538 12.799  -0.364  1.00 195.05 ? 230 PRO A CG  1 
ATOM 888  C CD  . PRO A 1 138 ? -16.737 11.338  -0.148  1.00 198.23 ? 230 PRO A CD  1 
ATOM 889  N N   . GLU A 1 139 ? -16.543 11.150  3.324   1.00 199.19 ? 231 GLU A N   1 
ATOM 890  C CA  . GLU A 1 139 ? -17.081 11.003  4.672   1.00 203.94 ? 231 GLU A CA  1 
ATOM 891  C C   . GLU A 1 139 ? -16.107 10.326  5.636   1.00 204.06 ? 231 GLU A C   1 
ATOM 892  O O   . GLU A 1 139 ? -16.333 10.307  6.846   1.00 205.55 ? 231 GLU A O   1 
ATOM 893  C CB  . GLU A 1 139 ? -18.411 10.238  4.637   1.00 207.61 ? 231 GLU A CB  1 
ATOM 894  C CG  . GLU A 1 139 ? -18.313 8.807   4.117   1.00 211.42 ? 231 GLU A CG  1 
ATOM 895  C CD  . GLU A 1 139 ? -18.258 8.725   2.602   1.00 207.40 ? 231 GLU A CD  1 
ATOM 896  O OE1 . GLU A 1 139 ? -18.505 9.752   1.934   1.00 200.35 ? 231 GLU A OE1 1 
ATOM 897  O OE2 . GLU A 1 139 ? -17.971 7.627   2.078   1.00 208.76 ? 231 GLU A OE2 1 
ATOM 898  N N   . GLU A 1 140 ? -15.021 9.779   5.099   1.00 201.47 ? 232 GLU A N   1 
ATOM 899  C CA  . GLU A 1 140 ? -14.052 9.061   5.920   1.00 205.42 ? 232 GLU A CA  1 
ATOM 900  C C   . GLU A 1 140 ? -12.849 9.934   6.285   1.00 203.80 ? 232 GLU A C   1 
ATOM 901  O O   . GLU A 1 140 ? -11.705 9.484   6.220   1.00 203.73 ? 232 GLU A O   1 
ATOM 902  C CB  . GLU A 1 140 ? -13.597 7.775   5.214   1.00 209.20 ? 232 GLU A CB  1 
ATOM 903  C CG  . GLU A 1 140 ? -14.747 6.876   4.754   1.00 207.68 ? 232 GLU A CG  1 
ATOM 904  C CD  . GLU A 1 140 ? -14.280 5.561   4.142   1.00 199.59 ? 232 GLU A CD  1 
ATOM 905  O OE1 . GLU A 1 140 ? -13.173 5.095   4.484   1.00 195.70 ? 232 GLU A OE1 1 
ATOM 906  O OE2 . GLU A 1 140 ? -15.032 4.990   3.323   1.00 191.47 ? 232 GLU A OE2 1 
ATOM 907  N N   . PHE A 1 141 ? -13.116 11.178  6.677   1.00 204.59 ? 233 PHE A N   1 
ATOM 908  C CA  . PHE A 1 141 ? -12.056 12.125  7.026   1.00 207.08 ? 233 PHE A CA  1 
ATOM 909  C C   . PHE A 1 141 ? -12.427 12.976  8.239   1.00 209.02 ? 233 PHE A C   1 
ATOM 910  O O   . PHE A 1 141 ? -13.316 13.826  8.169   1.00 206.78 ? 233 PHE A O   1 
ATOM 911  C CB  . PHE A 1 141 ? -11.721 13.025  5.834   1.00 204.80 ? 233 PHE A CB  1 
ATOM 912  C CG  . PHE A 1 141 ? -11.194 12.279  4.640   1.00 202.16 ? 233 PHE A CG  1 
ATOM 913  C CD1 . PHE A 1 141 ? -12.035 11.931  3.596   1.00 200.21 ? 233 PHE A CD1 1 
ATOM 914  C CD2 . PHE A 1 141 ? -9.859  11.922  4.566   1.00 200.44 ? 233 PHE A CD2 1 
ATOM 915  C CE1 . PHE A 1 141 ? -11.552 11.243  2.497   1.00 198.14 ? 233 PHE A CE1 1 
ATOM 916  C CE2 . PHE A 1 141 ? -9.371  11.234  3.472   1.00 199.85 ? 233 PHE A CE2 1 
ATOM 917  C CZ  . PHE A 1 141 ? -10.218 10.894  2.435   1.00 196.87 ? 233 PHE A CZ  1 
ATOM 918  N N   . GLY A 1 142 ? -11.735 12.743  9.350   1.00 209.84 ? 234 GLY A N   1 
ATOM 919  C CA  . GLY A 1 142 ? -12.000 13.463  10.582  1.00 210.59 ? 234 GLY A CA  1 
ATOM 920  C C   . GLY A 1 142 ? -12.769 12.620  11.582  1.00 220.00 ? 234 GLY A C   1 
ATOM 921  O O   . GLY A 1 142 ? -12.689 12.836  12.792  1.00 221.53 ? 234 GLY A O   1 
ATOM 922  N N   . ALA B 2 15  ? 18.877  -14.034 10.577  1.00 229.41 ? 63  ALA B N   1 
ATOM 923  C CA  . ALA B 2 15  ? 17.670  -14.299 11.352  1.00 228.99 ? 63  ALA B CA  1 
ATOM 924  C C   . ALA B 2 15  ? 16.770  -13.068 11.421  1.00 232.71 ? 63  ALA B C   1 
ATOM 925  O O   . ALA B 2 15  ? 15.545  -13.177 11.354  1.00 224.65 ? 63  ALA B O   1 
ATOM 926  C CB  . ALA B 2 15  ? 18.032  -14.771 12.746  1.00 220.57 ? 63  ALA B CB  1 
ATOM 927  N N   . TYR B 2 16  ? 17.389  -11.898 11.561  1.00 238.78 ? 64  TYR B N   1 
ATOM 928  C CA  . TYR B 2 16  ? 16.665  -10.630 11.577  1.00 230.66 ? 64  TYR B CA  1 
ATOM 929  C C   . TYR B 2 16  ? 16.594  -10.035 10.179  1.00 235.53 ? 64  TYR B C   1 
ATOM 930  O O   . TYR B 2 16  ? 15.570  -9.487  9.779   1.00 227.86 ? 64  TYR B O   1 
ATOM 931  C CB  . TYR B 2 16  ? 17.346  -9.638  12.519  1.00 224.43 ? 64  TYR B CB  1 
ATOM 932  C CG  . TYR B 2 16  ? 16.738  -8.254  12.504  1.00 212.00 ? 64  TYR B CG  1 
ATOM 933  C CD1 . TYR B 2 16  ? 15.391  -8.065  12.768  1.00 204.75 ? 64  TYR B CD1 1 
ATOM 934  C CD2 . TYR B 2 16  ? 17.515  -7.135  12.241  1.00 211.74 ? 64  TYR B CD2 1 
ATOM 935  C CE1 . TYR B 2 16  ? 14.833  -6.804  12.770  1.00 198.43 ? 64  TYR B CE1 1 
ATOM 936  C CE2 . TYR B 2 16  ? 16.964  -5.869  12.238  1.00 207.33 ? 64  TYR B CE2 1 
ATOM 937  C CZ  . TYR B 2 16  ? 15.623  -5.711  12.503  1.00 199.12 ? 64  TYR B CZ  1 
ATOM 938  O OH  . TYR B 2 16  ? 15.066  -4.457  12.501  1.00 190.08 ? 64  TYR B OH  1 
ATOM 939  N N   . GLN B 2 17  ? 17.698  -10.145 9.446   1.00 243.38 ? 65  GLN B N   1 
ATOM 940  C CA  . GLN B 2 17  ? 17.792  -9.635  8.082   1.00 237.83 ? 65  GLN B CA  1 
ATOM 941  C C   . GLN B 2 17  ? 17.260  -10.658 7.075   1.00 238.94 ? 65  GLN B C   1 
ATOM 942  O O   . GLN B 2 17  ? 16.964  -10.317 5.929   1.00 235.03 ? 65  GLN B O   1 
ATOM 943  C CB  . GLN B 2 17  ? 19.244  -9.262  7.762   1.00 230.01 ? 65  GLN B CB  1 
ATOM 944  C CG  . GLN B 2 17  ? 19.459  -8.603  6.409   1.00 228.45 ? 65  GLN B CG  1 
ATOM 945  C CD  . GLN B 2 17  ? 20.924  -8.319  6.134   1.00 232.83 ? 65  GLN B CD  1 
ATOM 946  O OE1 . GLN B 2 17  ? 21.771  -8.458  7.018   1.00 229.43 ? 65  GLN B OE1 1 
ATOM 947  N NE2 . GLN B 2 17  ? 21.231  -7.919  4.906   1.00 239.96 ? 65  GLN B NE2 1 
ATOM 948  N N   . GLN B 2 18  ? 17.137  -11.911 7.513   1.00 244.37 ? 66  GLN B N   1 
ATOM 949  C CA  . GLN B 2 18  ? 16.583  -12.983 6.682   1.00 244.27 ? 66  GLN B CA  1 
ATOM 950  C C   . GLN B 2 18  ? 15.066  -13.078 6.834   1.00 239.37 ? 66  GLN B C   1 
ATOM 951  O O   . GLN B 2 18  ? 14.329  -13.061 5.845   1.00 234.50 ? 66  GLN B O   1 
ATOM 952  C CB  . GLN B 2 18  ? 17.225  -14.332 7.032   1.00 247.67 ? 66  GLN B CB  1 
ATOM 953  C CG  . GLN B 2 18  ? 16.637  -15.521 6.269   1.00 242.90 ? 66  GLN B CG  1 
ATOM 954  C CD  . GLN B 2 18  ? 17.008  -16.861 6.885   1.00 236.70 ? 66  GLN B CD  1 
ATOM 955  O OE1 . GLN B 2 18  ? 17.679  -16.922 7.915   1.00 237.31 ? 66  GLN B OE1 1 
ATOM 956  N NE2 . GLN B 2 18  ? 16.568  -17.944 6.253   1.00 226.74 ? 66  GLN B NE2 1 
ATOM 957  N N   . GLY B 2 19  ? 14.603  -13.185 8.077   1.00 236.39 ? 67  GLY B N   1 
ATOM 958  C CA  . GLY B 2 19  ? 13.180  -13.218 8.363   1.00 222.24 ? 67  GLY B CA  1 
ATOM 959  C C   . GLY B 2 19  ? 12.495  -11.973 7.833   1.00 215.61 ? 67  GLY B C   1 
ATOM 960  O O   . GLY B 2 19  ? 11.283  -11.961 7.613   1.00 209.64 ? 67  GLY B O   1 
ATOM 961  N N   . GLN B 2 20  ? 13.284  -10.920 7.640   1.00 218.35 ? 68  GLN B N   1 
ATOM 962  C CA  . GLN B 2 20  ? 12.812  -9.705  6.990   1.00 214.75 ? 68  GLN B CA  1 
ATOM 963  C C   . GLN B 2 20  ? 12.761  -9.902  5.474   1.00 218.15 ? 68  GLN B C   1 
ATOM 964  O O   . GLN B 2 20  ? 11.773  -9.556  4.829   1.00 216.98 ? 68  GLN B O   1 
ATOM 965  C CB  . GLN B 2 20  ? 13.722  -8.518  7.329   1.00 215.21 ? 68  GLN B CB  1 
ATOM 966  C CG  . GLN B 2 20  ? 13.476  -7.877  8.693   1.00 209.00 ? 68  GLN B CG  1 
ATOM 967  C CD  . GLN B 2 20  ? 14.423  -6.718  8.978   1.00 205.73 ? 68  GLN B CD  1 
ATOM 968  O OE1 . GLN B 2 20  ? 15.436  -6.545  8.297   1.00 206.56 ? 68  GLN B OE1 1 
ATOM 969  N NE2 . GLN B 2 20  ? 14.093  -5.918  9.986   1.00 197.38 ? 68  GLN B NE2 1 
ATOM 970  N N   . ASN B 2 21  ? 13.829  -10.465 4.915   1.00 220.67 ? 69  ASN B N   1 
ATOM 971  C CA  . ASN B 2 21  ? 13.948  -10.619 3.467   1.00 224.17 ? 69  ASN B CA  1 
ATOM 972  C C   . ASN B 2 21  ? 12.914  -11.575 2.874   1.00 222.34 ? 69  ASN B C   1 
ATOM 973  O O   . ASN B 2 21  ? 12.273  -11.263 1.871   1.00 224.05 ? 69  ASN B O   1 
ATOM 974  C CB  . ASN B 2 21  ? 15.360  -11.078 3.089   1.00 230.24 ? 69  ASN B CB  1 
ATOM 975  C CG  . ASN B 2 21  ? 15.724  -10.726 1.658   1.00 234.78 ? 69  ASN B CG  1 
ATOM 976  O OD1 . ASN B 2 21  ? 15.622  -9.570  1.246   1.00 234.42 ? 69  ASN B OD1 1 
ATOM 977  N ND2 . ASN B 2 21  ? 16.153  -11.723 0.894   1.00 236.40 ? 69  ASN B ND2 1 
ATOM 978  N N   . GLN B 2 22  ? 12.759  -12.740 3.496   1.00 220.13 ? 70  GLN B N   1 
ATOM 979  C CA  . GLN B 2 22  ? 11.811  -13.745 3.019   1.00 217.51 ? 70  GLN B CA  1 
ATOM 980  C C   . GLN B 2 22  ? 10.391  -13.196 2.930   1.00 215.05 ? 70  GLN B C   1 
ATOM 981  O O   . GLN B 2 22  ? 9.588   -13.649 2.112   1.00 211.35 ? 70  GLN B O   1 
ATOM 982  C CB  . GLN B 2 22  ? 11.850  -14.982 3.914   1.00 219.41 ? 70  GLN B CB  1 
ATOM 983  C CG  . GLN B 2 22  ? 13.164  -15.717 3.852   1.00 222.05 ? 70  GLN B CG  1 
ATOM 984  C CD  . GLN B 2 22  ? 13.200  -16.927 4.762   1.00 227.48 ? 70  GLN B CD  1 
ATOM 985  O OE1 . GLN B 2 22  ? 12.339  -17.095 5.628   1.00 226.37 ? 70  GLN B OE1 1 
ATOM 986  N NE2 . GLN B 2 22  ? 14.192  -17.788 4.562   1.00 228.74 ? 70  GLN B NE2 1 
ATOM 987  N N   . LEU B 2 23  ? 10.091  -12.215 3.774   1.00 213.40 ? 71  LEU B N   1 
ATOM 988  C CA  . LEU B 2 23  ? 8.792   -11.552 3.745   1.00 207.79 ? 71  LEU B CA  1 
ATOM 989  C C   . LEU B 2 23  ? 8.715   -10.604 2.551   1.00 207.20 ? 71  LEU B C   1 
ATOM 990  O O   . LEU B 2 23  ? 7.701   -10.556 1.853   1.00 199.90 ? 71  LEU B O   1 
ATOM 991  C CB  . LEU B 2 23  ? 8.541   -10.791 5.050   1.00 204.32 ? 71  LEU B CB  1 
ATOM 992  C CG  . LEU B 2 23  ? 8.251   -11.630 6.296   1.00 199.31 ? 71  LEU B CG  1 
ATOM 993  C CD1 . LEU B 2 23  ? 8.271   -10.769 7.547   1.00 184.98 ? 71  LEU B CD1 1 
ATOM 994  C CD2 . LEU B 2 23  ? 6.922   -12.353 6.157   1.00 199.68 ? 71  LEU B CD2 1 
ATOM 995  N N   . TYR B 2 24  ? 9.790   -9.852  2.325   1.00 213.71 ? 72  TYR B N   1 
ATOM 996  C CA  . TYR B 2 24  ? 9.879   -8.962  1.171   1.00 215.19 ? 72  TYR B CA  1 
ATOM 997  C C   . TYR B 2 24  ? 9.561   -9.746  -0.095  1.00 214.06 ? 72  TYR B C   1 
ATOM 998  O O   . TYR B 2 24  ? 8.899   -9.247  -1.004  1.00 211.55 ? 72  TYR B O   1 
ATOM 999  C CB  . TYR B 2 24  ? 11.284  -8.362  1.045   1.00 217.18 ? 72  TYR B CB  1 
ATOM 1000 C CG  . TYR B 2 24  ? 11.701  -7.409  2.149   1.00 219.75 ? 72  TYR B CG  1 
ATOM 1001 C CD1 . TYR B 2 24  ? 10.820  -6.458  2.652   1.00 218.00 ? 72  TYR B CD1 1 
ATOM 1002 C CD2 . TYR B 2 24  ? 12.994  -7.434  2.660   1.00 223.05 ? 72  TYR B CD2 1 
ATOM 1003 C CE1 . TYR B 2 24  ? 11.209  -5.578  3.652   1.00 213.19 ? 72  TYR B CE1 1 
ATOM 1004 C CE2 . TYR B 2 24  ? 13.392  -6.556  3.658   1.00 221.91 ? 72  TYR B CE2 1 
ATOM 1005 C CZ  . TYR B 2 24  ? 12.496  -5.631  4.149   1.00 214.46 ? 72  TYR B CZ  1 
ATOM 1006 O OH  . TYR B 2 24  ? 12.889  -4.758  5.138   1.00 205.33 ? 72  TYR B OH  1 
ATOM 1007 N N   . ASN B 2 25  ? 10.046  -10.983 -0.136  1.00 217.00 ? 73  ASN B N   1 
ATOM 1008 C CA  . ASN B 2 25  ? 9.863   -11.865 -1.281  1.00 219.68 ? 73  ASN B CA  1 
ATOM 1009 C C   . ASN B 2 25  ? 8.406   -11.983 -1.719  1.00 213.96 ? 73  ASN B C   1 
ATOM 1010 O O   . ASN B 2 25  ? 8.107   -11.990 -2.915  1.00 214.40 ? 73  ASN B O   1 
ATOM 1011 C CB  . ASN B 2 25  ? 10.429  -13.252 -0.968  1.00 224.76 ? 73  ASN B CB  1 
ATOM 1012 C CG  . ASN B 2 25  ? 11.896  -13.212 -0.583  1.00 226.67 ? 73  ASN B CG  1 
ATOM 1013 O OD1 . ASN B 2 25  ? 12.568  -12.195 -0.761  1.00 227.56 ? 73  ASN B OD1 1 
ATOM 1014 N ND2 . ASN B 2 25  ? 12.400  -14.322 -0.053  1.00 220.89 ? 73  ASN B ND2 1 
ATOM 1015 N N   . GLU B 2 26  ? 7.504   -12.077 -0.748  1.00 208.10 ? 74  GLU B N   1 
ATOM 1016 C CA  . GLU B 2 26  ? 6.081   -12.221 -1.036  1.00 206.63 ? 74  GLU B CA  1 
ATOM 1017 C C   . GLU B 2 26  ? 5.564   -11.072 -1.896  1.00 205.98 ? 74  GLU B C   1 
ATOM 1018 O O   . GLU B 2 26  ? 4.456   -11.133 -2.429  1.00 205.15 ? 74  GLU B O   1 
ATOM 1019 C CB  . GLU B 2 26  ? 5.276   -12.290 0.263   1.00 204.66 ? 74  GLU B CB  1 
ATOM 1020 C CG  . GLU B 2 26  ? 5.725   -13.371 1.225   1.00 205.59 ? 74  GLU B CG  1 
ATOM 1021 C CD  . GLU B 2 26  ? 4.761   -13.552 2.381   1.00 208.66 ? 74  GLU B CD  1 
ATOM 1022 O OE1 . GLU B 2 26  ? 5.200   -14.026 3.450   1.00 209.87 ? 74  GLU B OE1 1 
ATOM 1023 O OE2 . GLU B 2 26  ? 3.566   -13.220 2.222   1.00 207.45 ? 74  GLU B OE2 1 
ATOM 1024 N N   . LEU B 2 27  ? 6.374   -10.028 -2.029  1.00 205.68 ? 75  LEU B N   1 
ATOM 1025 C CA  . LEU B 2 27  ? 5.950   -8.819  -2.720  1.00 207.01 ? 75  LEU B CA  1 
ATOM 1026 C C   . LEU B 2 27  ? 6.853   -8.491  -3.909  1.00 210.51 ? 75  LEU B C   1 
ATOM 1027 O O   . LEU B 2 27  ? 6.749   -7.414  -4.497  1.00 212.10 ? 75  LEU B O   1 
ATOM 1028 C CB  . LEU B 2 27  ? 5.917   -7.643  -1.742  1.00 208.46 ? 75  LEU B CB  1 
ATOM 1029 C CG  . LEU B 2 27  ? 5.441   -7.975  -0.325  1.00 211.14 ? 75  LEU B CG  1 
ATOM 1030 C CD1 . LEU B 2 27  ? 5.479   -6.738  0.562   1.00 204.35 ? 75  LEU B CD1 1 
ATOM 1031 C CD2 . LEU B 2 27  ? 4.047   -8.588  -0.337  1.00 212.87 ? 75  LEU B CD2 1 
ATOM 1032 N N   . ASN B 2 28  ? 7.733   -9.426  -4.257  1.00 211.05 ? 76  ASN B N   1 
ATOM 1033 C CA  . ASN B 2 28  ? 8.647   -9.258  -5.386  1.00 212.30 ? 76  ASN B CA  1 
ATOM 1034 C C   . ASN B 2 28  ? 9.778   -8.263  -5.128  1.00 215.90 ? 76  ASN B C   1 
ATOM 1035 O O   . ASN B 2 28  ? 10.143  -7.487  -6.010  1.00 217.29 ? 76  ASN B O   1 
ATOM 1036 C CB  . ASN B 2 28  ? 7.886   -8.870  -6.658  1.00 211.32 ? 76  ASN B CB  1 
ATOM 1037 C CG  . ASN B 2 28  ? 7.080   -10.018 -7.228  1.00 214.79 ? 76  ASN B CG  1 
ATOM 1038 O OD1 . ASN B 2 28  ? 7.200   -11.159 -6.782  1.00 217.51 ? 76  ASN B OD1 1 
ATOM 1039 N ND2 . ASN B 2 28  ? 6.254   -9.722  -8.226  1.00 212.75 ? 76  ASN B ND2 1 
ATOM 1040 N N   . LEU B 2 29  ? 10.327  -8.292  -3.917  1.00 220.05 ? 77  LEU B N   1 
ATOM 1041 C CA  . LEU B 2 29  ? 11.478  -7.461  -3.570  1.00 227.60 ? 77  LEU B CA  1 
ATOM 1042 C C   . LEU B 2 29  ? 12.442  -8.225  -2.659  1.00 232.28 ? 77  LEU B C   1 
ATOM 1043 O O   . LEU B 2 29  ? 12.012  -8.980  -1.786  1.00 224.52 ? 77  LEU B O   1 
ATOM 1044 C CB  . LEU B 2 29  ? 11.032  -6.149  -2.910  1.00 216.20 ? 77  LEU B CB  1 
ATOM 1045 C CG  . LEU B 2 29  ? 10.300  -5.123  -3.785  1.00 206.95 ? 77  LEU B CG  1 
ATOM 1046 C CD1 . LEU B 2 29  ? 9.942   -3.880  -2.982  1.00 195.56 ? 77  LEU B CD1 1 
ATOM 1047 C CD2 . LEU B 2 29  ? 11.133  -4.748  -5.002  1.00 208.89 ? 77  LEU B CD2 1 
ATOM 1048 N N   . GLY B 2 30  ? 13.741  -8.037  -2.878  1.00 242.72 ? 78  GLY B N   1 
ATOM 1049 C CA  . GLY B 2 30  ? 14.756  -8.727  -2.100  1.00 243.87 ? 78  GLY B CA  1 
ATOM 1050 C C   . GLY B 2 30  ? 15.897  -9.285  -2.937  1.00 245.08 ? 78  GLY B C   1 
ATOM 1051 O O   . GLY B 2 30  ? 16.880  -9.806  -2.407  1.00 239.99 ? 78  GLY B O   1 
# 
